data_9RMS
#
_entry.id   9RMS
#
_cell.length_a   1.00
_cell.length_b   1.00
_cell.length_c   1.00
_cell.angle_alpha   90.00
_cell.angle_beta   90.00
_cell.angle_gamma   90.00
#
_symmetry.space_group_name_H-M   'P 1'
#
loop_
_entity.id
_entity.type
_entity.pdbx_description
1 polymer 'Isoform 2 of Glutamate receptor 4'
2 polymer 'Voltage-dependent calcium channel gamma-2 subunit'
3 non-polymer 6-nitro-2,3-bis(oxidanylidene)-1,4-dihydrobenzo[f]quinoxaline-7-sulfonamide
#
loop_
_entity_poly.entity_id
_entity_poly.type
_entity_poly.pdbx_seq_one_letter_code
_entity_poly.pdbx_strand_id
1 'polypeptide(L)'
;GAFPSSVQIGGLFIRNTDQEYTAFRLAIFLHNTSPNASEAPFNLVPHVDNIETANSFAVTNAFCSQYSRGVFAIFGLYDK
RSVHTLTSFCSALHISLITPSFPTEGESQFVLQLRPSLRGALLSLLDHYEWNCFVFLYDTDRGYSILQAIMEKAGQNGWH
VSAICVENFNDVSYRQLLEELDRRQEKKFVIDCEIERLQNILEQIVSVGKHVKGYHYIIANLGFKDISLERFIHGGANVT
GFQLVDFNTPMVTKLMDRWKKLDQREYPGSETPPKYTSALTYDGVLVMAETFRSLRRQKIDISRRGNAGDCLANPAAPWG
QGIDMERTLKQVRIQGLTGNVQFDHYGRRVNYTMDVFELKSTGPRKVGYWNDMDKLVLIQDMPTLGNDTAAIENRTVVVT
TIMESPYVMYKKNHEMFEGNDKYEGYCVDLASEIAKHIGIKYKIAIVPDGKYGARDADTKIWNGMVGELVYGKAEIAIAP
LTITLVREEVIDFSKPFMSLGISIMIKKPQKSKPGVFSFLDPLAYEIWMCIVFAYIGVSVVLFLVSRFSPYEWHTEEPED
GKEGPSDQPPNEFGIFNSLWFSLGAFMQQGCDISPRSLSGRIVGGVWWFFTLIIISSYTANLAAFLTVERMVSPIESAED
LAKQTEIAYGTLDSGSTKEFFRRSKIAVYEKMWTYMRSAEPSVFTRTTAEGVARVRKSKGKFAFLLESTMNEYIEQRKPC
DTMKVGGNLDSKGYGVATPKGSSLRTPVNLAVLKLSEAGVLDKLKNKWWYDKGECGPKDSGSKDKTSALSLSNVAGVFYI
LVGGLGLAMLVALIEFCYKSRAEAKRMKLTFSEATRNKARLSITGSVGENGRVLTPDCPKAVHTGTAIRQSSGLAVIASD
LP
;
A,B,C,D
2 'polypeptide(L)'
;MGLFDRGVQMLLTIVGAFAAFSLMTIAVGTDYWLYSRGVCKTKSVSENETSKKNEEVMTHSGLWRTCCLEGNFKGLCKQI
DHFPEDADYEADTAEYFLRAVRASSIFPILSVILLFMGGLCIAASEFYKTRHNIILSAGIFFVSAGLSNIIGIIVYISAN
AGDPSKSDSKKNSYSYGWSFYFGALSFIIAEMVGVLAVHMFIDRHKQLRATARATDYLQASAITRIPSYRYRYQRRSRSS
SRSTEPSHSRDASPVGVKGFNTLPSTEISMYTLSRDPLKAATTPTATYNSDRDNSFLQVHNCIQKDSKDSLHANTANRRT
TPV
;
E,F,G,H
#
# COMPACT_ATOMS: atom_id res chain seq x y z
N VAL A 399 -50.59 -20.77 -27.60
CA VAL A 399 -49.48 -20.44 -26.67
C VAL A 399 -48.96 -19.05 -26.97
N THR A 400 -49.45 -18.05 -26.23
CA THR A 400 -48.96 -16.70 -26.40
C THR A 400 -47.48 -16.61 -26.04
N THR A 401 -46.74 -15.87 -26.86
CA THR A 401 -45.29 -15.80 -26.71
C THR A 401 -44.81 -14.47 -27.25
N ILE A 402 -43.59 -14.08 -26.87
CA ILE A 402 -43.01 -12.82 -27.27
C ILE A 402 -41.65 -13.08 -27.91
N MET A 403 -41.31 -12.24 -28.89
CA MET A 403 -40.08 -12.40 -29.68
C MET A 403 -38.95 -11.68 -28.97
N GLU A 404 -38.23 -12.40 -28.13
CA GLU A 404 -37.05 -11.88 -27.46
C GLU A 404 -35.93 -12.91 -27.53
N SER A 405 -34.70 -12.44 -27.70
CA SER A 405 -33.57 -13.35 -27.78
C SER A 405 -32.92 -13.52 -26.41
N PRO A 406 -32.42 -14.72 -26.06
CA PRO A 406 -32.42 -15.95 -26.86
C PRO A 406 -33.68 -16.79 -26.65
N TYR A 407 -34.63 -16.26 -25.86
CA TYR A 407 -35.83 -17.03 -25.54
C TYR A 407 -36.56 -17.45 -26.81
N VAL A 408 -36.81 -16.50 -27.70
CA VAL A 408 -37.56 -16.75 -28.94
C VAL A 408 -36.85 -16.02 -30.07
N MET A 409 -36.58 -16.74 -31.16
CA MET A 409 -35.90 -16.16 -32.31
C MET A 409 -36.35 -16.87 -33.57
N TYR A 410 -36.58 -16.10 -34.63
CA TYR A 410 -36.86 -16.69 -35.93
C TYR A 410 -35.71 -17.58 -36.37
N LYS A 411 -36.05 -18.74 -36.92
CA LYS A 411 -35.04 -19.62 -37.49
C LYS A 411 -34.25 -18.88 -38.57
N LYS A 412 -33.08 -19.43 -38.89
CA LYS A 412 -32.20 -18.80 -39.87
C LYS A 412 -32.95 -18.43 -41.14
N ASN A 413 -33.81 -19.32 -41.63
CA ASN A 413 -34.60 -19.11 -42.84
C ASN A 413 -36.04 -19.51 -42.59
N HIS A 414 -36.61 -18.97 -41.51
CA HIS A 414 -37.98 -19.27 -41.12
C HIS A 414 -38.98 -19.20 -42.26
N GLU A 415 -38.66 -18.44 -43.32
CA GLU A 415 -39.64 -18.17 -44.38
C GLU A 415 -40.23 -19.47 -44.92
N MET A 416 -39.38 -20.41 -45.32
CA MET A 416 -39.91 -21.66 -45.88
C MET A 416 -40.57 -22.51 -44.81
N PHE A 417 -40.03 -22.48 -43.59
CA PHE A 417 -40.64 -23.21 -42.49
C PHE A 417 -42.02 -22.66 -42.17
N GLU A 418 -42.89 -23.53 -41.68
CA GLU A 418 -44.26 -23.15 -41.33
C GLU A 418 -44.67 -23.87 -40.06
N GLY A 419 -45.53 -23.22 -39.28
CA GLY A 419 -45.99 -23.79 -38.03
C GLY A 419 -45.12 -23.38 -36.85
N ASN A 420 -45.08 -24.22 -35.82
CA ASN A 420 -44.22 -23.96 -34.67
C ASN A 420 -42.73 -24.06 -34.99
N ASP A 421 -42.37 -24.62 -36.15
CA ASP A 421 -40.98 -24.73 -36.54
C ASP A 421 -40.38 -23.42 -37.02
N LYS A 422 -41.20 -22.39 -37.24
CA LYS A 422 -40.68 -21.11 -37.71
C LYS A 422 -39.81 -20.42 -36.67
N TYR A 423 -39.97 -20.73 -35.39
CA TYR A 423 -39.27 -20.06 -34.32
C TYR A 423 -38.33 -21.02 -33.60
N GLU A 424 -37.43 -20.45 -32.81
CA GLU A 424 -36.51 -21.24 -32.00
C GLU A 424 -36.04 -20.38 -30.84
N GLY A 425 -35.49 -21.05 -29.83
CA GLY A 425 -34.93 -20.38 -28.67
C GLY A 425 -35.16 -21.20 -27.42
N TYR A 426 -34.81 -20.60 -26.28
CA TYR A 426 -34.93 -21.31 -25.01
C TYR A 426 -36.36 -21.70 -24.72
N CYS A 427 -37.29 -20.75 -24.84
CA CYS A 427 -38.69 -21.02 -24.52
C CYS A 427 -39.37 -21.88 -25.57
N VAL A 428 -38.84 -21.92 -26.79
CA VAL A 428 -39.37 -22.83 -27.80
C VAL A 428 -39.10 -24.27 -27.41
N ASP A 429 -37.86 -24.56 -27.01
CA ASP A 429 -37.53 -25.90 -26.52
C ASP A 429 -38.30 -26.23 -25.26
N LEU A 430 -38.44 -25.26 -24.36
CA LEU A 430 -39.16 -25.49 -23.11
C LEU A 430 -40.60 -25.91 -23.39
N ALA A 431 -41.25 -25.27 -24.36
CA ALA A 431 -42.62 -25.63 -24.70
C ALA A 431 -42.70 -27.07 -25.19
N SER A 432 -41.74 -27.50 -26.00
CA SER A 432 -41.71 -28.89 -26.45
C SER A 432 -41.51 -29.83 -25.28
N GLU A 433 -40.65 -29.48 -24.33
CA GLU A 433 -40.44 -30.32 -23.16
C GLU A 433 -41.68 -30.33 -22.26
N ILE A 434 -42.24 -29.15 -21.99
CA ILE A 434 -43.43 -29.09 -21.14
C ILE A 434 -44.58 -29.83 -21.79
N ALA A 435 -44.77 -29.63 -23.10
CA ALA A 435 -45.93 -30.22 -23.77
C ALA A 435 -45.90 -31.74 -23.69
N LYS A 436 -44.75 -32.35 -24.00
CA LYS A 436 -44.66 -33.80 -23.99
C LYS A 436 -44.89 -34.37 -22.59
N HIS A 437 -44.56 -33.61 -21.55
CA HIS A 437 -44.73 -34.11 -20.20
C HIS A 437 -46.21 -34.16 -19.80
N ILE A 438 -47.04 -33.30 -20.39
CA ILE A 438 -48.47 -33.29 -20.12
C ILE A 438 -49.28 -33.81 -21.31
N GLY A 439 -48.61 -34.30 -22.35
CA GLY A 439 -49.31 -34.92 -23.47
C GLY A 439 -50.26 -33.97 -24.17
N ILE A 440 -49.80 -32.77 -24.47
CA ILE A 440 -50.64 -31.75 -25.09
C ILE A 440 -50.00 -31.33 -26.42
N LYS A 441 -50.84 -30.82 -27.32
CA LYS A 441 -50.39 -30.26 -28.59
C LYS A 441 -50.67 -28.76 -28.58
N TYR A 442 -49.68 -27.97 -29.00
CA TYR A 442 -49.72 -26.52 -28.88
C TYR A 442 -49.47 -25.88 -30.23
N LYS A 443 -49.67 -24.56 -30.28
CA LYS A 443 -49.45 -23.78 -31.49
C LYS A 443 -48.86 -22.44 -31.08
N ILE A 444 -47.57 -22.25 -31.33
CA ILE A 444 -46.91 -21.01 -30.95
C ILE A 444 -47.54 -19.85 -31.68
N ALA A 445 -47.79 -18.76 -30.95
CA ALA A 445 -48.41 -17.56 -31.52
C ALA A 445 -47.79 -16.34 -30.85
N ILE A 446 -47.03 -15.56 -31.62
CA ILE A 446 -46.41 -14.37 -31.07
C ILE A 446 -47.47 -13.39 -30.61
N VAL A 447 -47.19 -12.68 -29.53
CA VAL A 447 -48.12 -11.67 -29.03
C VAL A 447 -48.16 -10.50 -30.00
N PRO A 448 -49.33 -10.09 -30.48
CA PRO A 448 -49.36 -8.96 -31.44
C PRO A 448 -48.82 -7.67 -30.87
N ASP A 449 -49.03 -7.40 -29.58
CA ASP A 449 -48.68 -6.11 -29.03
C ASP A 449 -47.18 -5.97 -28.81
N GLY A 450 -46.51 -7.04 -28.40
CA GLY A 450 -45.09 -6.99 -28.10
C GLY A 450 -44.77 -6.61 -26.68
N LYS A 451 -45.77 -6.38 -25.84
CA LYS A 451 -45.57 -6.02 -24.44
C LYS A 451 -45.62 -7.26 -23.56
N TYR A 452 -44.72 -7.29 -22.57
CA TYR A 452 -44.66 -8.45 -21.67
C TYR A 452 -45.96 -8.53 -20.87
N GLY A 453 -46.43 -7.39 -20.39
CA GLY A 453 -47.63 -7.27 -19.58
C GLY A 453 -47.61 -5.98 -18.81
N ALA A 454 -48.79 -5.45 -18.49
CA ALA A 454 -48.91 -4.18 -17.75
C ALA A 454 -50.36 -3.75 -17.73
N ARG A 455 -50.74 -3.00 -16.70
CA ARG A 455 -52.09 -2.46 -16.60
C ARG A 455 -52.04 -0.98 -16.95
N ASP A 456 -52.71 -0.60 -18.04
CA ASP A 456 -52.84 0.80 -18.43
C ASP A 456 -53.03 1.70 -17.22
N ALA A 457 -53.93 1.31 -16.32
CA ALA A 457 -54.30 2.00 -15.09
C ALA A 457 -55.35 3.06 -15.34
N ASP A 458 -55.72 3.33 -16.59
CA ASP A 458 -56.78 4.28 -16.92
C ASP A 458 -58.08 3.54 -17.24
N THR A 459 -58.05 2.71 -18.29
CA THR A 459 -59.17 1.84 -18.63
C THR A 459 -59.03 0.45 -18.02
N LYS A 460 -57.96 0.20 -17.27
CA LYS A 460 -57.71 -1.08 -16.61
C LYS A 460 -57.96 -2.25 -17.56
N ILE A 461 -57.32 -2.19 -18.72
CA ILE A 461 -57.36 -3.26 -19.71
C ILE A 461 -55.93 -3.78 -19.85
N TRP A 462 -55.71 -5.03 -19.42
CA TRP A 462 -54.40 -5.63 -19.52
C TRP A 462 -53.99 -5.76 -20.99
N ASN A 463 -52.78 -5.31 -21.30
CA ASN A 463 -52.25 -5.34 -22.65
C ASN A 463 -50.99 -6.19 -22.68
N GLY A 464 -50.92 -7.12 -23.63
CA GLY A 464 -49.78 -8.00 -23.77
C GLY A 464 -50.17 -9.45 -23.51
N MET A 465 -49.18 -10.24 -23.06
CA MET A 465 -49.43 -11.65 -22.78
C MET A 465 -50.43 -11.82 -21.66
N VAL A 466 -50.33 -10.99 -20.62
CA VAL A 466 -51.28 -11.07 -19.51
C VAL A 466 -52.70 -10.82 -20.01
N GLY A 467 -52.87 -9.79 -20.83
CA GLY A 467 -54.17 -9.55 -21.44
C GLY A 467 -54.60 -10.68 -22.36
N GLU A 468 -53.65 -11.34 -23.01
CA GLU A 468 -53.96 -12.47 -23.89
C GLU A 468 -54.38 -13.71 -23.12
N LEU A 469 -54.28 -13.70 -21.80
CA LEU A 469 -54.73 -14.82 -20.97
C LEU A 469 -56.02 -14.52 -20.22
N VAL A 470 -56.11 -13.34 -19.59
CA VAL A 470 -57.28 -13.01 -18.80
C VAL A 470 -58.53 -12.96 -19.67
N TYR A 471 -58.40 -12.47 -20.90
CA TYR A 471 -59.53 -12.22 -21.79
C TYR A 471 -59.76 -13.37 -22.77
N GLY A 472 -59.45 -14.59 -22.36
CA GLY A 472 -59.68 -15.77 -23.18
C GLY A 472 -59.17 -15.67 -24.60
N LYS A 473 -57.86 -15.61 -24.76
CA LYS A 473 -57.22 -15.58 -26.07
C LYS A 473 -56.16 -16.66 -26.21
N ALA A 474 -55.43 -16.97 -25.13
CA ALA A 474 -54.45 -18.04 -25.12
C ALA A 474 -54.56 -18.79 -23.81
N GLU A 475 -54.17 -20.07 -23.83
CA GLU A 475 -54.27 -20.92 -22.65
C GLU A 475 -52.96 -21.08 -21.90
N ILE A 476 -51.84 -20.62 -22.46
CA ILE A 476 -50.53 -20.81 -21.85
C ILE A 476 -49.60 -19.72 -22.38
N ALA A 477 -48.77 -19.17 -21.50
CA ALA A 477 -47.80 -18.14 -21.85
C ALA A 477 -46.41 -18.63 -21.44
N ILE A 478 -45.68 -19.20 -22.39
CA ILE A 478 -44.31 -19.67 -22.15
C ILE A 478 -43.39 -18.55 -22.63
N ALA A 479 -43.04 -17.66 -21.72
CA ALA A 479 -42.26 -16.47 -22.05
C ALA A 479 -41.50 -16.04 -20.81
N PRO A 480 -40.51 -15.16 -20.96
CA PRO A 480 -39.85 -14.60 -19.77
C PRO A 480 -40.74 -13.62 -19.03
N LEU A 481 -41.87 -14.11 -18.54
CA LEU A 481 -42.86 -13.27 -17.87
C LEU A 481 -42.54 -13.23 -16.39
N THR A 482 -42.07 -12.07 -15.92
CA THR A 482 -41.68 -11.93 -14.52
C THR A 482 -42.88 -12.13 -13.61
N ILE A 483 -42.64 -12.74 -12.46
CA ILE A 483 -43.67 -12.97 -11.46
C ILE A 483 -43.79 -11.72 -10.60
N THR A 484 -44.97 -11.12 -10.59
CA THR A 484 -45.23 -9.91 -9.82
C THR A 484 -46.59 -10.03 -9.15
N LEU A 485 -46.75 -9.29 -8.05
CA LEU A 485 -48.01 -9.34 -7.31
C LEU A 485 -49.18 -8.88 -8.17
N VAL A 486 -48.99 -7.79 -8.91
CA VAL A 486 -50.09 -7.23 -9.69
C VAL A 486 -50.62 -8.26 -10.69
N ARG A 487 -49.72 -9.04 -11.29
CA ARG A 487 -50.14 -10.07 -12.23
C ARG A 487 -50.69 -11.30 -11.52
N GLU A 488 -50.21 -11.59 -10.31
CA GLU A 488 -50.67 -12.78 -9.59
C GLU A 488 -52.16 -12.70 -9.25
N GLU A 489 -52.73 -11.50 -9.21
CA GLU A 489 -54.14 -11.33 -8.89
C GLU A 489 -55.05 -11.59 -10.07
N VAL A 490 -54.50 -11.84 -11.26
CA VAL A 490 -55.29 -12.14 -12.45
C VAL A 490 -54.88 -13.43 -13.13
N ILE A 491 -53.69 -13.95 -12.88
CA ILE A 491 -53.22 -15.21 -13.45
C ILE A 491 -52.49 -15.98 -12.36
N ASP A 492 -52.23 -17.26 -12.64
CA ASP A 492 -51.55 -18.16 -11.72
C ASP A 492 -50.26 -18.63 -12.36
N PHE A 493 -49.14 -18.05 -11.96
CA PHE A 493 -47.84 -18.46 -12.48
C PHE A 493 -47.49 -19.86 -12.00
N SER A 494 -46.50 -20.45 -12.67
CA SER A 494 -45.90 -21.70 -12.24
C SER A 494 -44.65 -21.39 -11.42
N LYS A 495 -44.02 -22.43 -10.89
CA LYS A 495 -42.79 -22.24 -10.15
C LYS A 495 -41.71 -21.67 -11.08
N PRO A 496 -40.85 -20.78 -10.58
CA PRO A 496 -39.85 -20.18 -11.47
C PRO A 496 -38.98 -21.23 -12.14
N PHE A 497 -38.84 -21.11 -13.45
CA PHE A 497 -37.91 -21.93 -14.22
C PHE A 497 -36.58 -21.22 -14.47
N MET A 498 -36.41 -20.00 -13.97
CA MET A 498 -35.17 -19.27 -14.14
C MET A 498 -35.11 -18.19 -13.07
N SER A 499 -34.19 -18.33 -12.13
CA SER A 499 -33.97 -17.33 -11.09
C SER A 499 -32.98 -16.29 -11.60
N LEU A 500 -33.35 -15.03 -11.46
CA LEU A 500 -32.57 -13.92 -12.02
C LEU A 500 -32.60 -12.76 -11.03
N GLY A 501 -32.15 -11.60 -11.50
CA GLY A 501 -32.15 -10.42 -10.67
C GLY A 501 -31.57 -9.24 -11.43
N ILE A 502 -31.36 -8.16 -10.69
CA ILE A 502 -30.78 -6.95 -11.26
C ILE A 502 -29.28 -6.97 -11.01
N SER A 503 -28.51 -6.94 -12.10
CA SER A 503 -27.06 -7.01 -12.03
C SER A 503 -26.44 -5.74 -12.59
N ILE A 504 -25.12 -5.73 -12.73
CA ILE A 504 -24.38 -4.57 -13.21
C ILE A 504 -23.56 -5.02 -14.41
N MET A 505 -23.69 -4.30 -15.52
CA MET A 505 -22.93 -4.54 -16.74
C MET A 505 -22.01 -3.36 -16.99
N ILE A 506 -20.73 -3.64 -17.24
CA ILE A 506 -19.73 -2.63 -17.54
C ILE A 506 -19.02 -3.04 -18.82
N LYS A 507 -18.41 -2.06 -19.48
CA LYS A 507 -17.65 -2.36 -20.69
C LYS A 507 -16.46 -3.25 -20.35
N LYS A 508 -16.30 -4.32 -21.11
CA LYS A 508 -15.27 -5.29 -20.82
C LYS A 508 -13.90 -4.61 -20.92
N PRO A 509 -13.03 -4.72 -19.89
CA PRO A 509 -11.67 -4.13 -19.92
C PRO A 509 -10.68 -5.10 -20.55
N GLN A 510 -9.38 -4.78 -20.47
CA GLN A 510 -8.34 -5.65 -21.05
C GLN A 510 -6.95 -5.15 -20.62
N LYS A 511 -5.90 -5.65 -21.27
CA LYS A 511 -4.52 -5.24 -20.91
C LYS A 511 -4.30 -3.78 -21.30
N SER A 512 -3.27 -3.14 -20.72
CA SER A 512 -2.99 -1.71 -21.01
C SER A 512 -1.78 -1.60 -21.93
N LYS A 513 -1.36 -2.70 -22.54
CA LYS A 513 -0.20 -2.69 -23.48
C LYS A 513 0.78 -1.59 -23.05
N PRO A 514 1.55 -1.76 -21.96
CA PRO A 514 2.56 -0.77 -21.55
C PRO A 514 3.45 -0.37 -22.72
N GLY A 515 3.60 0.93 -22.91
CA GLY A 515 4.37 1.42 -24.04
C GLY A 515 5.83 0.95 -23.96
N VAL A 516 6.45 0.85 -25.13
CA VAL A 516 7.85 0.47 -25.20
C VAL A 516 8.68 1.26 -24.19
N PHE A 517 8.57 2.58 -24.25
CA PHE A 517 9.33 3.46 -23.36
C PHE A 517 8.48 3.89 -22.17
N SER A 518 8.01 2.90 -21.43
CA SER A 518 7.20 3.12 -20.24
C SER A 518 8.02 3.08 -18.95
N PHE A 519 9.35 3.04 -19.05
CA PHE A 519 10.21 3.11 -17.88
C PHE A 519 10.58 4.52 -17.49
N LEU A 520 10.25 5.51 -18.32
CA LEU A 520 10.53 6.91 -18.04
C LEU A 520 9.34 7.63 -17.43
N ASP A 521 8.27 6.91 -17.12
CA ASP A 521 7.07 7.48 -16.52
C ASP A 521 7.34 8.00 -15.12
N PRO A 522 8.10 7.27 -14.27
CA PRO A 522 8.31 7.72 -12.89
C PRO A 522 8.79 9.16 -12.76
N LEU A 523 9.27 9.74 -13.86
CA LEU A 523 9.69 11.14 -13.87
C LEU A 523 9.09 11.83 -15.08
N ALA A 524 8.58 13.05 -14.85
CA ALA A 524 7.93 13.79 -15.92
C ALA A 524 8.90 14.05 -17.07
N TYR A 525 8.33 14.47 -18.21
CA TYR A 525 9.16 14.73 -19.38
C TYR A 525 10.13 15.87 -19.13
N GLU A 526 9.69 16.90 -18.42
CA GLU A 526 10.55 18.07 -18.20
C GLU A 526 11.76 17.73 -17.36
N ILE A 527 11.58 16.91 -16.32
CA ILE A 527 12.72 16.47 -15.52
C ILE A 527 13.73 15.75 -16.41
N TRP A 528 13.24 14.85 -17.27
CA TRP A 528 14.15 14.13 -18.15
C TRP A 528 14.89 15.08 -19.08
N MET A 529 14.19 16.07 -19.63
CA MET A 529 14.84 17.05 -20.49
C MET A 529 15.83 17.90 -19.71
N CYS A 530 15.49 18.24 -18.46
CA CYS A 530 16.36 19.11 -17.66
C CYS A 530 17.49 18.34 -16.99
N ILE A 531 17.40 17.00 -16.92
CA ILE A 531 18.53 16.21 -16.47
C ILE A 531 19.65 16.23 -17.50
N VAL A 532 19.30 16.08 -18.78
CA VAL A 532 20.30 16.17 -19.84
C VAL A 532 20.96 17.54 -19.84
N PHE A 533 20.16 18.60 -19.70
CA PHE A 533 20.71 19.95 -19.67
C PHE A 533 21.67 20.11 -18.48
N ALA A 534 21.25 19.65 -17.30
CA ALA A 534 22.13 19.75 -16.14
C ALA A 534 23.40 18.93 -16.32
N TYR A 535 23.30 17.79 -16.99
CA TYR A 535 24.47 16.96 -17.23
C TYR A 535 25.45 17.67 -18.16
N ILE A 536 24.96 18.17 -19.29
CA ILE A 536 25.81 18.91 -20.23
C ILE A 536 26.42 20.14 -19.58
N GLY A 537 25.77 20.69 -18.54
CA GLY A 537 26.27 21.90 -17.91
C GLY A 537 27.30 21.61 -16.84
N VAL A 538 27.08 20.55 -16.07
CA VAL A 538 28.05 20.17 -15.04
C VAL A 538 29.36 19.73 -15.69
N SER A 539 29.27 18.91 -16.74
CA SER A 539 30.48 18.47 -17.43
C SER A 539 31.28 19.65 -17.94
N VAL A 540 30.62 20.60 -18.60
CA VAL A 540 31.33 21.75 -19.16
C VAL A 540 31.93 22.60 -18.04
N VAL A 541 31.19 22.79 -16.95
CA VAL A 541 31.71 23.60 -15.85
C VAL A 541 32.85 22.89 -15.14
N LEU A 542 32.81 21.56 -15.07
CA LEU A 542 33.93 20.81 -14.51
C LEU A 542 35.17 20.95 -15.39
N PHE A 543 35.00 20.81 -16.71
CA PHE A 543 36.09 21.05 -17.64
C PHE A 543 36.68 22.44 -17.45
N LEU A 544 35.82 23.45 -17.25
CA LEU A 544 36.30 24.83 -17.23
C LEU A 544 37.22 25.06 -16.04
N VAL A 545 36.76 24.72 -14.83
CA VAL A 545 37.54 25.02 -13.63
C VAL A 545 38.82 24.20 -13.60
N SER A 546 38.77 22.96 -14.07
CA SER A 546 39.93 22.08 -13.99
C SER A 546 41.03 22.51 -14.96
N ARG A 547 40.66 22.90 -16.18
CA ARG A 547 41.71 23.15 -17.22
C ARG A 547 41.76 24.61 -17.68
N PHE A 548 41.28 25.56 -16.89
CA PHE A 548 41.38 26.97 -17.27
C PHE A 548 42.51 27.70 -16.57
N SER A 549 43.23 27.05 -15.67
CA SER A 549 44.29 27.70 -14.91
C SER A 549 45.63 27.58 -15.62
N PRO A 550 46.08 28.64 -16.31
CA PRO A 550 47.43 28.62 -16.88
C PRO A 550 48.50 28.33 -15.85
N TYR A 551 48.18 28.57 -14.58
CA TYR A 551 49.11 28.39 -13.47
C TYR A 551 48.98 27.02 -12.82
N GLU A 552 48.73 26.00 -13.63
CA GLU A 552 48.62 24.62 -13.14
C GLU A 552 49.34 23.60 -14.00
N TRP A 553 49.82 23.98 -15.19
CA TRP A 553 50.43 23.04 -16.11
C TRP A 553 51.94 23.00 -15.89
N HIS A 554 52.49 21.80 -15.76
CA HIS A 554 53.91 21.62 -15.52
C HIS A 554 54.66 21.27 -16.80
N GLN A 568 51.98 19.57 -20.20
CA GLN A 568 51.71 18.58 -19.13
C GLN A 568 50.41 18.93 -18.40
N PRO A 569 49.31 18.18 -18.59
CA PRO A 569 48.03 18.44 -17.88
C PRO A 569 48.16 18.05 -16.40
N PRO A 570 47.81 18.95 -15.46
CA PRO A 570 47.85 18.62 -14.03
C PRO A 570 46.94 17.45 -13.67
N ASN A 571 45.74 17.40 -14.26
CA ASN A 571 44.78 16.35 -13.98
C ASN A 571 44.36 15.69 -15.29
N GLU A 572 43.23 14.98 -15.29
CA GLU A 572 42.73 14.35 -16.50
C GLU A 572 41.24 14.63 -16.70
N PHE A 573 40.80 15.83 -16.29
CA PHE A 573 39.40 16.23 -16.46
C PHE A 573 39.29 17.16 -17.67
N GLY A 574 39.53 16.60 -18.85
CA GLY A 574 39.36 17.33 -20.08
C GLY A 574 37.90 17.56 -20.41
N ILE A 575 37.57 17.61 -21.69
CA ILE A 575 36.17 17.71 -22.09
C ILE A 575 35.56 16.35 -22.37
N PHE A 576 36.38 15.36 -22.74
CA PHE A 576 35.88 14.02 -23.02
C PHE A 576 35.82 13.15 -21.77
N ASN A 577 36.74 13.36 -20.83
CA ASN A 577 36.73 12.67 -19.54
C ASN A 577 35.85 13.36 -18.51
N SER A 578 35.41 14.59 -18.78
CA SER A 578 34.49 15.27 -17.87
C SER A 578 33.04 14.89 -18.14
N LEU A 579 32.75 14.31 -19.30
CA LEU A 579 31.43 13.79 -19.62
C LEU A 579 31.26 12.36 -19.12
N TRP A 580 32.31 11.54 -19.24
CA TRP A 580 32.28 10.21 -18.64
C TRP A 580 32.09 10.29 -17.14
N PHE A 581 32.82 11.19 -16.47
CA PHE A 581 32.67 11.34 -15.03
C PHE A 581 31.24 11.72 -14.67
N SER A 582 30.69 12.72 -15.35
CA SER A 582 29.32 13.14 -15.06
C SER A 582 28.32 12.02 -15.32
N LEU A 583 28.48 11.30 -16.43
CA LEU A 583 27.59 10.20 -16.74
C LEU A 583 27.68 9.10 -15.68
N GLY A 584 28.90 8.76 -15.26
CA GLY A 584 29.06 7.77 -14.22
C GLY A 584 28.45 8.21 -12.91
N ALA A 585 28.65 9.47 -12.54
CA ALA A 585 28.11 9.96 -11.27
C ALA A 585 26.59 9.91 -11.25
N PHE A 586 25.94 10.21 -12.38
CA PHE A 586 24.48 10.18 -12.41
C PHE A 586 23.97 8.74 -12.34
N MET A 587 24.53 7.86 -13.17
CA MET A 587 24.06 6.48 -13.25
C MET A 587 24.40 5.68 -12.01
N GLN A 588 25.09 6.27 -11.05
CA GLN A 588 25.55 5.59 -9.84
C GLN A 588 26.76 4.73 -10.18
N GLN A 589 26.57 3.71 -11.01
CA GLN A 589 27.67 2.98 -11.62
C GLN A 589 28.74 3.94 -12.11
N GLY A 590 29.97 3.74 -11.64
CA GLY A 590 31.07 4.57 -12.08
C GLY A 590 32.02 4.96 -10.96
N CYS A 591 33.26 4.49 -11.03
CA CYS A 591 34.25 4.85 -10.02
C CYS A 591 35.66 4.71 -10.56
N ASP A 592 36.16 5.76 -11.22
CA ASP A 592 37.49 5.74 -11.80
C ASP A 592 38.36 6.85 -11.25
N ILE A 593 38.11 8.11 -11.61
CA ILE A 593 38.89 9.25 -11.14
C ILE A 593 37.94 10.32 -10.61
N SER A 594 38.33 10.95 -9.50
CA SER A 594 37.52 11.98 -8.88
C SER A 594 38.29 13.30 -8.84
N PRO A 595 37.59 14.43 -8.87
CA PRO A 595 38.27 15.73 -8.77
C PRO A 595 39.19 15.79 -7.55
N ARG A 596 40.21 16.64 -7.65
CA ARG A 596 41.18 16.80 -6.57
C ARG A 596 41.40 18.25 -6.15
N SER A 597 40.70 19.20 -6.77
CA SER A 597 40.81 20.61 -6.41
C SER A 597 39.57 21.05 -5.65
N LEU A 598 39.59 22.30 -5.19
CA LEU A 598 38.43 22.84 -4.48
C LEU A 598 37.28 23.11 -5.44
N SER A 599 37.57 23.77 -6.56
CA SER A 599 36.52 24.11 -7.51
C SER A 599 35.90 22.86 -8.12
N GLY A 600 36.73 21.96 -8.62
CA GLY A 600 36.23 20.72 -9.19
C GLY A 600 35.39 19.92 -8.21
N ARG A 601 35.82 19.87 -6.95
CA ARG A 601 35.10 19.08 -5.95
C ARG A 601 33.73 19.67 -5.67
N ILE A 602 33.67 21.00 -5.48
CA ILE A 602 32.37 21.67 -5.33
C ILE A 602 31.43 21.25 -6.45
N VAL A 603 31.92 21.29 -7.69
CA VAL A 603 31.09 20.89 -8.82
C VAL A 603 30.62 19.45 -8.66
N GLY A 604 31.56 18.54 -8.38
CA GLY A 604 31.23 17.15 -8.21
C GLY A 604 30.40 16.86 -6.98
N GLY A 605 30.44 17.74 -5.98
CA GLY A 605 29.68 17.51 -4.77
C GLY A 605 28.23 17.91 -4.87
N VAL A 606 27.92 18.95 -5.65
CA VAL A 606 26.53 19.27 -5.93
C VAL A 606 25.94 18.30 -6.93
N TRP A 607 26.73 17.88 -7.93
CA TRP A 607 26.28 16.85 -8.86
C TRP A 607 25.92 15.57 -8.11
N TRP A 608 26.72 15.19 -7.12
CA TRP A 608 26.44 13.98 -6.36
C TRP A 608 25.14 14.11 -5.59
N PHE A 609 24.90 15.26 -4.96
CA PHE A 609 23.63 15.48 -4.29
C PHE A 609 22.47 15.44 -5.27
N PHE A 610 22.63 16.08 -6.43
CA PHE A 610 21.59 16.04 -7.45
C PHE A 610 21.23 14.61 -7.82
N THR A 611 22.23 13.79 -8.14
CA THR A 611 21.97 12.41 -8.53
C THR A 611 21.21 11.66 -7.44
N LEU A 612 21.65 11.79 -6.19
CA LEU A 612 21.02 11.08 -5.08
C LEU A 612 19.52 11.32 -5.08
N ILE A 613 19.11 12.59 -4.97
CA ILE A 613 17.69 12.93 -4.96
C ILE A 613 17.01 12.39 -6.21
N ILE A 614 17.60 12.64 -7.38
CA ILE A 614 16.97 12.26 -8.64
C ILE A 614 16.84 10.74 -8.72
N ILE A 615 17.88 10.01 -8.28
CA ILE A 615 17.85 8.56 -8.35
C ILE A 615 17.03 7.95 -7.22
N SER A 616 16.78 8.69 -6.15
CA SER A 616 15.87 8.27 -5.10
C SER A 616 14.43 8.69 -5.37
N SER A 617 14.21 9.65 -6.27
CA SER A 617 12.85 10.01 -6.65
C SER A 617 12.27 9.06 -7.68
N TYR A 618 13.07 8.68 -8.69
CA TYR A 618 12.64 7.66 -9.64
C TYR A 618 12.18 6.40 -8.93
N THR A 619 13.07 5.79 -8.14
CA THR A 619 12.73 4.57 -7.43
C THR A 619 11.50 4.78 -6.56
N ALA A 620 11.48 5.87 -5.78
CA ALA A 620 10.37 6.10 -4.86
C ALA A 620 9.07 6.32 -5.62
N ASN A 621 9.10 7.12 -6.69
CA ASN A 621 7.89 7.37 -7.46
C ASN A 621 7.50 6.14 -8.29
N LEU A 622 8.48 5.36 -8.73
CA LEU A 622 8.18 4.12 -9.44
C LEU A 622 7.43 3.15 -8.53
N ALA A 623 7.84 3.05 -7.26
CA ALA A 623 7.16 2.16 -6.33
C ALA A 623 5.69 2.57 -6.15
N ALA A 624 5.43 3.88 -6.14
CA ALA A 624 4.06 4.35 -5.98
C ALA A 624 3.17 3.87 -7.12
N PHE A 625 3.66 3.99 -8.35
CA PHE A 625 2.93 3.43 -9.49
C PHE A 625 2.68 1.94 -9.30
N LEU A 626 3.73 1.18 -8.99
CA LEU A 626 3.60 -0.27 -8.88
C LEU A 626 2.79 -0.67 -7.66
N THR A 627 2.62 0.24 -6.70
CA THR A 627 1.83 -0.03 -5.50
C THR A 627 0.39 0.45 -5.65
N VAL A 628 0.22 1.70 -6.08
CA VAL A 628 -1.12 2.27 -6.19
C VAL A 628 -1.96 1.47 -7.18
N GLU A 629 -1.37 1.15 -8.34
CA GLU A 629 -2.10 0.42 -9.37
C GLU A 629 -2.31 -1.04 -9.01
N ARG A 630 -1.62 -1.51 -7.97
CA ARG A 630 -1.83 -2.91 -7.50
C ARG A 630 -2.98 -2.93 -6.49
N MET A 631 -3.04 -1.92 -5.62
CA MET A 631 -4.07 -1.90 -4.60
C MET A 631 -5.46 -1.72 -5.21
N VAL A 632 -5.49 -1.11 -6.39
CA VAL A 632 -6.79 -0.86 -7.10
C VAL A 632 -7.64 -2.13 -7.06
N SER A 633 -8.87 -2.01 -6.58
CA SER A 633 -9.79 -3.18 -6.54
C SER A 633 -10.73 -3.12 -7.74
N PRO A 634 -10.96 -4.23 -8.46
CA PRO A 634 -11.90 -4.28 -9.61
C PRO A 634 -13.32 -3.98 -9.13
N ILE A 635 -14.14 -3.39 -9.99
CA ILE A 635 -15.53 -3.01 -9.59
C ILE A 635 -16.26 -4.25 -9.05
N GLU A 636 -16.96 -4.10 -7.93
CA GLU A 636 -17.75 -5.21 -7.36
C GLU A 636 -18.95 -4.62 -6.62
N SER A 637 -20.07 -5.34 -6.54
CA SER A 637 -21.26 -4.86 -5.79
C SER A 637 -21.77 -3.54 -6.35
N ALA A 638 -22.70 -2.90 -5.65
CA ALA A 638 -23.28 -1.61 -6.10
C ALA A 638 -22.74 -0.50 -5.20
N GLU A 639 -22.45 -0.78 -3.93
CA GLU A 639 -21.84 0.17 -3.00
C GLU A 639 -20.62 0.84 -3.62
N ASP A 640 -19.80 0.08 -4.34
CA ASP A 640 -18.63 0.67 -4.99
C ASP A 640 -19.04 1.75 -5.98
N LEU A 641 -20.06 1.48 -6.79
CA LEU A 641 -20.50 2.47 -7.77
C LEU A 641 -21.05 3.72 -7.09
N ALA A 642 -21.79 3.54 -5.99
CA ALA A 642 -22.39 4.69 -5.32
C ALA A 642 -21.32 5.66 -4.82
N LYS A 643 -20.24 5.13 -4.23
CA LYS A 643 -19.15 6.00 -3.82
C LYS A 643 -18.51 6.70 -5.01
N GLN A 644 -18.29 5.96 -6.10
CA GLN A 644 -17.65 6.53 -7.27
C GLN A 644 -18.57 7.51 -7.97
N THR A 645 -17.96 8.54 -8.56
CA THR A 645 -18.67 9.50 -9.40
C THR A 645 -18.11 9.58 -10.81
N GLU A 646 -17.10 8.76 -11.15
CA GLU A 646 -16.51 8.80 -12.48
C GLU A 646 -17.36 8.03 -13.47
N ILE A 647 -17.64 6.76 -13.20
CA ILE A 647 -18.40 5.91 -14.09
C ILE A 647 -19.88 6.11 -13.79
N ALA A 648 -20.63 6.59 -14.77
CA ALA A 648 -22.06 6.79 -14.62
C ALA A 648 -22.80 5.46 -14.76
N TYR A 649 -23.97 5.37 -14.12
CA TYR A 649 -24.82 4.20 -14.19
C TYR A 649 -26.25 4.63 -14.44
N GLY A 650 -26.95 3.87 -15.29
CA GLY A 650 -28.31 4.22 -15.68
C GLY A 650 -29.22 3.04 -15.93
N THR A 651 -30.46 3.12 -15.45
CA THR A 651 -31.47 2.10 -15.71
C THR A 651 -32.28 2.50 -16.94
N LEU A 652 -33.40 1.82 -17.16
CA LEU A 652 -34.35 2.16 -18.21
C LEU A 652 -35.49 2.98 -17.64
N ASP A 653 -36.03 3.87 -18.47
CA ASP A 653 -37.11 4.75 -18.02
C ASP A 653 -38.31 3.94 -17.55
N SER A 654 -38.90 3.16 -18.46
CA SER A 654 -40.10 2.37 -18.16
C SER A 654 -39.68 0.93 -17.90
N GLY A 655 -39.98 0.45 -16.70
CA GLY A 655 -39.66 -0.92 -16.34
C GLY A 655 -39.56 -1.07 -14.84
N SER A 656 -39.18 -2.28 -14.43
CA SER A 656 -39.03 -2.61 -13.03
C SER A 656 -37.64 -2.33 -12.48
N THR A 657 -36.66 -2.08 -13.35
CA THR A 657 -35.31 -1.75 -12.89
C THR A 657 -35.18 -0.32 -12.41
N LYS A 658 -36.18 0.53 -12.67
CA LYS A 658 -36.23 1.88 -12.13
C LYS A 658 -37.13 1.98 -10.91
N GLU A 659 -38.26 1.30 -10.91
CA GLU A 659 -39.12 1.27 -9.73
C GLU A 659 -38.39 0.71 -8.53
N PHE A 660 -37.53 -0.29 -8.75
CA PHE A 660 -36.81 -0.92 -7.64
C PHE A 660 -35.98 0.11 -6.88
N PHE A 661 -35.25 0.96 -7.59
CA PHE A 661 -34.44 1.97 -6.94
C PHE A 661 -35.30 3.08 -6.35
N ARG A 662 -36.37 3.45 -7.05
CA ARG A 662 -37.22 4.54 -6.58
C ARG A 662 -37.83 4.20 -5.21
N ARG A 663 -38.34 2.98 -5.06
CA ARG A 663 -38.97 2.56 -3.82
C ARG A 663 -38.00 1.93 -2.83
N SER A 664 -36.74 1.74 -3.21
CA SER A 664 -35.79 1.08 -2.32
C SER A 664 -35.60 1.90 -1.05
N LYS A 665 -35.65 1.21 0.09
CA LYS A 665 -35.37 1.83 1.38
C LYS A 665 -33.93 1.59 1.85
N ILE A 666 -33.11 0.93 1.03
CA ILE A 666 -31.73 0.67 1.39
C ILE A 666 -30.88 1.90 1.04
N ALA A 667 -30.04 2.33 1.98
CA ALA A 667 -29.24 3.52 1.75
C ALA A 667 -28.30 3.35 0.58
N VAL A 668 -27.67 2.17 0.47
CA VAL A 668 -26.72 1.93 -0.61
C VAL A 668 -27.39 2.07 -1.97
N TYR A 669 -28.71 1.88 -2.04
CA TYR A 669 -29.46 2.08 -3.26
C TYR A 669 -30.24 3.39 -3.28
N GLU A 670 -30.73 3.84 -2.12
CA GLU A 670 -31.46 5.10 -2.07
C GLU A 670 -30.57 6.26 -2.49
N LYS A 671 -29.29 6.21 -2.12
CA LYS A 671 -28.35 7.24 -2.56
C LYS A 671 -28.26 7.27 -4.08
N MET A 672 -28.22 6.10 -4.72
CA MET A 672 -28.08 6.05 -6.17
C MET A 672 -29.31 6.59 -6.86
N TRP A 673 -30.50 6.33 -6.30
CA TRP A 673 -31.72 6.83 -6.92
C TRP A 673 -31.74 8.35 -6.94
N THR A 674 -31.34 8.98 -5.83
CA THR A 674 -31.36 10.44 -5.78
C THR A 674 -30.45 11.04 -6.84
N TYR A 675 -29.22 10.53 -6.96
CA TYR A 675 -28.32 11.02 -8.00
C TYR A 675 -28.86 10.75 -9.38
N MET A 676 -29.23 9.50 -9.65
CA MET A 676 -29.68 9.12 -10.99
C MET A 676 -30.91 9.90 -11.42
N ARG A 677 -31.70 10.38 -10.45
CA ARG A 677 -32.94 11.08 -10.77
C ARG A 677 -32.63 12.44 -11.41
N SER A 678 -31.89 13.30 -10.71
CA SER A 678 -31.63 14.65 -11.16
C SER A 678 -30.32 14.79 -11.93
N ALA A 679 -29.55 13.71 -12.07
CA ALA A 679 -28.28 13.80 -12.78
C ALA A 679 -28.50 14.12 -14.25
N GLU A 680 -27.58 14.89 -14.82
CA GLU A 680 -27.60 15.20 -16.23
C GLU A 680 -26.21 15.00 -16.83
N PRO A 681 -26.06 14.37 -18.02
CA PRO A 681 -27.17 14.08 -18.93
C PRO A 681 -27.94 12.85 -18.48
N SER A 682 -29.19 12.69 -18.92
CA SER A 682 -30.02 11.60 -18.43
C SER A 682 -29.37 10.25 -18.74
N VAL A 683 -28.90 9.56 -17.70
CA VAL A 683 -28.40 8.20 -17.88
C VAL A 683 -29.52 7.25 -18.28
N PHE A 684 -30.75 7.56 -17.87
CA PHE A 684 -31.91 6.76 -18.25
C PHE A 684 -31.98 6.60 -19.77
N THR A 685 -31.87 5.36 -20.23
CA THR A 685 -31.91 5.04 -21.65
C THR A 685 -33.31 4.59 -22.04
N ARG A 686 -33.50 4.39 -23.35
CA ARG A 686 -34.81 4.14 -23.92
C ARG A 686 -35.02 2.68 -24.27
N THR A 687 -34.11 2.09 -25.03
CA THR A 687 -34.19 0.69 -25.43
C THR A 687 -32.99 -0.07 -24.89
N THR A 688 -33.18 -1.36 -24.62
CA THR A 688 -32.09 -2.19 -24.14
C THR A 688 -30.91 -2.16 -25.10
N ALA A 689 -31.18 -2.13 -26.40
CA ALA A 689 -30.10 -2.02 -27.37
C ALA A 689 -29.36 -0.70 -27.22
N GLU A 690 -30.09 0.39 -26.97
CA GLU A 690 -29.45 1.68 -26.76
C GLU A 690 -28.50 1.64 -25.57
N GLY A 691 -28.95 1.04 -24.47
CA GLY A 691 -28.10 0.97 -23.29
C GLY A 691 -26.83 0.18 -23.53
N VAL A 692 -26.94 -0.94 -24.24
CA VAL A 692 -25.76 -1.74 -24.56
C VAL A 692 -24.78 -0.92 -25.40
N ALA A 693 -25.29 -0.18 -26.39
CA ALA A 693 -24.40 0.63 -27.22
C ALA A 693 -23.71 1.70 -26.40
N ARG A 694 -24.43 2.35 -25.48
CA ARG A 694 -23.84 3.42 -24.70
C ARG A 694 -22.67 2.91 -23.85
N VAL A 695 -22.83 1.73 -23.24
CA VAL A 695 -21.73 1.13 -22.51
C VAL A 695 -20.55 0.87 -23.44
N ARG A 696 -20.84 0.31 -24.61
CA ARG A 696 -19.80 0.02 -25.59
C ARG A 696 -19.30 1.26 -26.30
N LYS A 697 -19.99 2.40 -26.15
CA LYS A 697 -19.58 3.66 -26.78
C LYS A 697 -19.26 4.74 -25.75
N SER A 698 -18.91 4.33 -24.52
CA SER A 698 -18.51 5.27 -23.49
C SER A 698 -17.13 4.97 -22.92
N LYS A 699 -16.44 3.95 -23.43
CA LYS A 699 -15.09 3.60 -23.00
C LYS A 699 -15.00 3.47 -21.48
N GLY A 700 -15.74 2.50 -20.96
CA GLY A 700 -15.69 2.22 -19.53
C GLY A 700 -16.16 3.36 -18.67
N LYS A 701 -17.22 4.06 -19.08
CA LYS A 701 -17.77 5.18 -18.33
C LYS A 701 -19.26 5.04 -18.03
N PHE A 702 -19.97 4.10 -18.67
CA PHE A 702 -21.39 3.91 -18.47
C PHE A 702 -21.63 2.48 -18.03
N ALA A 703 -22.21 2.32 -16.84
CA ALA A 703 -22.62 1.02 -16.33
C ALA A 703 -24.13 0.86 -16.51
N PHE A 704 -24.50 -0.27 -17.10
CA PHE A 704 -25.94 -0.52 -17.38
C PHE A 704 -26.48 -1.54 -16.41
N LEU A 705 -27.62 -1.23 -15.81
CA LEU A 705 -28.29 -2.11 -14.85
C LEU A 705 -29.44 -2.81 -15.56
N LEU A 706 -29.30 -4.11 -15.81
CA LEU A 706 -30.30 -4.88 -16.51
C LEU A 706 -30.42 -6.26 -15.87
N GLU A 707 -31.26 -7.10 -16.45
CA GLU A 707 -31.49 -8.43 -15.91
C GLU A 707 -30.25 -9.31 -16.10
N SER A 708 -30.07 -10.25 -15.17
CA SER A 708 -28.91 -11.13 -15.23
C SER A 708 -28.96 -12.07 -16.44
N THR A 709 -30.15 -12.32 -16.98
CA THR A 709 -30.26 -13.19 -18.15
C THR A 709 -29.81 -12.46 -19.42
N MET A 710 -30.32 -11.25 -19.64
CA MET A 710 -29.92 -10.47 -20.81
C MET A 710 -28.43 -10.16 -20.77
N ASN A 711 -27.92 -9.78 -19.59
CA ASN A 711 -26.51 -9.44 -19.47
C ASN A 711 -25.62 -10.63 -19.85
N GLU A 712 -25.97 -11.83 -19.38
CA GLU A 712 -25.17 -13.00 -19.72
C GLU A 712 -25.24 -13.31 -21.21
N TYR A 713 -26.41 -13.10 -21.81
CA TYR A 713 -26.54 -13.29 -23.25
C TYR A 713 -25.75 -12.22 -24.01
N ILE A 714 -25.92 -10.96 -23.63
CA ILE A 714 -25.13 -9.88 -24.26
C ILE A 714 -23.65 -10.22 -24.08
N GLU A 715 -23.26 -10.54 -22.84
CA GLU A 715 -21.84 -10.77 -22.57
C GLU A 715 -21.28 -11.89 -23.44
N GLN A 716 -22.12 -12.81 -23.89
CA GLN A 716 -21.69 -13.95 -24.68
C GLN A 716 -21.95 -13.77 -26.17
N ARG A 717 -22.35 -12.57 -26.59
CA ARG A 717 -22.56 -12.24 -27.99
C ARG A 717 -21.60 -11.13 -28.38
N LYS A 718 -20.88 -11.33 -29.49
CA LYS A 718 -19.93 -10.34 -30.00
C LYS A 718 -20.53 -8.95 -29.98
N PRO A 719 -19.74 -7.88 -30.07
CA PRO A 719 -18.27 -7.74 -30.04
C PRO A 719 -17.56 -8.40 -28.84
N CYS A 720 -18.31 -8.76 -27.79
CA CYS A 720 -17.74 -9.31 -26.56
C CYS A 720 -17.04 -8.24 -25.74
N ASP A 721 -17.59 -7.03 -25.77
CA ASP A 721 -17.02 -5.89 -25.06
C ASP A 721 -17.79 -5.55 -23.78
N THR A 722 -18.63 -6.47 -23.30
CA THR A 722 -19.34 -6.31 -22.04
C THR A 722 -19.06 -7.51 -21.14
N MET A 723 -19.27 -7.31 -19.83
CA MET A 723 -19.06 -8.38 -18.86
C MET A 723 -19.97 -8.15 -17.66
N LYS A 724 -20.16 -9.21 -16.88
CA LYS A 724 -20.99 -9.17 -15.68
C LYS A 724 -20.11 -9.05 -14.45
N VAL A 725 -20.47 -8.14 -13.55
CA VAL A 725 -19.72 -7.89 -12.33
C VAL A 725 -20.67 -7.92 -11.15
N GLY A 726 -20.10 -8.19 -9.97
CA GLY A 726 -20.88 -8.20 -8.75
C GLY A 726 -21.92 -9.30 -8.73
N GLY A 727 -23.02 -9.04 -8.02
CA GLY A 727 -24.10 -10.00 -7.90
C GLY A 727 -25.44 -9.33 -8.03
N ASN A 728 -26.47 -10.16 -8.19
CA ASN A 728 -27.82 -9.65 -8.38
C ASN A 728 -28.25 -8.82 -7.18
N LEU A 729 -28.80 -7.64 -7.47
CA LEU A 729 -29.30 -6.76 -6.42
C LEU A 729 -30.66 -7.19 -5.88
N ASP A 730 -31.38 -8.03 -6.61
CA ASP A 730 -32.68 -8.52 -6.19
C ASP A 730 -32.84 -9.97 -6.64
N SER A 731 -33.99 -10.56 -6.32
CA SER A 731 -34.27 -11.96 -6.67
C SER A 731 -35.68 -12.04 -7.23
N LYS A 732 -35.78 -12.24 -8.54
CA LYS A 732 -37.04 -12.44 -9.23
C LYS A 732 -37.01 -13.79 -9.95
N GLY A 733 -38.05 -14.07 -10.71
CA GLY A 733 -38.12 -15.32 -11.45
C GLY A 733 -39.11 -15.23 -12.59
N TYR A 734 -38.89 -16.07 -13.60
CA TYR A 734 -39.80 -16.20 -14.73
C TYR A 734 -40.62 -17.46 -14.57
N GLY A 735 -41.93 -17.31 -14.62
CA GLY A 735 -42.84 -18.43 -14.43
C GLY A 735 -43.86 -18.52 -15.54
N VAL A 736 -44.10 -19.75 -16.00
CA VAL A 736 -45.16 -19.98 -16.97
C VAL A 736 -46.49 -19.56 -16.38
N ALA A 737 -47.34 -18.98 -17.22
CA ALA A 737 -48.60 -18.41 -16.78
C ALA A 737 -49.77 -19.10 -17.46
N THR A 738 -50.91 -19.10 -16.77
CA THR A 738 -52.13 -19.76 -17.25
C THR A 738 -53.32 -18.94 -16.80
N PRO A 739 -54.43 -18.97 -17.54
CA PRO A 739 -55.65 -18.33 -17.04
C PRO A 739 -56.12 -18.98 -15.75
N LYS A 740 -56.68 -18.15 -14.87
CA LYS A 740 -57.16 -18.65 -13.59
C LYS A 740 -58.33 -19.60 -13.78
N GLY A 741 -58.38 -20.64 -12.95
CA GLY A 741 -59.39 -21.67 -13.08
C GLY A 741 -59.10 -22.73 -14.10
N SER A 742 -57.96 -22.66 -14.78
CA SER A 742 -57.62 -23.65 -15.79
C SER A 742 -57.26 -24.98 -15.15
N SER A 743 -57.41 -26.05 -15.92
CA SER A 743 -57.04 -27.38 -15.48
C SER A 743 -55.56 -27.70 -15.70
N LEU A 744 -54.83 -26.83 -16.40
CA LEU A 744 -53.43 -27.07 -16.70
C LEU A 744 -52.49 -26.43 -15.68
N ARG A 745 -53.02 -25.77 -14.65
CA ARG A 745 -52.16 -25.11 -13.67
C ARG A 745 -51.25 -26.11 -12.98
N THR A 746 -51.81 -27.22 -12.52
CA THR A 746 -51.05 -28.19 -11.72
C THR A 746 -50.16 -29.04 -12.60
N PRO A 747 -50.66 -29.61 -13.70
CA PRO A 747 -49.76 -30.37 -14.58
C PRO A 747 -48.58 -29.56 -15.08
N VAL A 748 -48.79 -28.29 -15.40
CA VAL A 748 -47.69 -27.44 -15.86
C VAL A 748 -46.74 -27.14 -14.72
N ASN A 749 -47.28 -26.85 -13.53
CA ASN A 749 -46.43 -26.51 -12.40
C ASN A 749 -45.53 -27.67 -12.02
N LEU A 750 -46.09 -28.88 -11.99
CA LEU A 750 -45.28 -30.06 -11.69
C LEU A 750 -44.28 -30.35 -12.80
N ALA A 751 -44.65 -30.08 -14.06
CA ALA A 751 -43.74 -30.35 -15.17
C ALA A 751 -42.47 -29.50 -15.04
N VAL A 752 -42.62 -28.23 -14.69
CA VAL A 752 -41.46 -27.35 -14.56
C VAL A 752 -40.53 -27.88 -13.47
N LEU A 753 -41.09 -28.27 -12.33
CA LEU A 753 -40.27 -28.85 -11.28
C LEU A 753 -39.62 -30.14 -11.73
N LYS A 754 -40.36 -30.97 -12.47
CA LYS A 754 -39.80 -32.22 -12.97
C LYS A 754 -38.64 -31.96 -13.93
N LEU A 755 -38.62 -30.80 -14.57
CA LEU A 755 -37.55 -30.44 -15.49
C LEU A 755 -36.39 -29.74 -14.80
N SER A 756 -36.53 -29.38 -13.53
CA SER A 756 -35.43 -28.77 -12.78
C SER A 756 -34.55 -29.82 -12.12
N GLU A 757 -35.15 -30.84 -11.51
CA GLU A 757 -34.37 -31.93 -10.94
C GLU A 757 -33.60 -32.68 -12.01
N ALA A 758 -34.22 -32.91 -13.16
CA ALA A 758 -33.57 -33.60 -14.26
C ALA A 758 -32.48 -32.76 -14.92
N GLY A 759 -32.39 -31.47 -14.60
CA GLY A 759 -31.39 -30.62 -15.21
C GLY A 759 -31.70 -30.20 -16.64
N VAL A 760 -32.97 -30.29 -17.04
CA VAL A 760 -33.34 -29.91 -18.40
C VAL A 760 -33.52 -28.41 -18.53
N LEU A 761 -33.67 -27.69 -17.42
CA LEU A 761 -33.77 -26.23 -17.48
C LEU A 761 -32.40 -25.57 -17.52
N ASP A 762 -31.38 -26.24 -16.98
CA ASP A 762 -30.01 -25.72 -17.07
C ASP A 762 -29.32 -26.15 -18.36
N LYS A 763 -29.69 -27.31 -18.91
CA LYS A 763 -29.12 -27.72 -20.20
C LYS A 763 -29.55 -26.77 -21.31
N LEU A 764 -30.81 -26.33 -21.29
CA LEU A 764 -31.28 -25.39 -22.31
C LEU A 764 -30.64 -24.02 -22.12
N LYS A 765 -30.49 -23.58 -20.87
CA LYS A 765 -29.84 -22.30 -20.61
C LYS A 765 -28.40 -22.32 -21.11
N ASN A 766 -27.67 -23.40 -20.81
CA ASN A 766 -26.33 -23.56 -21.36
C ASN A 766 -26.37 -23.68 -22.88
N LYS A 767 -27.40 -24.33 -23.40
CA LYS A 767 -27.49 -24.52 -24.84
C LYS A 767 -27.54 -23.20 -25.58
N TRP A 768 -28.34 -22.24 -25.08
CA TRP A 768 -28.60 -21.00 -25.79
C TRP A 768 -27.72 -19.85 -25.33
N TRP A 769 -27.38 -19.78 -24.04
CA TRP A 769 -26.55 -18.67 -23.57
C TRP A 769 -25.06 -18.92 -23.79
N TYR A 770 -24.62 -20.17 -23.72
CA TYR A 770 -23.19 -20.48 -23.79
C TYR A 770 -22.84 -21.40 -24.95
N ASP A 771 -23.55 -22.51 -25.14
CA ASP A 771 -23.19 -23.44 -26.20
C ASP A 771 -23.34 -22.79 -27.57
N LYS A 772 -24.43 -22.07 -27.79
CA LYS A 772 -24.63 -21.31 -29.02
C LYS A 772 -24.07 -19.90 -28.91
N GLY A 773 -23.15 -19.67 -27.99
CA GLY A 773 -22.55 -18.37 -27.81
C GLY A 773 -21.49 -18.06 -28.84
N GLU A 774 -20.92 -16.86 -28.70
CA GLU A 774 -19.91 -16.36 -29.62
C GLU A 774 -18.62 -15.91 -28.93
N CYS A 775 -18.68 -15.55 -27.65
CA CYS A 775 -17.52 -15.05 -26.92
C CYS A 775 -16.72 -16.18 -26.29
N GLY A 776 -16.35 -17.16 -27.10
CA GLY A 776 -15.57 -18.29 -26.62
C GLY A 776 -16.21 -19.62 -26.96
N ALA A 788 4.40 -8.93 -10.50
CA ALA A 788 5.70 -9.24 -11.09
C ALA A 788 5.84 -8.58 -12.46
N LEU A 789 6.75 -7.61 -12.56
CA LEU A 789 6.94 -6.89 -13.80
C LEU A 789 7.23 -7.84 -14.95
N SER A 790 6.63 -7.56 -16.11
CA SER A 790 6.79 -8.37 -17.30
C SER A 790 7.86 -7.76 -18.20
N LEU A 791 8.37 -8.58 -19.13
CA LEU A 791 9.37 -8.10 -20.06
C LEU A 791 8.89 -6.87 -20.82
N SER A 792 7.58 -6.79 -21.08
CA SER A 792 7.05 -5.64 -21.82
C SER A 792 7.25 -4.35 -21.03
N ASN A 793 7.01 -4.39 -19.71
CA ASN A 793 7.14 -3.19 -18.89
C ASN A 793 8.54 -2.58 -19.02
N VAL A 794 9.56 -3.43 -19.08
CA VAL A 794 10.95 -2.97 -19.14
C VAL A 794 11.56 -3.40 -20.48
N ALA A 795 10.78 -3.29 -21.54
CA ALA A 795 11.22 -3.70 -22.87
C ALA A 795 11.74 -2.55 -23.72
N GLY A 796 11.56 -1.31 -23.28
CA GLY A 796 12.16 -0.18 -23.94
C GLY A 796 13.56 0.14 -23.48
N VAL A 797 14.03 -0.54 -22.43
CA VAL A 797 15.42 -0.41 -21.99
C VAL A 797 16.32 -1.45 -22.63
N PHE A 798 15.75 -2.55 -23.15
CA PHE A 798 16.55 -3.55 -23.83
C PHE A 798 16.89 -3.12 -25.25
N TYR A 799 15.93 -2.54 -25.97
CA TYR A 799 16.22 -2.01 -27.29
C TYR A 799 17.31 -0.95 -27.23
N ILE A 800 17.24 -0.06 -26.24
CA ILE A 800 18.28 0.95 -26.08
C ILE A 800 19.64 0.29 -25.84
N LEU A 801 19.67 -0.68 -24.92
CA LEU A 801 20.92 -1.40 -24.66
C LEU A 801 21.44 -2.04 -25.94
N VAL A 802 20.60 -2.83 -26.62
CA VAL A 802 21.04 -3.48 -27.84
C VAL A 802 21.36 -2.46 -28.92
N GLY A 803 20.53 -1.42 -29.03
CA GLY A 803 20.82 -0.36 -29.99
C GLY A 803 22.13 0.34 -29.71
N GLY A 804 22.45 0.56 -28.43
CA GLY A 804 23.71 1.17 -28.09
C GLY A 804 24.90 0.32 -28.46
N LEU A 805 24.81 -0.99 -28.22
CA LEU A 805 25.88 -1.90 -28.63
C LEU A 805 26.11 -1.83 -30.12
N GLY A 806 25.04 -1.72 -30.91
CA GLY A 806 25.20 -1.55 -32.35
C GLY A 806 25.93 -0.28 -32.70
N LEU A 807 25.53 0.84 -32.08
CA LEU A 807 26.22 2.11 -32.32
C LEU A 807 27.68 2.02 -31.92
N ALA A 808 27.98 1.34 -30.81
CA ALA A 808 29.35 1.21 -30.36
C ALA A 808 30.20 0.44 -31.38
N MET A 809 29.65 -0.65 -31.92
CA MET A 809 30.37 -1.43 -32.92
C MET A 809 30.53 -0.67 -34.23
N LEU A 810 29.64 0.29 -34.52
CA LEU A 810 29.81 1.10 -35.71
C LEU A 810 30.86 2.19 -35.52
N VAL A 811 30.93 2.79 -34.33
CA VAL A 811 31.97 3.77 -34.05
C VAL A 811 33.35 3.13 -34.14
N ALA A 812 33.53 2.00 -33.44
CA ALA A 812 34.83 1.33 -33.44
C ALA A 812 35.24 0.95 -34.85
N LEU A 813 34.33 0.32 -35.60
CA LEU A 813 34.67 -0.14 -36.94
C LEU A 813 34.98 1.02 -37.87
N ILE A 814 34.23 2.12 -37.75
CA ILE A 814 34.51 3.30 -38.56
C ILE A 814 35.95 3.76 -38.37
N GLU A 815 36.38 3.90 -37.11
CA GLU A 815 37.75 4.31 -36.84
C GLU A 815 38.73 3.34 -37.48
N PHE A 816 38.54 2.04 -37.24
CA PHE A 816 39.41 1.01 -37.80
C PHE A 816 39.63 1.22 -39.29
N CYS A 817 38.51 1.35 -40.00
CA CYS A 817 38.52 1.60 -41.48
C CYS A 817 39.33 2.86 -41.78
N TYR A 818 39.06 3.97 -41.10
CA TYR A 818 39.75 5.22 -41.36
C TYR A 818 41.21 5.15 -40.97
N LYS A 819 41.52 4.33 -39.97
CA LYS A 819 42.92 4.14 -39.58
C LYS A 819 43.64 3.15 -40.48
N SER A 820 42.92 2.18 -41.05
CA SER A 820 43.53 1.22 -41.95
C SER A 820 43.71 1.78 -43.35
N ARG A 821 43.00 2.84 -43.70
CA ARG A 821 43.15 3.47 -45.01
C ARG A 821 44.27 4.51 -45.05
N ALA A 822 44.67 5.04 -43.89
CA ALA A 822 45.78 5.97 -43.83
C ALA A 822 47.14 5.28 -43.81
N GLU A 823 47.16 3.95 -43.71
CA GLU A 823 48.43 3.21 -43.70
C GLU A 823 48.35 2.00 -44.62
N VAL B 397 -54.10 40.88 -0.75
CA VAL B 397 -53.55 39.73 -0.04
C VAL B 397 -52.18 40.08 0.53
N VAL B 398 -51.98 39.85 1.83
CA VAL B 398 -50.69 40.12 2.48
C VAL B 398 -49.76 38.90 2.44
N VAL B 399 -48.67 39.00 1.67
CA VAL B 399 -47.67 37.92 1.56
C VAL B 399 -46.51 38.17 2.53
N THR B 400 -46.15 37.16 3.34
CA THR B 400 -44.93 37.23 4.15
C THR B 400 -43.80 36.38 3.52
N THR B 401 -42.58 36.92 3.54
CA THR B 401 -41.41 36.24 2.97
C THR B 401 -40.15 36.76 3.67
N ILE B 402 -38.97 36.31 3.22
CA ILE B 402 -37.71 36.63 3.92
C ILE B 402 -36.62 36.99 2.91
N MET B 403 -35.76 37.96 3.27
CA MET B 403 -34.69 38.36 2.36
C MET B 403 -33.48 37.41 2.43
N GLU B 404 -33.48 36.42 1.54
CA GLU B 404 -32.34 35.47 1.44
C GLU B 404 -32.14 35.15 -0.04
N SER B 405 -30.95 35.38 -0.57
CA SER B 405 -30.62 35.13 -1.98
C SER B 405 -30.53 33.64 -2.27
N PRO B 406 -31.00 33.20 -3.46
CA PRO B 406 -31.60 34.00 -4.54
C PRO B 406 -33.13 34.01 -4.52
N TYR B 407 -33.76 33.72 -3.38
CA TYR B 407 -35.22 33.66 -3.29
C TYR B 407 -35.89 35.05 -3.35
N VAL B 408 -35.41 35.98 -2.51
CA VAL B 408 -35.87 37.37 -2.50
C VAL B 408 -34.70 38.30 -2.19
N MET B 409 -34.48 39.30 -3.04
CA MET B 409 -33.37 40.24 -2.93
C MET B 409 -33.86 41.66 -3.29
N TYR B 410 -33.27 42.69 -2.67
CA TYR B 410 -33.55 44.06 -3.12
C TYR B 410 -32.76 44.34 -4.41
N LYS B 411 -33.44 44.84 -5.44
CA LYS B 411 -32.78 45.21 -6.71
C LYS B 411 -31.67 46.24 -6.48
N LYS B 412 -30.66 46.25 -7.35
CA LYS B 412 -29.54 47.18 -7.19
C LYS B 412 -30.02 48.63 -7.17
N ASN B 413 -31.07 48.94 -7.93
CA ASN B 413 -31.54 50.34 -8.01
C ASN B 413 -32.84 50.44 -7.18
N HIS B 414 -32.96 49.73 -6.06
CA HIS B 414 -34.21 49.70 -5.28
C HIS B 414 -34.69 51.06 -4.74
N GLU B 415 -33.78 51.97 -4.41
CA GLU B 415 -34.23 53.25 -3.88
C GLU B 415 -34.94 54.10 -4.95
N MET B 416 -34.77 53.71 -6.21
CA MET B 416 -35.46 54.37 -7.31
C MET B 416 -36.81 53.72 -7.67
N PHE B 417 -37.18 52.65 -6.95
CA PHE B 417 -38.44 51.92 -7.21
C PHE B 417 -39.42 51.95 -6.03
N GLU B 418 -40.64 51.44 -6.21
CA GLU B 418 -41.62 51.39 -5.11
C GLU B 418 -42.46 50.11 -5.08
N GLY B 419 -42.96 49.75 -3.89
CA GLY B 419 -43.81 48.58 -3.73
C GLY B 419 -43.15 47.26 -4.09
N ASN B 420 -43.92 46.36 -4.72
CA ASN B 420 -43.42 45.03 -5.07
C ASN B 420 -42.23 45.09 -6.03
N ASP B 421 -42.16 46.17 -6.81
CA ASP B 421 -41.11 46.31 -7.82
C ASP B 421 -39.69 46.52 -7.25
N LYS B 422 -39.59 46.78 -5.94
CA LYS B 422 -38.28 46.91 -5.28
C LYS B 422 -37.51 45.60 -5.25
N TYR B 423 -38.22 44.47 -5.29
CA TYR B 423 -37.55 43.16 -5.09
C TYR B 423 -37.49 42.31 -6.34
N GLU B 424 -36.56 41.36 -6.38
CA GLU B 424 -36.39 40.35 -7.46
C GLU B 424 -35.96 39.00 -6.87
N GLY B 425 -36.12 37.93 -7.65
CA GLY B 425 -35.72 36.58 -7.21
C GLY B 425 -36.70 35.44 -7.55
N TYR B 426 -36.31 34.20 -7.22
CA TYR B 426 -37.15 33.01 -7.48
C TYR B 426 -38.55 33.11 -6.85
N CYS B 427 -38.63 33.49 -5.57
CA CYS B 427 -39.92 33.55 -4.90
C CYS B 427 -40.75 34.79 -5.31
N VAL B 428 -40.08 35.83 -5.79
CA VAL B 428 -40.77 37.00 -6.36
C VAL B 428 -41.49 36.62 -7.66
N ASP B 429 -40.77 35.91 -8.54
CA ASP B 429 -41.37 35.38 -9.78
C ASP B 429 -42.50 34.36 -9.48
N LEU B 430 -42.30 33.49 -8.50
CA LEU B 430 -43.32 32.51 -8.12
C LEU B 430 -44.59 33.20 -7.60
N ALA B 431 -44.42 34.20 -6.74
CA ALA B 431 -45.58 34.96 -6.25
C ALA B 431 -46.42 35.59 -7.39
N SER B 432 -45.75 36.17 -8.39
CA SER B 432 -46.46 36.75 -9.54
C SER B 432 -47.28 35.69 -10.31
N GLU B 433 -46.67 34.51 -10.52
CA GLU B 433 -47.37 33.41 -11.22
C GLU B 433 -48.56 32.87 -10.42
N ILE B 434 -48.39 32.67 -9.11
CA ILE B 434 -49.50 32.21 -8.26
C ILE B 434 -50.68 33.19 -8.28
N ALA B 435 -50.38 34.47 -8.13
CA ALA B 435 -51.42 35.52 -8.11
C ALA B 435 -52.16 35.62 -9.43
N LYS B 436 -51.43 35.47 -10.55
CA LYS B 436 -52.06 35.51 -11.87
C LYS B 436 -53.05 34.36 -12.07
N HIS B 437 -52.65 33.15 -11.69
CA HIS B 437 -53.48 31.96 -11.87
C HIS B 437 -54.68 31.91 -10.90
N ILE B 438 -54.55 32.56 -9.75
CA ILE B 438 -55.62 32.55 -8.75
C ILE B 438 -56.48 33.83 -8.81
N GLY B 439 -56.03 34.83 -9.55
CA GLY B 439 -56.77 36.08 -9.72
C GLY B 439 -56.87 36.98 -8.49
N ILE B 440 -55.74 37.26 -7.83
CA ILE B 440 -55.75 38.22 -6.71
C ILE B 440 -54.65 39.28 -6.78
N LYS B 441 -54.86 40.43 -6.14
CA LYS B 441 -53.79 41.43 -5.96
C LYS B 441 -53.11 41.22 -4.60
N TYR B 442 -51.83 41.61 -4.50
CA TYR B 442 -51.01 41.28 -3.32
C TYR B 442 -49.90 42.30 -2.98
N LYS B 443 -49.46 42.26 -1.73
CA LYS B 443 -48.34 43.07 -1.25
C LYS B 443 -47.24 42.20 -0.61
N ILE B 444 -46.00 42.35 -1.10
CA ILE B 444 -44.88 41.61 -0.50
C ILE B 444 -44.39 42.31 0.78
N ALA B 445 -44.40 41.58 1.90
CA ALA B 445 -43.91 42.10 3.17
C ALA B 445 -42.80 41.20 3.74
N ILE B 446 -41.87 41.79 4.49
CA ILE B 446 -40.75 41.02 5.07
C ILE B 446 -40.99 40.66 6.55
N VAL B 447 -40.79 39.38 6.85
CA VAL B 447 -40.90 38.87 8.25
C VAL B 447 -40.14 39.84 9.15
N PRO B 448 -40.80 40.38 10.20
CA PRO B 448 -40.17 41.31 11.11
C PRO B 448 -39.21 40.58 12.02
N ASP B 449 -39.58 39.38 12.48
CA ASP B 449 -38.71 38.64 13.44
C ASP B 449 -37.50 38.04 12.74
N GLY B 450 -37.43 38.07 11.40
CA GLY B 450 -36.38 37.38 10.65
C GLY B 450 -36.26 35.87 10.77
N LYS B 451 -37.34 35.22 11.24
CA LYS B 451 -37.33 33.76 11.48
C LYS B 451 -38.26 32.96 10.54
N TYR B 452 -38.03 31.64 10.46
CA TYR B 452 -38.82 30.75 9.62
C TYR B 452 -40.11 30.27 10.28
N GLY B 453 -40.00 29.59 11.43
CA GLY B 453 -41.17 29.16 12.20
C GLY B 453 -40.95 27.98 13.13
N ALA B 454 -40.81 28.27 14.43
CA ALA B 454 -40.63 27.26 15.47
C ALA B 454 -41.45 27.63 16.71
N ARG B 455 -41.82 26.64 17.52
CA ARG B 455 -42.62 26.87 18.73
C ARG B 455 -41.76 26.78 19.99
N ASP B 456 -41.77 27.84 20.81
CA ASP B 456 -41.03 27.83 22.07
C ASP B 456 -41.57 26.77 23.04
N ALA B 457 -40.69 25.93 23.56
CA ALA B 457 -41.12 24.78 24.37
C ALA B 457 -41.76 25.20 25.69
N ASP B 458 -41.39 26.36 26.21
CA ASP B 458 -41.88 26.83 27.53
C ASP B 458 -43.16 27.64 27.35
N THR B 459 -43.21 28.58 26.39
CA THR B 459 -44.37 29.51 26.23
C THR B 459 -45.35 28.97 25.22
N LYS B 460 -44.97 27.99 24.38
CA LYS B 460 -45.83 27.44 23.33
C LYS B 460 -46.19 28.45 22.23
N ILE B 461 -45.44 29.54 22.14
CA ILE B 461 -45.69 30.57 21.12
C ILE B 461 -44.88 30.33 19.83
N TRP B 462 -45.53 30.46 18.67
CA TRP B 462 -44.88 30.30 17.37
C TRP B 462 -44.22 31.60 16.90
N ASN B 463 -42.96 31.52 16.47
CA ASN B 463 -42.27 32.67 15.87
C ASN B 463 -42.24 32.66 14.32
N GLY B 464 -41.57 33.64 13.72
CA GLY B 464 -41.34 33.65 12.27
C GLY B 464 -42.56 33.74 11.34
N MET B 465 -42.39 33.24 10.11
CA MET B 465 -43.47 33.29 9.11
C MET B 465 -44.67 32.41 9.53
N VAL B 466 -44.38 31.26 10.16
CA VAL B 466 -45.45 30.39 10.66
C VAL B 466 -46.31 31.13 11.70
N GLY B 467 -45.66 31.79 12.66
CA GLY B 467 -46.37 32.64 13.60
C GLY B 467 -47.25 33.73 12.98
N GLU B 468 -46.75 34.42 11.97
CA GLU B 468 -47.55 35.46 11.31
C GLU B 468 -48.85 34.89 10.71
N LEU B 469 -48.80 33.66 10.19
CA LEU B 469 -50.00 32.98 9.69
C LEU B 469 -50.94 32.54 10.83
N VAL B 470 -50.38 31.87 11.85
CA VAL B 470 -51.18 31.31 12.95
C VAL B 470 -51.94 32.39 13.74
N TYR B 471 -51.31 33.56 13.91
CA TYR B 471 -51.93 34.64 14.71
C TYR B 471 -52.62 35.73 13.87
N GLY B 472 -52.70 35.53 12.57
CA GLY B 472 -53.50 36.40 11.71
C GLY B 472 -52.86 37.68 11.20
N LYS B 473 -51.52 37.71 11.15
CA LYS B 473 -50.83 38.93 10.71
C LYS B 473 -50.47 38.90 9.21
N ALA B 474 -50.56 37.73 8.59
CA ALA B 474 -50.34 37.59 7.14
C ALA B 474 -51.29 36.54 6.55
N GLU B 475 -51.51 36.58 5.24
CA GLU B 475 -52.47 35.69 4.55
C GLU B 475 -51.83 34.44 3.89
N ILE B 476 -50.55 34.55 3.53
CA ILE B 476 -49.86 33.49 2.78
C ILE B 476 -48.36 33.70 2.93
N ALA B 477 -47.60 32.60 3.01
CA ALA B 477 -46.12 32.67 3.06
C ALA B 477 -45.52 32.02 1.81
N ILE B 478 -44.70 32.78 1.08
CA ILE B 478 -44.05 32.27 -0.12
C ILE B 478 -42.53 32.45 0.00
N ALA B 479 -41.83 31.37 0.37
CA ALA B 479 -40.44 31.42 0.87
C ALA B 479 -39.82 29.99 0.89
N PRO B 480 -38.48 29.86 1.12
CA PRO B 480 -37.89 28.52 1.32
C PRO B 480 -38.24 27.94 2.71
N LEU B 481 -39.51 27.56 2.87
CA LEU B 481 -40.04 27.02 4.15
C LEU B 481 -40.27 25.50 4.04
N THR B 482 -39.51 24.74 4.82
CA THR B 482 -39.51 23.28 4.75
C THR B 482 -40.81 22.65 5.30
N ILE B 483 -41.39 21.72 4.56
CA ILE B 483 -42.55 20.95 5.01
C ILE B 483 -42.16 19.93 6.11
N THR B 484 -42.58 20.22 7.36
CA THR B 484 -42.32 19.35 8.52
C THR B 484 -43.62 19.01 9.27
N LEU B 485 -43.58 17.91 10.02
CA LEU B 485 -44.74 17.44 10.81
C LEU B 485 -45.33 18.49 11.76
N VAL B 486 -44.49 19.09 12.62
CA VAL B 486 -45.03 20.07 13.57
C VAL B 486 -45.62 21.32 12.90
N ARG B 487 -45.07 21.74 11.75
CA ARG B 487 -45.64 22.87 11.02
C ARG B 487 -46.97 22.47 10.35
N GLU B 488 -47.01 21.28 9.74
CA GLU B 488 -48.22 20.81 9.07
C GLU B 488 -49.41 20.67 10.04
N GLU B 489 -49.12 20.41 11.31
CA GLU B 489 -50.19 20.35 12.33
C GLU B 489 -50.92 21.69 12.57
N VAL B 490 -50.25 22.82 12.31
CA VAL B 490 -50.85 24.14 12.62
C VAL B 490 -51.20 25.05 11.42
N ILE B 491 -50.60 24.80 10.25
CA ILE B 491 -50.94 25.53 9.02
C ILE B 491 -51.16 24.54 7.84
N ASP B 492 -51.70 25.04 6.73
CA ASP B 492 -51.88 24.24 5.50
C ASP B 492 -50.67 24.43 4.55
N PHE B 493 -50.17 23.35 3.98
CA PHE B 493 -49.09 23.41 2.97
C PHE B 493 -49.56 22.95 1.56
N SER B 494 -49.16 23.67 0.50
CA SER B 494 -49.26 23.16 -0.88
C SER B 494 -48.36 21.93 -1.06
N LYS B 495 -48.56 21.17 -2.13
CA LYS B 495 -47.59 20.17 -2.57
C LYS B 495 -46.25 20.89 -2.82
N PRO B 496 -45.10 20.19 -2.72
CA PRO B 496 -43.82 20.93 -2.77
C PRO B 496 -43.48 21.58 -4.13
N PHE B 497 -42.90 22.78 -4.08
CA PHE B 497 -42.46 23.48 -5.29
C PHE B 497 -40.97 23.32 -5.65
N MET B 498 -40.19 22.81 -4.70
CA MET B 498 -38.74 22.56 -4.88
C MET B 498 -38.31 21.45 -3.90
N SER B 499 -37.43 20.55 -4.36
CA SER B 499 -36.86 19.48 -3.53
C SER B 499 -35.47 19.85 -3.01
N LEU B 500 -35.07 19.24 -1.89
CA LEU B 500 -33.75 19.47 -1.28
C LEU B 500 -33.32 18.32 -0.36
N GLY B 501 -32.03 18.30 0.02
CA GLY B 501 -31.54 17.33 0.98
C GLY B 501 -30.20 17.75 1.56
N ILE B 502 -29.84 17.17 2.71
CA ILE B 502 -28.58 17.46 3.40
C ILE B 502 -27.36 17.08 2.56
N SER B 503 -26.37 17.98 2.45
CA SER B 503 -25.19 17.77 1.57
C SER B 503 -23.90 18.23 2.26
N ILE B 504 -22.76 18.22 1.56
CA ILE B 504 -21.42 18.56 2.17
C ILE B 504 -20.72 19.66 1.35
N MET B 505 -20.43 20.82 1.93
CA MET B 505 -19.67 21.91 1.32
C MET B 505 -18.20 21.91 1.77
N ILE B 506 -17.28 21.90 0.80
CA ILE B 506 -15.84 22.02 1.09
C ILE B 506 -15.20 23.22 0.37
N LYS B 507 -14.05 23.66 0.91
CA LYS B 507 -13.16 24.57 0.16
C LYS B 507 -12.41 23.76 -0.89
N LYS B 508 -12.35 24.28 -2.12
CA LYS B 508 -11.64 23.60 -3.20
C LYS B 508 -10.22 23.24 -2.77
N LYS B 513 0.67 23.41 -5.26
CA LYS B 513 2.07 23.38 -5.66
C LYS B 513 2.98 23.19 -4.44
N PRO B 514 4.00 22.35 -4.58
CA PRO B 514 4.89 22.06 -3.47
C PRO B 514 6.03 23.06 -3.35
N GLY B 515 6.58 23.15 -2.14
CA GLY B 515 7.69 24.05 -1.91
C GLY B 515 8.88 23.74 -2.79
N VAL B 516 9.59 24.80 -3.19
CA VAL B 516 10.79 24.64 -4.02
C VAL B 516 11.68 23.55 -3.45
N PHE B 517 11.97 23.63 -2.15
CA PHE B 517 12.79 22.61 -1.48
C PHE B 517 11.91 21.61 -0.74
N SER B 518 11.11 20.89 -1.52
CA SER B 518 10.21 19.87 -0.99
C SER B 518 10.82 18.48 -1.01
N PHE B 519 11.99 18.30 -1.60
CA PHE B 519 12.66 17.00 -1.60
C PHE B 519 13.20 16.62 -0.22
N LEU B 520 13.20 17.56 0.73
CA LEU B 520 13.69 17.30 2.08
C LEU B 520 12.55 17.03 3.05
N ASP B 521 11.40 16.59 2.54
CA ASP B 521 10.23 16.27 3.35
C ASP B 521 10.26 14.83 3.87
N PRO B 522 10.88 13.88 3.16
CA PRO B 522 10.96 12.51 3.70
C PRO B 522 11.92 12.39 4.88
N LEU B 523 12.40 13.51 5.39
CA LEU B 523 13.19 13.52 6.61
C LEU B 523 12.92 14.81 7.36
N ALA B 524 13.11 14.77 8.67
CA ALA B 524 12.78 15.90 9.53
C ALA B 524 13.94 16.90 9.57
N TYR B 525 13.63 18.12 10.00
CA TYR B 525 14.66 19.14 10.13
C TYR B 525 15.77 18.69 11.06
N GLU B 526 15.43 17.95 12.11
CA GLU B 526 16.42 17.51 13.09
C GLU B 526 17.30 16.38 12.58
N ILE B 527 16.92 15.73 11.48
CA ILE B 527 17.76 14.67 10.92
C ILE B 527 18.77 15.23 9.92
N TRP B 528 18.43 16.32 9.22
CA TRP B 528 19.38 16.94 8.30
C TRP B 528 20.43 17.74 9.06
N MET B 529 20.02 18.49 10.08
CA MET B 529 20.98 19.19 10.92
C MET B 529 21.92 18.23 11.61
N CYS B 530 21.42 17.05 12.00
CA CYS B 530 22.28 16.05 12.64
C CYS B 530 23.14 15.32 11.64
N ILE B 531 22.64 15.10 10.42
CA ILE B 531 23.46 14.49 9.38
C ILE B 531 24.69 15.35 9.11
N VAL B 532 24.50 16.67 9.01
CA VAL B 532 25.62 17.57 8.78
C VAL B 532 26.60 17.50 9.94
N PHE B 533 26.08 17.50 11.18
CA PHE B 533 26.97 17.42 12.33
C PHE B 533 27.71 16.10 12.37
N ALA B 534 27.03 15.00 12.02
CA ALA B 534 27.70 13.70 11.99
C ALA B 534 28.76 13.66 10.89
N TYR B 535 28.44 14.20 9.72
CA TYR B 535 29.42 14.30 8.64
C TYR B 535 30.68 15.01 9.11
N ILE B 536 30.51 16.22 9.66
CA ILE B 536 31.67 16.99 10.14
C ILE B 536 32.45 16.18 11.16
N GLY B 537 31.75 15.58 12.13
CA GLY B 537 32.43 14.82 13.16
C GLY B 537 33.22 13.66 12.59
N VAL B 538 32.61 12.89 11.69
CA VAL B 538 33.29 11.76 11.09
C VAL B 538 34.54 12.22 10.34
N SER B 539 34.42 13.31 9.58
CA SER B 539 35.54 13.77 8.77
C SER B 539 36.68 14.31 9.64
N VAL B 540 36.37 14.76 10.86
CA VAL B 540 37.41 15.23 11.77
C VAL B 540 37.98 14.10 12.62
N VAL B 541 37.24 13.03 12.83
CA VAL B 541 37.79 11.87 13.53
C VAL B 541 38.66 11.05 12.60
N LEU B 542 38.26 10.90 11.33
CA LEU B 542 39.06 10.16 10.37
C LEU B 542 40.43 10.79 10.20
N PHE B 543 40.47 12.09 9.86
CA PHE B 543 41.73 12.82 9.79
C PHE B 543 42.58 12.58 11.03
N LEU B 544 42.01 12.84 12.21
CA LEU B 544 42.76 12.71 13.45
C LEU B 544 43.51 11.39 13.54
N VAL B 545 42.75 10.29 13.57
CA VAL B 545 43.37 8.96 13.73
C VAL B 545 44.47 8.75 12.71
N SER B 546 44.14 8.91 11.42
CA SER B 546 45.11 8.67 10.36
C SER B 546 46.41 9.43 10.61
N ARG B 547 46.32 10.74 10.89
CA ARG B 547 47.47 11.62 10.84
C ARG B 547 48.01 12.05 12.20
N PHE B 548 47.40 11.62 13.30
CA PHE B 548 47.86 12.11 14.60
C PHE B 548 49.19 11.45 15.00
N SER B 549 49.27 10.13 14.86
CA SER B 549 50.42 9.40 15.37
C SER B 549 51.69 9.86 14.65
N PRO B 550 52.75 10.20 15.38
CA PRO B 550 54.02 10.58 14.75
C PRO B 550 54.98 9.43 14.50
N TYR B 551 54.53 8.18 14.62
CA TYR B 551 55.35 7.01 14.35
C TYR B 551 55.07 6.40 12.99
N GLU B 552 54.38 7.13 12.11
CA GLU B 552 54.06 6.66 10.77
C GLU B 552 54.49 7.59 9.65
N TRP B 553 54.79 8.84 10.02
CA TRP B 553 55.24 9.85 9.03
C TRP B 553 56.67 9.52 8.58
N HIS B 554 56.87 8.37 7.96
CA HIS B 554 58.22 7.98 7.47
C HIS B 554 58.83 9.14 6.68
N GLN B 568 56.78 13.18 3.79
CA GLN B 568 55.88 12.15 3.21
C GLN B 568 54.92 11.63 4.30
N PRO B 569 53.61 11.92 4.21
CA PRO B 569 52.62 11.41 5.19
C PRO B 569 52.36 9.92 4.95
N PRO B 570 51.87 9.17 5.96
CA PRO B 570 51.66 7.73 5.80
C PRO B 570 50.56 7.39 4.80
N ASN B 571 49.51 8.19 4.74
CA ASN B 571 48.41 7.95 3.80
C ASN B 571 48.03 9.28 3.17
N GLU B 572 46.87 9.33 2.54
CA GLU B 572 46.38 10.52 1.86
C GLU B 572 45.21 11.17 2.58
N PHE B 573 44.88 10.71 3.79
CA PHE B 573 43.70 11.18 4.50
C PHE B 573 44.07 12.40 5.35
N GLY B 574 44.15 13.54 4.69
CA GLY B 574 44.27 14.81 5.37
C GLY B 574 42.92 15.45 5.61
N ILE B 575 42.93 16.59 6.29
CA ILE B 575 41.69 17.26 6.66
C ILE B 575 40.86 17.53 5.41
N PHE B 576 41.48 18.14 4.39
CA PHE B 576 40.75 18.48 3.18
C PHE B 576 40.20 17.22 2.51
N ASN B 577 41.05 16.21 2.33
CA ASN B 577 40.62 14.97 1.69
C ASN B 577 39.60 14.21 2.54
N SER B 578 39.70 14.31 3.87
CA SER B 578 38.77 13.59 4.73
C SER B 578 37.34 14.04 4.50
N LEU B 579 37.12 15.36 4.42
CA LEU B 579 35.80 15.86 4.06
C LEU B 579 35.34 15.28 2.73
N TRP B 580 36.24 15.24 1.74
CA TRP B 580 35.88 14.73 0.42
C TRP B 580 35.50 13.25 0.49
N PHE B 581 36.24 12.46 1.27
CA PHE B 581 35.96 11.03 1.35
C PHE B 581 34.70 10.75 2.16
N SER B 582 34.36 11.63 3.10
CA SER B 582 33.14 11.44 3.88
C SER B 582 31.90 11.91 3.13
N LEU B 583 32.05 12.92 2.27
CA LEU B 583 30.93 13.32 1.41
C LEU B 583 30.71 12.29 0.31
N GLY B 584 31.79 11.80 -0.31
CA GLY B 584 31.65 10.80 -1.35
C GLY B 584 31.01 9.52 -0.84
N ALA B 585 31.47 9.04 0.31
CA ALA B 585 30.90 7.83 0.88
C ALA B 585 29.41 7.98 1.12
N PHE B 586 28.99 9.13 1.65
CA PHE B 586 27.58 9.33 1.94
C PHE B 586 26.74 9.32 0.66
N MET B 587 27.27 9.88 -0.43
CA MET B 587 26.55 9.95 -1.69
C MET B 587 26.62 8.66 -2.50
N GLN B 588 27.04 7.55 -1.89
CA GLN B 588 27.13 6.27 -2.59
C GLN B 588 27.87 6.40 -3.92
N GLN B 589 28.91 7.23 -3.93
CA GLN B 589 29.63 7.59 -5.14
C GLN B 589 30.85 6.68 -5.33
N GLY B 590 31.78 7.12 -6.18
CA GLY B 590 32.95 6.35 -6.53
C GLY B 590 34.05 6.41 -5.49
N CYS B 591 35.29 6.26 -5.95
CA CYS B 591 36.43 6.19 -5.04
C CYS B 591 37.55 7.10 -5.53
N ASP B 592 38.30 7.64 -4.58
CA ASP B 592 39.59 8.25 -4.88
C ASP B 592 40.67 7.67 -3.97
N ILE B 593 40.29 7.33 -2.74
CA ILE B 593 41.18 6.71 -1.76
C ILE B 593 40.37 5.76 -0.90
N SER B 594 41.07 4.88 -0.17
CA SER B 594 40.40 3.99 0.76
C SER B 594 41.30 3.77 1.98
N PRO B 595 40.77 3.92 3.19
CA PRO B 595 41.61 3.77 4.39
C PRO B 595 42.28 2.41 4.42
N ARG B 596 43.53 2.40 4.90
CA ARG B 596 44.31 1.17 5.01
C ARG B 596 44.72 0.84 6.43
N SER B 597 44.33 1.64 7.42
CA SER B 597 44.65 1.39 8.81
C SER B 597 43.47 0.72 9.51
N LEU B 598 43.71 0.29 10.75
CA LEU B 598 42.64 -0.28 11.56
C LEU B 598 41.71 0.80 12.09
N SER B 599 42.28 1.75 12.86
CA SER B 599 41.47 2.85 13.39
C SER B 599 40.69 3.55 12.29
N GLY B 600 41.38 3.93 11.21
CA GLY B 600 40.70 4.58 10.11
C GLY B 600 39.59 3.74 9.51
N ARG B 601 39.83 2.43 9.41
CA ARG B 601 38.83 1.54 8.79
C ARG B 601 37.59 1.40 9.66
N ILE B 602 37.75 1.45 10.98
CA ILE B 602 36.58 1.44 11.86
C ILE B 602 35.67 2.62 11.55
N VAL B 603 36.26 3.82 11.45
CA VAL B 603 35.47 5.01 11.13
C VAL B 603 34.74 4.81 9.81
N GLY B 604 35.48 4.42 8.77
CA GLY B 604 34.85 4.12 7.49
C GLY B 604 33.69 3.16 7.62
N GLY B 605 33.90 2.06 8.34
CA GLY B 605 32.86 1.03 8.43
C GLY B 605 31.58 1.57 9.04
N VAL B 606 31.69 2.26 10.18
CA VAL B 606 30.51 2.81 10.83
C VAL B 606 29.86 3.87 9.95
N TRP B 607 30.69 4.66 9.24
CA TRP B 607 30.14 5.69 8.37
C TRP B 607 29.36 5.09 7.21
N TRP B 608 29.87 3.99 6.63
CA TRP B 608 29.15 3.33 5.56
C TRP B 608 27.81 2.77 6.04
N PHE B 609 27.80 2.19 7.24
CA PHE B 609 26.55 1.68 7.79
C PHE B 609 25.56 2.81 8.05
N PHE B 610 26.03 3.91 8.63
CA PHE B 610 25.16 5.07 8.82
C PHE B 610 24.53 5.52 7.51
N THR B 611 25.36 5.71 6.47
CA THR B 611 24.85 6.13 5.18
C THR B 611 23.77 5.18 4.68
N LEU B 612 24.08 3.88 4.65
CA LEU B 612 23.12 2.88 4.19
C LEU B 612 21.74 3.11 4.79
N ILE B 613 21.64 2.99 6.12
CA ILE B 613 20.37 3.21 6.82
C ILE B 613 19.74 4.52 6.35
N ILE B 614 20.48 5.62 6.48
CA ILE B 614 19.91 6.94 6.20
C ILE B 614 19.40 7.00 4.76
N ILE B 615 20.25 6.60 3.80
CA ILE B 615 19.86 6.68 2.40
C ILE B 615 18.67 5.77 2.12
N SER B 616 18.68 4.56 2.69
CA SER B 616 17.54 3.67 2.56
C SER B 616 16.28 4.29 3.16
N SER B 617 16.40 4.88 4.35
CA SER B 617 15.24 5.49 4.99
C SER B 617 14.64 6.59 4.12
N TYR B 618 15.49 7.48 3.59
CA TYR B 618 15.01 8.53 2.70
C TYR B 618 14.18 7.94 1.57
N THR B 619 14.78 7.07 0.76
CA THR B 619 14.07 6.47 -0.36
C THR B 619 12.80 5.77 0.13
N ALA B 620 12.91 4.97 1.19
CA ALA B 620 11.75 4.25 1.70
C ALA B 620 10.66 5.21 2.16
N ASN B 621 11.04 6.25 2.91
CA ASN B 621 10.05 7.20 3.40
C ASN B 621 9.56 8.12 2.30
N LEU B 622 10.39 8.39 1.29
CA LEU B 622 9.93 9.16 0.15
C LEU B 622 8.81 8.45 -0.59
N ALA B 623 8.95 7.13 -0.79
CA ALA B 623 7.90 6.37 -1.47
C ALA B 623 6.61 6.39 -0.67
N ALA B 624 6.70 6.29 0.67
CA ALA B 624 5.52 6.43 1.51
C ALA B 624 4.80 7.73 1.23
N PHE B 625 5.54 8.85 1.25
CA PHE B 625 4.93 10.15 0.99
C PHE B 625 4.21 10.15 -0.36
N LEU B 626 4.88 9.66 -1.40
CA LEU B 626 4.28 9.65 -2.72
C LEU B 626 3.06 8.74 -2.76
N THR B 627 3.18 7.54 -2.20
CA THR B 627 2.07 6.58 -2.29
C THR B 627 0.87 7.05 -1.49
N VAL B 628 1.09 7.57 -0.28
CA VAL B 628 -0.03 8.05 0.52
C VAL B 628 -0.65 9.29 -0.12
N GLU B 629 0.18 10.15 -0.70
CA GLU B 629 -0.36 11.34 -1.37
C GLU B 629 -1.10 10.98 -2.64
N ARG B 630 -0.67 9.91 -3.32
CA ARG B 630 -1.29 9.50 -4.58
C ARG B 630 -2.58 8.71 -4.37
N MET B 631 -2.84 8.29 -3.14
CA MET B 631 -4.02 7.43 -2.89
C MET B 631 -5.14 8.28 -2.26
N VAL B 632 -4.79 9.47 -1.76
CA VAL B 632 -5.80 10.32 -1.06
C VAL B 632 -6.21 11.47 -1.98
N SER B 633 -7.45 11.46 -2.47
CA SER B 633 -7.97 12.59 -3.29
C SER B 633 -9.51 12.59 -3.25
N PRO B 634 -10.14 12.95 -2.11
CA PRO B 634 -11.63 12.92 -1.98
C PRO B 634 -12.28 13.86 -2.99
N SER B 637 -18.53 11.15 -0.44
CA SER B 637 -19.45 10.46 0.50
C SER B 637 -19.11 10.84 1.94
N ALA B 638 -20.11 11.28 2.72
CA ALA B 638 -19.89 11.60 4.15
C ALA B 638 -18.93 10.61 4.81
N GLU B 639 -18.88 9.37 4.31
CA GLU B 639 -18.03 8.32 4.87
C GLU B 639 -16.60 8.79 5.07
N ASP B 640 -16.07 9.56 4.11
CA ASP B 640 -14.73 10.14 4.21
C ASP B 640 -14.59 10.99 5.49
N LEU B 641 -15.57 11.87 5.74
CA LEU B 641 -15.55 12.69 6.96
C LEU B 641 -15.57 11.87 8.23
N ALA B 642 -16.44 10.86 8.27
CA ALA B 642 -16.69 10.08 9.48
C ALA B 642 -15.46 9.32 9.97
N LYS B 643 -14.53 9.01 9.06
CA LYS B 643 -13.36 8.21 9.40
C LYS B 643 -12.15 9.01 9.88
N GLN B 644 -12.31 10.32 10.12
CA GLN B 644 -11.17 11.16 10.47
C GLN B 644 -11.53 12.36 11.35
N THR B 645 -10.52 13.08 11.85
CA THR B 645 -10.74 14.28 12.67
C THR B 645 -9.88 15.51 12.33
N GLU B 646 -8.89 15.36 11.45
CA GLU B 646 -8.03 16.50 11.09
C GLU B 646 -8.81 17.64 10.44
N ILE B 647 -9.78 17.27 9.62
CA ILE B 647 -10.70 18.23 9.03
C ILE B 647 -11.98 18.24 9.86
N ALA B 648 -12.23 19.33 10.57
CA ALA B 648 -13.42 19.46 11.41
C ALA B 648 -14.67 19.65 10.55
N TYR B 649 -15.84 19.31 11.10
CA TYR B 649 -17.12 19.42 10.36
C TYR B 649 -18.33 19.62 11.31
N GLY B 650 -19.35 20.36 10.83
CA GLY B 650 -20.53 20.63 11.66
C GLY B 650 -21.77 21.15 10.93
N THR B 651 -22.77 21.57 11.70
CA THR B 651 -24.07 22.01 11.19
C THR B 651 -24.52 23.33 11.85
N LEU B 652 -25.65 23.86 11.39
CA LEU B 652 -26.35 24.93 12.10
C LEU B 652 -26.65 24.48 13.54
N ASP B 653 -26.58 25.41 14.49
CA ASP B 653 -26.78 25.10 15.90
C ASP B 653 -28.25 24.85 16.28
N SER B 654 -29.15 24.97 15.30
CA SER B 654 -30.58 24.69 15.46
C SER B 654 -31.20 24.27 14.12
N GLY B 655 -32.31 23.55 14.15
CA GLY B 655 -33.03 23.26 12.91
C GLY B 655 -33.01 21.82 12.43
N SER B 656 -33.53 21.62 11.22
CA SER B 656 -33.75 20.28 10.68
C SER B 656 -32.47 19.49 10.42
N THR B 657 -31.39 20.17 10.04
CA THR B 657 -30.14 19.46 9.76
C THR B 657 -29.50 18.88 11.03
N LYS B 658 -29.46 19.68 12.09
CA LYS B 658 -28.95 19.20 13.37
C LYS B 658 -29.78 18.02 13.91
N GLU B 659 -31.10 18.13 13.79
CA GLU B 659 -31.99 17.06 14.24
C GLU B 659 -31.86 15.74 13.49
N PHE B 660 -31.58 15.79 12.18
CA PHE B 660 -31.33 14.57 11.42
C PHE B 660 -30.21 13.71 12.02
N PHE B 661 -29.10 14.34 12.37
CA PHE B 661 -27.95 13.63 12.94
C PHE B 661 -28.22 13.11 14.37
N ARG B 662 -28.85 13.94 15.21
CA ARG B 662 -29.18 13.58 16.60
C ARG B 662 -30.01 12.30 16.71
N ARG B 663 -30.97 12.14 15.80
CA ARG B 663 -31.91 11.02 15.86
C ARG B 663 -31.62 9.81 14.97
N SER B 664 -30.61 9.88 14.12
CA SER B 664 -30.36 8.80 13.15
C SER B 664 -29.98 7.47 13.83
N LYS B 665 -30.48 6.36 13.28
CA LYS B 665 -30.05 5.02 13.72
C LYS B 665 -29.08 4.39 12.73
N ILE B 666 -28.67 5.14 11.72
CA ILE B 666 -27.66 4.67 10.78
C ILE B 666 -26.27 4.84 11.40
N ALA B 667 -25.45 3.80 11.34
CA ALA B 667 -24.16 3.75 12.05
C ALA B 667 -23.23 4.91 11.72
N VAL B 668 -23.04 5.16 10.43
CA VAL B 668 -22.16 6.24 9.95
C VAL B 668 -22.64 7.62 10.41
N TYR B 669 -23.95 7.85 10.37
CA TYR B 669 -24.50 9.14 10.79
C TYR B 669 -24.43 9.34 12.30
N GLU B 670 -24.61 8.28 13.09
CA GLU B 670 -24.48 8.40 14.55
C GLU B 670 -23.02 8.62 14.98
N LYS B 671 -22.09 8.03 14.24
CA LYS B 671 -20.66 8.27 14.48
C LYS B 671 -20.32 9.74 14.24
N MET B 672 -20.86 10.31 13.16
CA MET B 672 -20.71 11.74 12.89
C MET B 672 -21.35 12.60 14.00
N TRP B 673 -22.54 12.21 14.47
CA TRP B 673 -23.22 12.96 15.54
C TRP B 673 -22.45 13.03 16.86
N THR B 674 -21.96 11.89 17.34
CA THR B 674 -21.22 11.90 18.60
C THR B 674 -19.92 12.70 18.53
N TYR B 675 -19.23 12.66 17.39
CA TYR B 675 -18.09 13.54 17.15
C TYR B 675 -18.49 15.02 17.30
N MET B 676 -19.53 15.44 16.59
CA MET B 676 -19.95 16.85 16.58
C MET B 676 -20.38 17.33 17.98
N ARG B 677 -21.13 16.50 18.69
CA ARG B 677 -21.59 16.81 20.04
C ARG B 677 -20.44 17.03 21.02
N SER B 678 -19.35 16.31 20.82
CA SER B 678 -18.24 16.29 21.78
C SER B 678 -17.06 17.19 21.43
N ALA B 679 -17.06 17.72 20.21
CA ALA B 679 -15.90 18.49 19.74
C ALA B 679 -15.73 19.86 20.43
N GLU B 680 -14.47 20.19 20.73
CA GLU B 680 -14.09 21.48 21.32
C GLU B 680 -12.91 22.07 20.55
N PRO B 681 -12.99 23.36 20.15
CA PRO B 681 -14.12 24.27 20.33
C PRO B 681 -15.31 23.87 19.46
N SER B 682 -16.46 24.53 19.64
CA SER B 682 -17.70 24.14 18.97
C SER B 682 -17.61 24.09 17.44
N VAL B 683 -18.15 23.02 16.85
CA VAL B 683 -18.21 22.90 15.40
C VAL B 683 -19.53 23.41 14.81
N PHE B 684 -20.43 23.88 15.66
CA PHE B 684 -21.72 24.42 15.20
C PHE B 684 -21.63 25.92 14.90
N THR B 685 -22.55 26.43 14.06
CA THR B 685 -22.57 27.86 13.71
C THR B 685 -23.97 28.46 13.93
N ARG B 686 -24.03 29.77 14.16
CA ARG B 686 -25.33 30.40 14.49
C ARG B 686 -26.22 30.68 13.28
N THR B 687 -25.60 31.00 12.14
CA THR B 687 -26.35 31.28 10.91
C THR B 687 -25.71 30.55 9.72
N THR B 688 -26.42 30.30 8.65
CA THR B 688 -25.61 29.62 7.62
C THR B 688 -24.60 30.60 7.10
N ALA B 689 -25.00 31.86 6.88
CA ALA B 689 -23.92 32.72 6.37
C ALA B 689 -22.60 32.53 7.11
N GLU B 690 -22.67 32.33 8.43
CA GLU B 690 -21.46 32.07 9.21
C GLU B 690 -20.80 30.73 8.85
N GLY B 691 -21.61 29.72 8.56
CA GLY B 691 -21.11 28.42 8.15
C GLY B 691 -20.33 28.51 6.84
N VAL B 692 -20.91 29.18 5.85
CA VAL B 692 -20.23 29.40 4.58
C VAL B 692 -18.91 30.17 4.74
N ALA B 693 -18.95 31.24 5.53
CA ALA B 693 -17.74 32.03 5.79
C ALA B 693 -16.66 31.20 6.49
N ARG B 694 -17.07 30.29 7.37
CA ARG B 694 -16.11 29.44 8.08
C ARG B 694 -15.38 28.47 7.13
N VAL B 695 -16.09 27.90 6.16
CA VAL B 695 -15.44 27.09 5.12
C VAL B 695 -14.40 27.92 4.39
N ARG B 696 -14.79 29.11 3.94
CA ARG B 696 -13.94 29.95 3.10
C ARG B 696 -12.67 30.46 3.80
N LYS B 697 -12.73 30.62 5.12
CA LYS B 697 -11.59 31.20 5.86
C LYS B 697 -10.70 30.17 6.57
N SER B 698 -11.06 28.89 6.51
CA SER B 698 -10.38 27.89 7.33
C SER B 698 -9.27 27.09 6.64
N LYS B 699 -8.87 27.55 5.46
CA LYS B 699 -7.68 27.04 4.77
C LYS B 699 -7.70 25.53 4.56
N GLY B 700 -8.88 24.98 4.29
CA GLY B 700 -9.02 23.55 4.04
C GLY B 700 -9.30 22.66 5.24
N LYS B 701 -9.51 23.27 6.42
CA LYS B 701 -9.66 22.51 7.66
C LYS B 701 -11.08 22.48 8.27
N PHE B 702 -12.09 22.98 7.55
CA PHE B 702 -13.50 22.87 7.98
C PHE B 702 -14.43 22.52 6.83
N ALA B 703 -15.37 21.61 7.07
CA ALA B 703 -16.44 21.29 6.11
C ALA B 703 -17.84 21.52 6.74
N PHE B 704 -18.76 22.02 5.94
CA PHE B 704 -20.09 22.44 6.45
C PHE B 704 -21.25 21.61 5.87
N LEU B 705 -22.13 21.11 6.74
CA LEU B 705 -23.30 20.33 6.31
C LEU B 705 -24.55 21.21 6.25
N LEU B 706 -25.16 21.29 5.05
CA LEU B 706 -26.28 22.20 4.82
C LEU B 706 -27.20 21.74 3.68
N GLU B 707 -28.28 22.50 3.43
CA GLU B 707 -29.25 22.13 2.38
C GLU B 707 -28.59 22.17 0.98
N SER B 708 -28.95 21.22 0.11
CA SER B 708 -28.39 21.12 -1.23
C SER B 708 -28.68 22.36 -2.07
N THR B 709 -29.86 22.95 -1.87
CA THR B 709 -30.23 24.14 -2.61
C THR B 709 -29.26 25.30 -2.39
N MET B 710 -28.87 25.51 -1.13
CA MET B 710 -27.94 26.60 -0.78
C MET B 710 -26.55 26.24 -1.28
N ASN B 711 -26.10 25.00 -1.07
CA ASN B 711 -24.78 24.50 -1.50
C ASN B 711 -24.59 24.74 -3.01
N GLU B 712 -25.59 24.34 -3.81
CA GLU B 712 -25.57 24.56 -5.27
C GLU B 712 -25.51 26.02 -5.69
N TYR B 713 -26.25 26.88 -4.99
CA TYR B 713 -26.25 28.31 -5.30
C TYR B 713 -24.86 28.93 -5.09
N ILE B 714 -24.25 28.68 -3.93
CA ILE B 714 -22.95 29.26 -3.56
C ILE B 714 -21.82 28.80 -4.50
N GLU B 715 -21.90 27.56 -4.96
CA GLU B 715 -20.95 27.00 -5.92
C GLU B 715 -20.87 27.82 -7.22
N GLN B 716 -21.95 28.53 -7.55
CA GLN B 716 -22.00 29.39 -8.73
C GLN B 716 -21.79 30.89 -8.44
N ARG B 717 -21.25 31.23 -7.26
CA ARG B 717 -20.94 32.61 -6.89
C ARG B 717 -19.44 32.88 -6.75
N LYS B 718 -19.01 34.06 -7.18
CA LYS B 718 -17.64 34.53 -6.93
C LYS B 718 -17.41 34.61 -5.43
N PRO B 719 -16.21 34.27 -4.95
CA PRO B 719 -14.97 33.97 -5.71
C PRO B 719 -14.80 32.53 -6.19
N CYS B 720 -15.89 31.77 -6.31
CA CYS B 720 -15.81 30.45 -6.92
C CYS B 720 -14.81 29.53 -6.20
N ASP B 721 -14.80 29.55 -4.87
CA ASP B 721 -13.84 28.76 -4.10
C ASP B 721 -14.41 27.59 -3.31
N THR B 722 -15.69 27.26 -3.51
CA THR B 722 -16.33 26.14 -2.81
C THR B 722 -16.86 25.08 -3.78
N MET B 723 -17.08 23.87 -3.27
CA MET B 723 -17.63 22.77 -4.07
C MET B 723 -18.62 21.92 -3.27
N LYS B 724 -19.67 21.44 -3.95
CA LYS B 724 -20.57 20.43 -3.39
C LYS B 724 -20.05 19.01 -3.66
N VAL B 725 -19.97 18.18 -2.63
CA VAL B 725 -19.50 16.80 -2.80
C VAL B 725 -20.42 15.75 -2.18
N GLY B 726 -20.52 14.60 -2.84
CA GLY B 726 -21.35 13.50 -2.38
C GLY B 726 -22.82 13.61 -2.75
N GLY B 727 -23.57 12.52 -2.55
CA GLY B 727 -25.01 12.53 -2.77
C GLY B 727 -25.76 13.10 -1.57
N ASN B 728 -27.04 13.42 -1.75
CA ASN B 728 -27.83 13.93 -0.63
C ASN B 728 -28.05 12.85 0.45
N LEU B 729 -28.10 13.26 1.71
CA LEU B 729 -28.22 12.33 2.84
C LEU B 729 -29.68 12.03 3.22
N ASP B 730 -30.59 12.93 2.85
CA ASP B 730 -32.04 12.74 3.08
C ASP B 730 -32.83 13.46 2.00
N SER B 731 -34.15 13.48 2.15
CA SER B 731 -35.04 14.09 1.15
C SER B 731 -36.20 14.86 1.79
N LYS B 732 -36.41 16.12 1.40
CA LYS B 732 -37.55 16.95 1.85
C LYS B 732 -37.98 17.97 0.76
N GLY B 733 -38.98 18.79 1.06
CA GLY B 733 -39.45 19.81 0.11
C GLY B 733 -39.89 21.13 0.73
N TYR B 734 -39.82 22.22 -0.04
CA TYR B 734 -40.37 23.53 0.35
C TYR B 734 -41.82 23.64 -0.14
N GLY B 735 -42.72 24.22 0.65
CA GLY B 735 -44.11 24.43 0.25
C GLY B 735 -44.67 25.83 0.54
N VAL B 736 -45.74 26.22 -0.17
CA VAL B 736 -46.43 27.49 0.11
C VAL B 736 -47.42 27.26 1.28
N ALA B 737 -47.46 28.19 2.24
CA ALA B 737 -48.24 28.00 3.45
C ALA B 737 -49.39 29.03 3.62
N THR B 738 -50.55 28.56 4.09
CA THR B 738 -51.74 29.41 4.37
C THR B 738 -52.36 29.01 5.73
N PRO B 739 -53.10 29.93 6.38
CA PRO B 739 -53.74 29.57 7.65
C PRO B 739 -54.84 28.51 7.45
N LYS B 740 -55.11 27.67 8.45
CA LYS B 740 -56.18 26.67 8.30
C LYS B 740 -57.54 27.28 7.98
N GLY B 741 -58.24 26.70 7.02
CA GLY B 741 -59.55 27.19 6.64
C GLY B 741 -59.55 28.33 5.64
N SER B 742 -58.36 28.74 5.21
CA SER B 742 -58.28 29.82 4.24
C SER B 742 -58.91 29.43 2.90
N SER B 743 -59.62 30.36 2.29
CA SER B 743 -60.19 30.14 0.96
C SER B 743 -59.13 30.17 -0.16
N LEU B 744 -57.88 30.44 0.21
CA LEU B 744 -56.79 30.48 -0.81
C LEU B 744 -56.08 29.13 -0.88
N ARG B 745 -56.24 28.29 0.16
CA ARG B 745 -55.52 26.99 0.26
C ARG B 745 -55.70 26.17 -1.03
N THR B 746 -56.92 25.83 -1.43
CA THR B 746 -57.16 24.97 -2.58
C THR B 746 -56.71 25.57 -3.94
N PRO B 747 -57.09 26.84 -4.24
CA PRO B 747 -56.60 27.42 -5.50
C PRO B 747 -55.07 27.49 -5.62
N VAL B 748 -54.38 27.79 -4.52
CA VAL B 748 -52.92 27.83 -4.51
C VAL B 748 -52.31 26.44 -4.79
N ASN B 749 -52.87 25.40 -4.16
CA ASN B 749 -52.37 24.03 -4.38
C ASN B 749 -52.50 23.60 -5.86
N LEU B 750 -53.66 23.86 -6.46
CA LEU B 750 -53.87 23.52 -7.87
C LEU B 750 -52.94 24.32 -8.79
N ALA B 751 -52.67 25.57 -8.44
CA ALA B 751 -51.75 26.37 -9.24
C ALA B 751 -50.30 25.85 -9.22
N VAL B 752 -49.81 25.40 -8.05
CA VAL B 752 -48.47 24.81 -7.96
C VAL B 752 -48.34 23.58 -8.88
N LEU B 753 -49.35 22.72 -8.86
CA LEU B 753 -49.32 21.51 -9.72
C LEU B 753 -49.34 21.88 -11.22
N LYS B 754 -50.17 22.84 -11.63
CA LYS B 754 -50.14 23.33 -13.02
C LYS B 754 -48.77 23.90 -13.45
N LEU B 755 -48.18 24.75 -12.59
CA LEU B 755 -46.87 25.34 -12.86
C LEU B 755 -45.78 24.26 -12.99
N SER B 756 -45.87 23.23 -12.16
CA SER B 756 -44.95 22.09 -12.23
C SER B 756 -45.03 21.36 -13.57
N GLU B 757 -46.26 20.99 -13.94
CA GLU B 757 -46.49 20.21 -15.16
C GLU B 757 -46.19 20.98 -16.46
N ALA B 758 -46.31 22.30 -16.42
CA ALA B 758 -45.98 23.20 -17.55
C ALA B 758 -44.49 23.51 -17.66
N GLY B 759 -43.67 23.02 -16.72
CA GLY B 759 -42.24 23.30 -16.72
C GLY B 759 -41.77 24.63 -16.13
N VAL B 760 -42.69 25.41 -15.58
CA VAL B 760 -42.36 26.75 -15.08
C VAL B 760 -41.44 26.73 -13.82
N LEU B 761 -41.67 25.78 -12.91
CA LEU B 761 -40.82 25.67 -11.73
C LEU B 761 -39.36 25.35 -12.11
N ASP B 762 -39.17 24.41 -13.05
CA ASP B 762 -37.82 24.08 -13.52
C ASP B 762 -37.15 25.26 -14.25
N LYS B 763 -37.94 25.99 -15.04
CA LYS B 763 -37.43 27.18 -15.75
C LYS B 763 -36.92 28.23 -14.77
N LEU B 764 -37.70 28.50 -13.72
CA LEU B 764 -37.28 29.46 -12.69
C LEU B 764 -36.06 29.01 -11.88
N LYS B 765 -35.94 27.72 -11.55
CA LYS B 765 -34.74 27.25 -10.84
C LYS B 765 -33.47 27.43 -11.70
N ASN B 766 -33.55 27.02 -12.97
CA ASN B 766 -32.40 27.21 -13.84
C ASN B 766 -32.01 28.68 -14.03
N LYS B 767 -33.02 29.53 -14.15
CA LYS B 767 -32.79 30.97 -14.30
C LYS B 767 -31.96 31.54 -13.14
N TRP B 768 -32.39 31.29 -11.90
CA TRP B 768 -31.77 31.94 -10.75
C TRP B 768 -30.51 31.26 -10.21
N TRP B 769 -30.33 29.97 -10.49
CA TRP B 769 -29.13 29.25 -10.04
C TRP B 769 -28.02 29.20 -11.09
N TYR B 770 -28.38 28.97 -12.36
CA TYR B 770 -27.37 28.65 -13.38
C TYR B 770 -27.24 29.70 -14.52
N ASP B 771 -28.35 30.19 -15.07
CA ASP B 771 -28.26 31.24 -16.08
C ASP B 771 -27.59 32.53 -15.54
N LYS B 772 -27.90 32.87 -14.30
CA LYS B 772 -27.36 34.07 -13.65
C LYS B 772 -26.11 33.77 -12.83
N GLY B 773 -25.51 32.60 -13.05
CA GLY B 773 -24.32 32.21 -12.33
C GLY B 773 -23.08 32.98 -12.73
N GLU B 774 -22.06 32.91 -11.88
CA GLU B 774 -20.83 33.68 -12.06
C GLU B 774 -19.55 32.86 -12.22
N CYS B 775 -19.70 31.54 -12.22
CA CYS B 775 -18.54 30.63 -12.41
C CYS B 775 -18.88 29.69 -13.58
N GLY B 776 -20.05 29.04 -13.51
CA GLY B 776 -20.49 28.15 -14.59
C GLY B 776 -19.32 27.41 -15.22
N THR B 786 -0.74 10.06 -15.87
CA THR B 786 -0.42 9.40 -14.61
C THR B 786 -0.02 10.41 -13.54
N SER B 787 0.76 9.95 -12.55
CA SER B 787 1.26 10.79 -11.47
C SER B 787 2.78 10.91 -11.54
N ALA B 788 3.31 11.12 -12.74
CA ALA B 788 4.74 11.30 -12.90
C ALA B 788 5.21 12.55 -12.17
N LEU B 789 6.35 12.45 -11.51
CA LEU B 789 6.86 13.57 -10.72
C LEU B 789 7.08 14.78 -11.60
N SER B 790 6.32 15.85 -11.33
CA SER B 790 6.49 17.09 -12.07
C SER B 790 7.75 17.81 -11.64
N LEU B 791 8.21 18.73 -12.49
CA LEU B 791 9.40 19.50 -12.16
C LEU B 791 9.19 20.33 -10.89
N SER B 792 7.95 20.76 -10.64
CA SER B 792 7.67 21.52 -9.43
C SER B 792 7.97 20.72 -8.18
N ASN B 793 7.76 19.39 -8.24
CA ASN B 793 8.02 18.56 -7.08
C ASN B 793 9.52 18.54 -6.73
N VAL B 794 10.37 18.40 -7.74
CA VAL B 794 11.82 18.40 -7.53
C VAL B 794 12.40 19.60 -8.27
N ALA B 795 12.30 20.79 -7.67
CA ALA B 795 12.84 22.01 -8.25
C ALA B 795 13.91 22.65 -7.39
N GLY B 796 14.20 22.11 -6.20
CA GLY B 796 15.22 22.66 -5.35
C GLY B 796 16.57 22.03 -5.61
N VAL B 797 16.56 20.81 -6.15
CA VAL B 797 17.81 20.15 -6.50
C VAL B 797 18.43 20.78 -7.73
N PHE B 798 17.64 21.48 -8.55
CA PHE B 798 18.17 22.14 -9.73
C PHE B 798 18.76 23.50 -9.40
N TYR B 799 18.07 24.28 -8.56
CA TYR B 799 18.61 25.55 -8.11
C TYR B 799 19.94 25.34 -7.37
N ILE B 800 19.97 24.37 -6.44
CA ILE B 800 21.21 24.04 -5.76
C ILE B 800 22.29 23.67 -6.77
N LEU B 801 21.95 22.82 -7.75
CA LEU B 801 22.93 22.40 -8.74
C LEU B 801 23.51 23.59 -9.48
N VAL B 802 22.65 24.43 -10.04
CA VAL B 802 23.14 25.59 -10.80
C VAL B 802 23.83 26.57 -9.86
N GLY B 803 23.32 26.72 -8.63
CA GLY B 803 23.98 27.57 -7.67
C GLY B 803 25.38 27.09 -7.33
N GLY B 804 25.55 25.79 -7.13
CA GLY B 804 26.87 25.24 -6.87
C GLY B 804 27.81 25.42 -8.04
N LEU B 805 27.31 25.23 -9.27
CA LEU B 805 28.12 25.51 -10.45
C LEU B 805 28.53 26.97 -10.51
N GLY B 806 27.61 27.88 -10.16
CA GLY B 806 27.97 29.28 -10.08
C GLY B 806 29.05 29.53 -9.05
N LEU B 807 28.87 29.00 -7.83
CA LEU B 807 29.89 29.14 -6.80
C LEU B 807 31.21 28.53 -7.23
N ALA B 808 31.16 27.36 -7.86
CA ALA B 808 32.39 26.68 -8.26
C ALA B 808 33.21 27.55 -9.21
N MET B 809 32.56 28.10 -10.24
CA MET B 809 33.26 28.96 -11.18
C MET B 809 33.86 30.18 -10.45
N LEU B 810 33.06 30.80 -9.58
CA LEU B 810 33.55 31.97 -8.86
C LEU B 810 34.79 31.65 -8.03
N VAL B 811 34.74 30.54 -7.30
CA VAL B 811 35.89 30.13 -6.49
C VAL B 811 37.12 29.95 -7.38
N ALA B 812 36.94 29.26 -8.51
CA ALA B 812 38.06 29.05 -9.43
C ALA B 812 38.63 30.38 -9.90
N LEU B 813 37.75 31.31 -10.31
CA LEU B 813 38.21 32.59 -10.82
C LEU B 813 38.88 33.42 -9.74
N ILE B 814 38.43 33.30 -8.49
CA ILE B 814 39.08 34.00 -7.38
C ILE B 814 40.51 33.49 -7.21
N GLU B 815 40.67 32.16 -7.20
CA GLU B 815 42.02 31.58 -7.17
C GLU B 815 42.85 32.08 -8.35
N PHE B 816 42.29 32.04 -9.55
CA PHE B 816 43.02 32.47 -10.74
C PHE B 816 43.43 33.94 -10.61
N CYS B 817 42.48 34.81 -10.29
CA CYS B 817 42.78 36.24 -10.19
C CYS B 817 43.88 36.50 -9.18
N TYR B 818 43.80 35.86 -8.01
CA TYR B 818 44.82 36.02 -6.99
C TYR B 818 46.21 35.70 -7.55
N LYS B 819 46.37 34.47 -8.06
CA LYS B 819 47.66 34.05 -8.58
C LYS B 819 48.08 34.91 -9.77
N SER B 820 47.13 35.28 -10.62
CA SER B 820 47.46 36.07 -11.81
C SER B 820 48.06 37.42 -11.42
N ARG B 821 47.45 38.10 -10.45
CA ARG B 821 48.00 39.37 -10.00
C ARG B 821 49.36 39.18 -9.32
N ALA B 822 49.52 38.10 -8.55
CA ALA B 822 50.79 37.82 -7.90
C ALA B 822 51.93 37.81 -8.91
N GLU B 823 51.77 37.05 -9.99
CA GLU B 823 52.77 36.91 -11.05
C GLU B 823 53.69 38.11 -11.19
N ARG C 395 -49.95 5.88 51.53
CA ARG C 395 -48.66 5.80 52.21
C ARG C 395 -47.48 6.00 51.24
N THR C 396 -46.45 6.68 51.71
CA THR C 396 -45.27 6.90 50.91
C THR C 396 -44.43 5.63 50.93
N VAL C 397 -44.08 5.14 49.75
CA VAL C 397 -43.28 3.94 49.59
C VAL C 397 -41.80 4.27 49.83
N VAL C 398 -41.15 3.47 50.67
CA VAL C 398 -39.75 3.71 50.99
C VAL C 398 -38.88 2.89 50.03
N VAL C 399 -38.11 3.59 49.22
CA VAL C 399 -37.22 2.98 48.22
C VAL C 399 -35.79 3.01 48.75
N THR C 400 -35.15 1.85 48.81
CA THR C 400 -33.74 1.78 49.16
C THR C 400 -32.90 1.69 47.88
N THR C 401 -31.81 2.43 47.83
CA THR C 401 -30.95 2.45 46.67
C THR C 401 -29.53 2.78 47.12
N ILE C 402 -28.62 2.95 46.17
CA ILE C 402 -27.21 3.09 46.51
C ILE C 402 -26.57 4.11 45.58
N MET C 403 -25.63 4.89 46.09
CA MET C 403 -24.98 5.92 45.27
C MET C 403 -23.90 5.26 44.41
N GLU C 404 -24.17 5.12 43.13
CA GLU C 404 -23.18 4.62 42.19
C GLU C 404 -23.53 5.20 40.85
N SER C 405 -22.56 5.85 40.21
CA SER C 405 -22.77 6.46 38.91
C SER C 405 -22.83 5.38 37.82
N PRO C 406 -23.73 5.52 36.83
CA PRO C 406 -24.70 6.61 36.61
C PRO C 406 -26.10 6.29 37.10
N TYR C 407 -26.20 5.34 38.04
CA TYR C 407 -27.52 4.87 38.50
C TYR C 407 -28.18 5.88 39.44
N VAL C 408 -27.45 6.29 40.47
CA VAL C 408 -27.91 7.32 41.42
C VAL C 408 -26.73 8.17 41.82
N MET C 409 -26.85 9.49 41.63
CA MET C 409 -25.79 10.44 41.93
C MET C 409 -26.41 11.68 42.59
N TYR C 410 -25.73 12.28 43.56
CA TYR C 410 -26.17 13.55 44.10
C TYR C 410 -25.87 14.66 43.09
N LYS C 411 -26.85 15.51 42.83
CA LYS C 411 -26.68 16.60 41.87
C LYS C 411 -25.65 17.57 42.39
N LYS C 412 -24.94 18.22 41.48
CA LYS C 412 -23.89 19.17 41.84
C LYS C 412 -24.40 20.26 42.79
N ASN C 413 -25.65 20.66 42.59
CA ASN C 413 -26.23 21.75 43.39
C ASN C 413 -27.21 21.27 44.48
N HIS C 414 -27.02 20.03 44.96
CA HIS C 414 -28.03 19.38 45.81
C HIS C 414 -28.33 20.17 47.09
N GLU C 415 -27.39 20.98 47.54
CA GLU C 415 -27.61 21.76 48.76
C GLU C 415 -28.78 22.74 48.61
N MET C 416 -29.15 23.02 47.36
CA MET C 416 -30.25 23.97 47.08
C MET C 416 -31.58 23.25 46.77
N PHE C 417 -31.59 21.93 46.93
CA PHE C 417 -32.72 21.11 46.48
C PHE C 417 -33.22 20.28 47.66
N GLU C 418 -34.37 19.63 47.53
CA GLU C 418 -35.00 18.90 48.63
C GLU C 418 -35.46 17.51 48.18
N GLY C 419 -35.46 16.56 49.11
CA GLY C 419 -36.07 15.26 48.88
C GLY C 419 -35.54 14.55 47.66
N ASN C 420 -36.42 13.97 46.86
CA ASN C 420 -35.97 13.20 45.70
C ASN C 420 -35.20 14.02 44.65
N ASP C 421 -35.50 15.31 44.55
CA ASP C 421 -34.84 16.18 43.57
C ASP C 421 -33.34 16.44 43.83
N LYS C 422 -32.82 15.96 44.96
CA LYS C 422 -31.38 16.02 45.23
C LYS C 422 -30.56 15.06 44.32
N TYR C 423 -31.24 14.05 43.80
CA TYR C 423 -30.60 12.93 43.09
C TYR C 423 -30.94 12.91 41.60
N GLU C 424 -30.02 12.34 40.81
CA GLU C 424 -30.27 12.09 39.37
C GLU C 424 -29.61 10.76 38.94
N GLY C 425 -30.05 10.23 37.80
CA GLY C 425 -29.42 9.05 37.22
C GLY C 425 -30.43 8.06 36.66
N TYR C 426 -29.91 6.97 36.10
CA TYR C 426 -30.74 5.95 35.45
C TYR C 426 -31.80 5.41 36.40
N CYS C 427 -31.40 5.03 37.62
CA CYS C 427 -32.34 4.44 38.59
C CYS C 427 -33.33 5.46 39.18
N VAL C 428 -32.92 6.72 39.26
CA VAL C 428 -33.81 7.82 39.59
C VAL C 428 -34.92 7.99 38.56
N ASP C 429 -34.56 7.99 37.28
CA ASP C 429 -35.53 8.03 36.20
C ASP C 429 -36.43 6.77 36.17
N LEU C 430 -35.85 5.61 36.41
CA LEU C 430 -36.62 4.35 36.40
C LEU C 430 -37.62 4.34 37.55
N ALA C 431 -37.21 4.79 38.72
CA ALA C 431 -38.11 4.83 39.88
C ALA C 431 -39.32 5.73 39.59
N SER C 432 -39.08 6.85 38.92
CA SER C 432 -40.17 7.75 38.60
C SER C 432 -41.16 7.08 37.62
N GLU C 433 -40.63 6.37 36.64
CA GLU C 433 -41.49 5.68 35.65
C GLU C 433 -42.32 4.56 36.29
N ILE C 434 -41.69 3.78 37.16
CA ILE C 434 -42.38 2.71 37.86
C ILE C 434 -43.50 3.26 38.75
N ALA C 435 -43.21 4.31 39.51
CA ALA C 435 -44.20 4.93 40.42
C ALA C 435 -45.39 5.46 39.65
N LYS C 436 -45.13 6.00 38.46
CA LYS C 436 -46.19 6.61 37.67
C LYS C 436 -47.08 5.50 37.14
N HIS C 437 -46.48 4.42 36.67
CA HIS C 437 -47.25 3.31 36.13
C HIS C 437 -48.01 2.56 37.23
N ILE C 438 -47.44 2.49 38.43
CA ILE C 438 -48.05 1.69 39.55
C ILE C 438 -48.94 2.59 40.42
N GLY C 439 -48.87 3.92 40.29
CA GLY C 439 -49.71 4.84 41.06
C GLY C 439 -49.32 5.00 42.53
N ILE C 440 -48.02 5.18 42.83
CA ILE C 440 -47.59 5.46 44.22
C ILE C 440 -46.66 6.66 44.36
N LYS C 441 -46.66 7.29 45.53
CA LYS C 441 -45.67 8.30 45.91
C LYS C 441 -44.52 7.60 46.67
N TYR C 442 -43.30 8.13 46.57
CA TYR C 442 -42.12 7.45 47.11
C TYR C 442 -41.03 8.40 47.62
N LYS C 443 -40.16 7.88 48.47
CA LYS C 443 -39.02 8.61 49.00
C LYS C 443 -37.78 7.77 48.75
N ILE C 444 -36.79 8.36 48.07
CA ILE C 444 -35.52 7.69 47.84
C ILE C 444 -34.67 7.81 49.10
N ALA C 445 -34.23 6.66 49.62
CA ALA C 445 -33.28 6.62 50.75
C ALA C 445 -32.06 5.78 50.36
N ILE C 446 -30.91 6.18 50.88
CA ILE C 446 -29.65 5.54 50.55
C ILE C 446 -29.34 4.52 51.65
N VAL C 447 -29.12 3.27 51.23
CA VAL C 447 -28.84 2.17 52.19
C VAL C 447 -27.72 2.62 53.15
N PRO C 448 -27.84 2.41 54.46
CA PRO C 448 -26.83 2.90 55.40
C PRO C 448 -25.47 2.26 55.29
N ASP C 449 -25.40 0.96 55.02
CA ASP C 449 -24.09 0.30 55.04
C ASP C 449 -23.38 0.30 53.70
N GLY C 450 -23.99 0.91 52.70
CA GLY C 450 -23.44 0.97 51.37
C GLY C 450 -23.26 -0.36 50.65
N LYS C 451 -23.99 -1.40 51.07
CA LYS C 451 -23.84 -2.75 50.48
C LYS C 451 -25.04 -3.20 49.64
N TYR C 452 -24.81 -4.17 48.75
CA TYR C 452 -25.89 -4.65 47.84
C TYR C 452 -26.72 -5.70 48.56
N GLY C 453 -26.12 -6.78 49.03
CA GLY C 453 -26.83 -7.77 49.83
C GLY C 453 -26.20 -9.14 49.85
N ALA C 454 -25.64 -9.45 51.01
CA ALA C 454 -25.07 -10.75 51.26
C ALA C 454 -25.33 -11.17 52.71
N ARG C 455 -25.30 -12.47 52.93
CA ARG C 455 -25.61 -13.07 54.22
C ARG C 455 -24.30 -13.38 54.90
N ASP C 456 -24.06 -12.76 56.05
CA ASP C 456 -22.83 -13.01 56.83
C ASP C 456 -22.70 -14.48 57.22
N ALA C 457 -21.54 -15.08 56.93
CA ALA C 457 -21.32 -16.49 57.16
C ALA C 457 -21.45 -16.85 58.64
N ASP C 458 -21.06 -15.94 59.53
CA ASP C 458 -21.06 -16.21 60.97
C ASP C 458 -22.39 -15.87 61.64
N THR C 459 -22.88 -14.65 61.42
CA THR C 459 -24.10 -14.19 62.08
C THR C 459 -25.36 -14.56 61.31
N LYS C 460 -25.21 -14.90 60.03
CA LYS C 460 -26.35 -15.24 59.16
C LYS C 460 -27.27 -14.07 58.90
N ILE C 461 -26.82 -12.86 59.25
CA ILE C 461 -27.60 -11.65 58.98
C ILE C 461 -27.35 -11.11 57.57
N TRP C 462 -28.43 -10.80 56.86
CA TRP C 462 -28.33 -10.17 55.55
C TRP C 462 -28.00 -8.68 55.69
N ASN C 463 -26.99 -8.22 54.95
CA ASN C 463 -26.61 -6.80 54.90
C ASN C 463 -27.21 -6.09 53.69
N GLY C 464 -26.93 -4.81 53.54
CA GLY C 464 -27.25 -4.11 52.30
C GLY C 464 -28.73 -3.86 52.04
N MET C 465 -29.03 -3.58 50.78
CA MET C 465 -30.40 -3.35 50.33
C MET C 465 -31.24 -4.61 50.52
N VAL C 466 -30.67 -5.78 50.22
CA VAL C 466 -31.39 -7.03 50.48
C VAL C 466 -31.82 -7.09 51.97
N GLY C 467 -30.92 -6.76 52.89
CA GLY C 467 -31.26 -6.78 54.32
C GLY C 467 -32.37 -5.81 54.67
N GLU C 468 -32.35 -4.64 54.03
CA GLU C 468 -33.41 -3.66 54.30
C GLU C 468 -34.78 -4.24 53.96
N LEU C 469 -34.88 -5.02 52.89
CA LEU C 469 -36.13 -5.67 52.51
C LEU C 469 -36.50 -6.84 53.42
N VAL C 470 -35.51 -7.70 53.68
CA VAL C 470 -35.73 -8.92 54.46
C VAL C 470 -36.25 -8.62 55.87
N TYR C 471 -35.69 -7.57 56.48
CA TYR C 471 -36.01 -7.23 57.88
C TYR C 471 -37.14 -6.19 57.99
N GLY C 472 -37.67 -5.76 56.85
CA GLY C 472 -38.90 -4.97 56.82
C GLY C 472 -38.69 -3.47 56.96
N LYS C 473 -37.52 -3.00 56.56
CA LYS C 473 -37.14 -1.61 56.78
C LYS C 473 -37.43 -0.76 55.54
N ALA C 474 -37.53 -1.40 54.38
CA ALA C 474 -37.84 -0.68 53.13
C ALA C 474 -38.87 -1.47 52.33
N GLU C 475 -39.56 -0.80 51.41
CA GLU C 475 -40.66 -1.42 50.64
C GLU C 475 -40.19 -1.92 49.28
N ILE C 476 -39.10 -1.35 48.73
CA ILE C 476 -38.63 -1.73 47.41
C ILE C 476 -37.19 -1.27 47.23
N ALA C 477 -36.43 -2.04 46.47
CA ALA C 477 -35.07 -1.66 46.10
C ALA C 477 -34.99 -1.43 44.59
N ILE C 478 -34.55 -0.23 44.20
CA ILE C 478 -34.37 0.14 42.80
C ILE C 478 -32.92 0.56 42.61
N ALA C 479 -32.12 -0.34 42.04
CA ALA C 479 -30.66 -0.25 42.08
C ALA C 479 -30.03 -1.26 41.12
N PRO C 480 -28.71 -1.16 40.87
CA PRO C 480 -28.03 -2.19 40.07
C PRO C 480 -27.79 -3.47 40.91
N LEU C 481 -28.88 -4.15 41.23
CA LEU C 481 -28.89 -5.31 42.11
C LEU C 481 -29.12 -6.59 41.28
N THR C 482 -28.11 -7.45 41.26
CA THR C 482 -28.14 -8.63 40.41
C THR C 482 -29.04 -9.72 40.97
N ILE C 483 -29.86 -10.30 40.08
CA ILE C 483 -30.67 -11.48 40.42
C ILE C 483 -29.75 -12.69 40.53
N THR C 484 -29.65 -13.22 41.75
CA THR C 484 -28.84 -14.42 42.04
C THR C 484 -29.68 -15.41 42.81
N LEU C 485 -29.28 -16.68 42.80
CA LEU C 485 -30.02 -17.73 43.47
C LEU C 485 -30.21 -17.42 44.96
N VAL C 486 -29.13 -17.09 45.66
CA VAL C 486 -29.28 -16.92 47.11
C VAL C 486 -30.16 -15.73 47.44
N ARG C 487 -30.15 -14.66 46.63
CA ARG C 487 -31.05 -13.53 46.89
C ARG C 487 -32.51 -13.87 46.55
N GLU C 488 -32.74 -14.59 45.46
CA GLU C 488 -34.09 -14.97 45.04
C GLU C 488 -34.77 -15.84 46.11
N GLU C 489 -33.96 -16.54 46.90
CA GLU C 489 -34.49 -17.38 47.97
C GLU C 489 -35.11 -16.57 49.11
N VAL C 490 -34.69 -15.31 49.27
CA VAL C 490 -35.13 -14.49 50.41
C VAL C 490 -35.97 -13.24 50.08
N ILE C 491 -35.93 -12.77 48.83
CA ILE C 491 -36.71 -11.62 48.37
C ILE C 491 -37.34 -11.92 46.99
N ASP C 492 -38.34 -11.12 46.59
CA ASP C 492 -38.92 -11.22 45.25
C ASP C 492 -38.18 -10.28 44.29
N PHE C 493 -38.04 -10.69 43.02
CA PHE C 493 -37.42 -9.88 41.97
C PHE C 493 -38.38 -9.75 40.77
N SER C 494 -38.45 -8.57 40.17
CA SER C 494 -39.01 -8.44 38.83
C SER C 494 -38.18 -9.21 37.82
N LYS C 495 -38.74 -9.46 36.64
CA LYS C 495 -37.89 -9.81 35.51
C LYS C 495 -36.86 -8.69 35.28
N PRO C 496 -35.71 -9.02 34.67
CA PRO C 496 -34.62 -8.04 34.67
C PRO C 496 -34.92 -6.80 33.82
N PHE C 497 -34.49 -5.65 34.31
CA PHE C 497 -34.59 -4.39 33.56
C PHE C 497 -33.31 -4.05 32.76
N MET C 498 -32.21 -4.71 33.06
CA MET C 498 -30.96 -4.52 32.32
C MET C 498 -30.12 -5.78 32.38
N SER C 499 -29.44 -6.10 31.28
CA SER C 499 -28.57 -7.28 31.20
C SER C 499 -27.10 -6.90 31.31
N LEU C 500 -26.29 -7.83 31.77
CA LEU C 500 -24.87 -7.57 31.92
C LEU C 500 -24.10 -8.89 32.02
N GLY C 501 -22.78 -8.77 31.96
CA GLY C 501 -21.91 -9.90 32.26
C GLY C 501 -20.50 -9.42 32.54
N ILE C 502 -19.68 -10.29 33.13
CA ILE C 502 -18.28 -9.98 33.39
C ILE C 502 -17.56 -9.75 32.06
N SER C 503 -16.69 -8.74 32.03
CA SER C 503 -16.08 -8.27 30.79
C SER C 503 -14.65 -7.79 31.05
N ILE C 504 -13.90 -7.61 29.96
CA ILE C 504 -12.50 -7.18 30.03
C ILE C 504 -12.37 -5.71 29.64
N MET C 505 -11.73 -4.93 30.52
CA MET C 505 -11.34 -3.55 30.23
C MET C 505 -9.84 -3.50 29.99
N ILE C 506 -9.46 -2.95 28.84
CA ILE C 506 -8.07 -2.69 28.51
C ILE C 506 -7.81 -1.22 28.26
N LYS C 507 -6.54 -0.86 28.35
CA LYS C 507 -6.09 0.43 27.83
C LYS C 507 -6.02 0.29 26.32
N LYS C 508 -6.50 1.32 25.60
CA LYS C 508 -6.55 1.25 24.12
C LYS C 508 -5.14 1.04 23.56
N LYS C 513 6.14 5.04 21.27
CA LYS C 513 7.35 5.69 20.79
C LYS C 513 8.25 4.71 20.06
N PRO C 514 8.83 5.13 18.94
CA PRO C 514 9.67 4.24 18.14
C PRO C 514 10.98 3.94 18.85
N GLY C 515 11.25 2.65 19.06
CA GLY C 515 12.44 2.23 19.77
C GLY C 515 13.72 2.84 19.23
N VAL C 516 14.74 2.95 20.09
CA VAL C 516 16.04 3.47 19.66
C VAL C 516 16.52 2.72 18.44
N PHE C 517 16.53 1.39 18.52
CA PHE C 517 17.02 0.55 17.42
C PHE C 517 15.84 0.10 16.57
N SER C 518 15.26 1.08 15.87
CA SER C 518 14.12 0.84 14.99
C SER C 518 14.51 0.84 13.53
N PHE C 519 15.80 0.75 13.22
CA PHE C 519 16.28 0.61 11.85
C PHE C 519 16.62 -0.83 11.50
N LEU C 520 16.20 -1.78 12.33
CA LEU C 520 16.44 -3.21 12.09
C LEU C 520 15.14 -3.99 12.05
N ASP C 521 13.99 -3.32 11.97
CA ASP C 521 12.69 -3.96 11.96
C ASP C 521 12.36 -4.56 10.59
N PRO C 522 12.71 -3.88 9.48
CA PRO C 522 12.47 -4.49 8.16
C PRO C 522 12.91 -5.94 8.08
N LEU C 523 14.19 -6.20 8.37
CA LEU C 523 14.71 -7.55 8.36
C LEU C 523 14.62 -8.16 9.75
N ALA C 524 14.40 -9.48 9.79
CA ALA C 524 14.24 -10.17 11.05
C ALA C 524 15.58 -10.32 11.76
N TYR C 525 15.52 -10.65 13.06
CA TYR C 525 16.74 -10.87 13.82
C TYR C 525 17.59 -11.97 13.19
N GLU C 526 16.94 -13.01 12.65
CA GLU C 526 17.69 -14.10 12.03
C GLU C 526 18.48 -13.62 10.83
N ILE C 527 17.83 -12.87 9.94
CA ILE C 527 18.51 -12.33 8.77
C ILE C 527 19.75 -11.55 9.20
N TRP C 528 19.60 -10.69 10.21
CA TRP C 528 20.74 -9.91 10.68
C TRP C 528 21.83 -10.82 11.23
N MET C 529 21.46 -11.80 12.06
CA MET C 529 22.44 -12.75 12.58
C MET C 529 23.10 -13.53 11.45
N CYS C 530 22.31 -13.97 10.47
CA CYS C 530 22.86 -14.77 9.39
C CYS C 530 23.73 -13.95 8.46
N ILE C 531 23.41 -12.67 8.27
CA ILE C 531 24.28 -11.80 7.48
C ILE C 531 25.67 -11.74 8.10
N VAL C 532 25.73 -11.56 9.42
CA VAL C 532 27.02 -11.54 10.11
C VAL C 532 27.76 -12.85 9.90
N PHE C 533 27.05 -13.98 10.01
CA PHE C 533 27.69 -15.28 9.83
C PHE C 533 28.16 -15.46 8.39
N ALA C 534 27.39 -14.95 7.42
CA ALA C 534 27.78 -15.08 6.03
C ALA C 534 28.93 -14.13 5.68
N TYR C 535 28.96 -12.95 6.31
CA TYR C 535 30.06 -12.03 6.09
C TYR C 535 31.39 -12.64 6.51
N ILE C 536 31.44 -13.18 7.74
CA ILE C 536 32.64 -13.87 8.20
C ILE C 536 33.02 -14.99 7.23
N GLY C 537 32.03 -15.82 6.85
CA GLY C 537 32.27 -16.91 5.92
C GLY C 537 32.89 -16.47 4.61
N VAL C 538 32.25 -15.52 3.94
CA VAL C 538 32.77 -15.04 2.66
C VAL C 538 34.20 -14.54 2.81
N SER C 539 34.45 -13.75 3.87
CA SER C 539 35.78 -13.19 4.08
C SER C 539 36.83 -14.30 4.22
N VAL C 540 36.55 -15.30 5.06
CA VAL C 540 37.49 -16.39 5.26
C VAL C 540 37.75 -17.11 3.95
N VAL C 541 36.69 -17.38 3.18
CA VAL C 541 36.86 -18.11 1.92
C VAL C 541 37.64 -17.29 0.92
N LEU C 542 37.35 -15.98 0.83
CA LEU C 542 38.06 -15.13 -0.11
C LEU C 542 39.54 -15.01 0.24
N PHE C 543 39.89 -15.11 1.53
CA PHE C 543 41.29 -15.13 1.91
C PHE C 543 41.94 -16.47 1.56
N LEU C 544 41.25 -17.58 1.80
CA LEU C 544 41.84 -18.89 1.55
C LEU C 544 42.13 -19.09 0.08
N VAL C 545 41.10 -19.00 -0.77
CA VAL C 545 41.26 -19.25 -2.19
C VAL C 545 42.25 -18.28 -2.84
N SER C 546 42.56 -17.17 -2.17
CA SER C 546 43.42 -16.14 -2.76
C SER C 546 44.87 -16.24 -2.34
N ARG C 547 45.15 -16.73 -1.12
CA ARG C 547 46.50 -16.77 -0.62
C ARG C 547 47.01 -18.18 -0.31
N PHE C 548 46.17 -19.20 -0.42
CA PHE C 548 46.60 -20.55 -0.06
C PHE C 548 47.50 -21.19 -1.12
N SER C 549 47.40 -20.75 -2.36
CA SER C 549 48.12 -21.40 -3.45
C SER C 549 49.63 -21.24 -3.26
N PRO C 550 50.39 -22.33 -3.15
CA PRO C 550 51.85 -22.20 -3.02
C PRO C 550 52.54 -21.82 -4.32
N TYR C 551 51.84 -21.84 -5.45
CA TYR C 551 52.45 -21.65 -6.77
C TYR C 551 52.07 -20.31 -7.38
N GLU C 552 51.70 -19.36 -6.52
CA GLU C 552 51.33 -18.01 -6.98
C GLU C 552 52.15 -16.99 -6.20
N TRP C 553 52.98 -17.47 -5.27
CA TRP C 553 53.77 -16.54 -4.42
C TRP C 553 55.03 -16.11 -5.17
N HIS C 554 54.85 -15.42 -6.30
CA HIS C 554 56.01 -14.98 -7.12
C HIS C 554 57.08 -14.35 -6.20
N GLN C 568 56.77 -12.06 -1.61
CA GLN C 568 55.75 -11.16 -2.21
C GLN C 568 54.46 -11.94 -2.45
N PRO C 569 53.35 -11.60 -1.76
CA PRO C 569 52.03 -12.26 -1.99
C PRO C 569 51.56 -11.95 -3.40
N PRO C 570 50.70 -12.80 -4.01
CA PRO C 570 50.15 -12.50 -5.34
C PRO C 570 49.23 -11.29 -5.34
N ASN C 571 48.46 -11.08 -4.26
CA ASN C 571 47.52 -9.98 -4.21
C ASN C 571 47.42 -9.48 -2.77
N GLU C 572 46.66 -8.41 -2.58
CA GLU C 572 46.45 -7.80 -1.27
C GLU C 572 45.14 -8.30 -0.64
N PHE C 573 44.98 -9.61 -0.54
CA PHE C 573 43.74 -10.23 -0.06
C PHE C 573 44.04 -11.17 1.10
N GLY C 574 44.70 -10.65 2.12
CA GLY C 574 44.91 -11.38 3.34
C GLY C 574 43.66 -11.41 4.20
N ILE C 575 43.83 -11.87 5.44
CA ILE C 575 42.68 -12.02 6.32
C ILE C 575 42.13 -10.67 6.76
N PHE C 576 42.93 -9.62 6.68
CA PHE C 576 42.48 -8.29 7.09
C PHE C 576 41.81 -7.54 5.93
N ASN C 577 42.45 -7.55 4.75
CA ASN C 577 41.86 -6.88 3.59
C ASN C 577 40.65 -7.62 3.06
N SER C 578 40.61 -8.95 3.21
CA SER C 578 39.42 -9.70 2.81
C SER C 578 38.21 -9.27 3.62
N LEU C 579 38.38 -9.08 4.93
CA LEU C 579 37.28 -8.60 5.76
C LEU C 579 36.83 -7.22 5.31
N TRP C 580 37.77 -6.33 4.98
CA TRP C 580 37.42 -5.00 4.53
C TRP C 580 36.67 -5.06 3.20
N PHE C 581 37.15 -5.86 2.26
CA PHE C 581 36.46 -5.98 0.96
C PHE C 581 35.04 -6.48 1.15
N SER C 582 34.86 -7.59 1.86
CA SER C 582 33.53 -8.13 2.10
C SER C 582 32.62 -7.11 2.77
N LEU C 583 33.14 -6.45 3.80
CA LEU C 583 32.34 -5.45 4.51
C LEU C 583 31.91 -4.32 3.58
N GLY C 584 32.86 -3.78 2.81
CA GLY C 584 32.52 -2.70 1.88
C GLY C 584 31.53 -3.13 0.82
N ALA C 585 31.65 -4.36 0.32
CA ALA C 585 30.75 -4.81 -0.74
C ALA C 585 29.32 -4.91 -0.26
N PHE C 586 29.11 -5.29 1.01
CA PHE C 586 27.74 -5.37 1.53
C PHE C 586 27.13 -3.98 1.65
N MET C 587 27.91 -3.00 2.11
CA MET C 587 27.42 -1.64 2.31
C MET C 587 27.20 -0.88 1.01
N GLN C 588 27.68 -1.42 -0.12
CA GLN C 588 27.57 -0.76 -1.42
C GLN C 588 28.53 0.42 -1.52
N GLN C 589 29.67 0.29 -0.84
CA GLN C 589 30.73 1.30 -0.85
C GLN C 589 32.06 0.57 -0.82
N GLY C 590 33.14 1.32 -1.00
CA GLY C 590 34.47 0.77 -0.86
C GLY C 590 35.03 0.35 -2.20
N CYS C 591 35.99 1.12 -2.71
CA CYS C 591 36.58 0.86 -4.01
C CYS C 591 38.10 0.70 -3.89
N ASP C 592 38.54 -0.08 -2.90
CA ASP C 592 39.97 -0.25 -2.67
C ASP C 592 40.59 -1.24 -3.65
N ILE C 593 40.15 -2.50 -3.59
CA ILE C 593 40.69 -3.57 -4.44
C ILE C 593 39.55 -4.50 -4.83
N SER C 594 39.76 -5.23 -5.94
CA SER C 594 38.82 -6.24 -6.39
C SER C 594 39.60 -7.46 -6.87
N PRO C 595 39.08 -8.67 -6.63
CA PRO C 595 39.83 -9.89 -6.97
C PRO C 595 40.28 -9.94 -8.42
N ARG C 596 41.35 -10.70 -8.69
CA ARG C 596 41.89 -10.87 -10.03
C ARG C 596 42.12 -12.34 -10.36
N SER C 597 41.33 -13.23 -9.77
CA SER C 597 41.50 -14.66 -9.96
C SER C 597 40.13 -15.33 -10.05
N LEU C 598 40.00 -16.28 -10.97
CA LEU C 598 38.74 -17.01 -11.14
C LEU C 598 38.23 -17.51 -9.79
N SER C 599 39.10 -18.13 -9.00
CA SER C 599 38.69 -18.63 -7.69
C SER C 599 38.19 -17.49 -6.81
N GLY C 600 38.92 -16.36 -6.78
CA GLY C 600 38.54 -15.24 -5.96
C GLY C 600 37.45 -14.36 -6.52
N ARG C 601 37.09 -14.56 -7.79
CA ARG C 601 36.03 -13.78 -8.42
C ARG C 601 34.67 -14.45 -8.34
N ILE C 602 34.63 -15.77 -8.16
CA ILE C 602 33.36 -16.44 -7.90
C ILE C 602 32.81 -16.01 -6.55
N VAL C 603 33.66 -15.98 -5.52
CA VAL C 603 33.23 -15.49 -4.21
C VAL C 603 32.74 -14.06 -4.33
N GLY C 604 33.52 -13.19 -4.97
CA GLY C 604 33.10 -11.82 -5.17
C GLY C 604 31.73 -11.72 -5.81
N GLY C 605 31.52 -12.43 -6.92
CA GLY C 605 30.26 -12.29 -7.65
C GLY C 605 29.07 -12.73 -6.82
N VAL C 606 29.20 -13.88 -6.15
CA VAL C 606 28.10 -14.38 -5.34
C VAL C 606 27.83 -13.44 -4.17
N TRP C 607 28.89 -12.93 -3.54
CA TRP C 607 28.72 -11.98 -2.45
C TRP C 607 28.02 -10.71 -2.92
N TRP C 608 28.37 -10.23 -4.11
CA TRP C 608 27.70 -9.05 -4.65
C TRP C 608 26.23 -9.31 -4.93
N PHE C 609 25.90 -10.51 -5.43
CA PHE C 609 24.50 -10.85 -5.64
C PHE C 609 23.74 -10.93 -4.32
N PHE C 610 24.30 -11.63 -3.34
CA PHE C 610 23.68 -11.67 -2.01
C PHE C 610 23.41 -10.27 -1.49
N THR C 611 24.43 -9.41 -1.52
CA THR C 611 24.26 -8.04 -1.05
C THR C 611 23.11 -7.34 -1.74
N LEU C 612 23.11 -7.34 -3.07
CA LEU C 612 22.06 -6.68 -3.84
C LEU C 612 20.68 -7.06 -3.33
N ILE C 613 20.39 -8.37 -3.32
CA ILE C 613 19.09 -8.84 -2.84
C ILE C 613 18.80 -8.31 -1.44
N ILE C 614 19.73 -8.55 -0.51
CA ILE C 614 19.48 -8.19 0.89
C ILE C 614 19.28 -6.68 1.02
N ILE C 615 20.11 -5.88 0.36
CA ILE C 615 20.00 -4.44 0.50
C ILE C 615 18.71 -3.94 -0.13
N SER C 616 18.31 -4.52 -1.26
CA SER C 616 17.03 -4.19 -1.85
C SER C 616 15.87 -4.59 -0.95
N SER C 617 15.99 -5.76 -0.29
CA SER C 617 14.95 -6.22 0.62
C SER C 617 14.76 -5.23 1.77
N TYR C 618 15.86 -4.71 2.32
CA TYR C 618 15.73 -3.76 3.43
C TYR C 618 15.13 -2.44 2.96
N THR C 619 15.48 -2.00 1.75
CA THR C 619 14.97 -0.74 1.23
C THR C 619 13.53 -0.86 0.76
N ALA C 620 13.06 -2.07 0.48
CA ALA C 620 11.70 -2.30 0.02
C ALA C 620 10.75 -2.60 1.18
N ASN C 621 11.17 -3.47 2.10
CA ASN C 621 10.35 -3.77 3.26
C ASN C 621 10.23 -2.58 4.19
N LEU C 622 11.26 -1.74 4.26
CA LEU C 622 11.16 -0.51 5.05
C LEU C 622 10.07 0.40 4.50
N ALA C 623 10.01 0.54 3.17
CA ALA C 623 8.98 1.40 2.58
C ALA C 623 7.58 0.86 2.83
N ALA C 624 7.46 -0.46 3.01
CA ALA C 624 6.17 -1.04 3.37
C ALA C 624 5.77 -0.65 4.79
N PHE C 625 6.72 -0.68 5.72
CA PHE C 625 6.42 -0.30 7.10
C PHE C 625 5.94 1.14 7.17
N LEU C 626 6.71 2.06 6.57
CA LEU C 626 6.34 3.47 6.59
C LEU C 626 4.98 3.68 5.93
N THR C 627 4.77 3.09 4.76
CA THR C 627 3.54 3.33 4.01
C THR C 627 2.33 2.75 4.72
N VAL C 628 2.50 1.66 5.45
CA VAL C 628 1.41 0.97 6.14
C VAL C 628 1.70 1.05 7.63
N GLU C 629 1.05 1.99 8.31
CA GLU C 629 1.25 2.20 9.75
C GLU C 629 1.27 0.87 10.50
N ARG C 630 2.39 0.61 11.17
CA ARG C 630 2.55 -0.62 11.95
C ARG C 630 2.10 -0.38 13.39
N MET C 631 0.79 -0.29 13.58
CA MET C 631 0.23 -0.15 14.95
C MET C 631 -0.27 -1.52 15.41
N VAL C 632 0.33 -2.08 16.48
CA VAL C 632 -0.04 -3.45 16.94
C VAL C 632 -1.45 -3.42 17.54
N SER C 633 -2.15 -4.57 17.52
CA SER C 633 -3.53 -4.64 18.08
C SER C 633 -3.74 -6.01 18.76
N PRO C 634 -3.21 -6.24 19.98
CA PRO C 634 -3.41 -7.52 20.72
C PRO C 634 -4.65 -7.46 21.61
N ILE C 635 -4.88 -8.51 22.40
CA ILE C 635 -6.06 -8.53 23.32
C ILE C 635 -5.60 -9.06 24.69
N SER C 637 -10.65 -13.09 24.95
CA SER C 637 -12.01 -13.71 24.98
C SER C 637 -11.94 -14.86 25.99
N ALA C 638 -11.15 -14.72 27.06
CA ALA C 638 -10.84 -15.71 28.10
C ALA C 638 -9.73 -16.57 27.49
N GLU C 639 -9.70 -16.60 26.16
CA GLU C 639 -8.71 -17.44 25.45
C GLU C 639 -7.36 -16.71 25.41
N ASP C 640 -7.38 -15.39 25.28
CA ASP C 640 -6.10 -14.68 25.13
C ASP C 640 -5.43 -14.36 26.47
N LEU C 641 -6.17 -13.79 27.44
CA LEU C 641 -5.57 -13.45 28.73
C LEU C 641 -5.02 -14.69 29.41
N ALA C 642 -5.80 -15.77 29.38
CA ALA C 642 -5.49 -16.98 30.15
C ALA C 642 -4.21 -17.64 29.70
N LYS C 643 -3.83 -17.40 28.47
CA LYS C 643 -2.74 -18.12 27.86
C LYS C 643 -1.41 -17.38 28.01
N GLN C 644 -1.42 -16.26 28.74
CA GLN C 644 -0.21 -15.43 28.86
C GLN C 644 -0.13 -14.76 30.23
N THR C 645 1.02 -14.14 30.53
CA THR C 645 1.19 -13.44 31.82
C THR C 645 1.85 -12.06 31.72
N GLU C 646 2.38 -11.73 30.54
CA GLU C 646 3.00 -10.41 30.30
C GLU C 646 2.04 -9.27 30.64
N ILE C 647 0.79 -9.42 30.22
CA ILE C 647 -0.27 -8.48 30.58
C ILE C 647 -0.98 -9.04 31.78
N ALA C 648 -0.78 -8.40 32.93
CA ALA C 648 -1.40 -8.87 34.19
C ALA C 648 -2.89 -8.53 34.18
N TYR C 649 -3.67 -9.23 34.99
CA TYR C 649 -5.13 -9.03 34.99
C TYR C 649 -5.74 -9.43 36.31
N GLY C 650 -6.76 -8.69 36.74
CA GLY C 650 -7.39 -8.94 38.01
C GLY C 650 -8.77 -8.38 38.16
N THR C 651 -9.26 -8.42 39.40
CA THR C 651 -10.63 -8.06 39.76
C THR C 651 -10.62 -7.26 41.06
N LEU C 652 -11.79 -6.79 41.45
CA LEU C 652 -12.01 -6.31 42.81
C LEU C 652 -11.58 -7.38 43.84
N ASP C 653 -11.01 -6.95 44.96
CA ASP C 653 -10.46 -7.87 45.98
C ASP C 653 -11.56 -8.57 46.79
N SER C 654 -12.80 -8.22 46.51
CA SER C 654 -13.94 -8.83 47.18
C SER C 654 -15.15 -8.69 46.27
N GLY C 655 -16.22 -9.41 46.57
CA GLY C 655 -17.42 -9.30 45.78
C GLY C 655 -17.61 -10.36 44.69
N SER C 656 -18.61 -10.09 43.86
CA SER C 656 -19.18 -11.07 42.95
C SER C 656 -18.27 -11.49 41.80
N THR C 657 -17.43 -10.59 41.31
CA THR C 657 -16.56 -10.97 40.19
C THR C 657 -15.43 -11.90 40.63
N LYS C 658 -14.80 -11.58 41.76
CA LYS C 658 -13.77 -12.48 42.30
C LYS C 658 -14.40 -13.84 42.64
N GLU C 659 -15.59 -13.81 43.24
CA GLU C 659 -16.28 -15.03 43.61
C GLU C 659 -16.59 -15.89 42.38
N PHE C 660 -16.94 -15.26 41.25
CA PHE C 660 -17.21 -15.98 40.00
C PHE C 660 -16.01 -16.85 39.61
N PHE C 661 -14.83 -16.25 39.59
CA PHE C 661 -13.64 -16.99 39.27
C PHE C 661 -13.30 -18.06 40.36
N ARG C 662 -13.36 -17.69 41.63
CA ARG C 662 -13.10 -18.63 42.75
C ARG C 662 -13.94 -19.89 42.65
N ARG C 663 -15.20 -19.77 42.23
CA ARG C 663 -16.13 -20.89 42.19
C ARG C 663 -16.17 -21.62 40.85
N SER C 664 -15.65 -21.03 39.78
CA SER C 664 -15.92 -21.60 38.44
C SER C 664 -15.33 -22.99 38.25
N LYS C 665 -16.09 -23.88 37.62
CA LYS C 665 -15.58 -25.18 37.18
C LYS C 665 -15.23 -25.19 35.68
N ILE C 666 -15.34 -24.05 35.01
CA ILE C 666 -15.04 -23.98 33.57
C ILE C 666 -13.54 -23.83 33.37
N ALA C 667 -12.94 -24.64 32.50
CA ALA C 667 -11.48 -24.70 32.36
C ALA C 667 -10.76 -23.37 32.19
N VAL C 668 -11.23 -22.54 31.24
CA VAL C 668 -10.53 -21.28 30.98
C VAL C 668 -10.59 -20.38 32.21
N TYR C 669 -11.73 -20.34 32.91
CA TYR C 669 -11.89 -19.43 34.05
C TYR C 669 -11.19 -19.95 35.32
N GLU C 670 -11.14 -21.28 35.44
CA GLU C 670 -10.36 -21.96 36.49
C GLU C 670 -8.85 -21.64 36.38
N LYS C 671 -8.35 -21.69 35.15
CA LYS C 671 -6.96 -21.31 34.88
C LYS C 671 -6.67 -19.85 35.23
N MET C 672 -7.62 -18.99 34.90
CA MET C 672 -7.49 -17.58 35.19
C MET C 672 -7.48 -17.35 36.70
N TRP C 673 -8.33 -18.08 37.43
CA TRP C 673 -8.40 -17.97 38.90
C TRP C 673 -7.08 -18.39 39.52
N THR C 674 -6.54 -19.51 39.05
CA THR C 674 -5.27 -19.98 39.60
C THR C 674 -4.16 -18.96 39.39
N TYR C 675 -4.13 -18.37 38.20
CA TYR C 675 -3.18 -17.30 37.91
C TYR C 675 -3.38 -16.07 38.82
N MET C 676 -4.61 -15.59 38.94
CA MET C 676 -4.86 -14.37 39.70
C MET C 676 -4.54 -14.56 41.20
N ARG C 677 -4.91 -15.73 41.74
CA ARG C 677 -4.72 -15.99 43.16
C ARG C 677 -3.23 -16.01 43.51
N SER C 678 -2.40 -16.44 42.55
CA SER C 678 -0.98 -16.65 42.81
C SER C 678 -0.07 -15.55 42.25
N ALA C 679 -0.63 -14.61 41.51
CA ALA C 679 0.16 -13.55 40.87
C ALA C 679 0.73 -12.58 41.89
N GLU C 680 1.97 -12.13 41.64
CA GLU C 680 2.63 -11.15 42.51
C GLU C 680 3.28 -10.07 41.66
N PRO C 681 3.16 -8.79 42.06
CA PRO C 681 2.35 -8.30 43.19
C PRO C 681 0.86 -8.48 42.92
N SER C 682 0.03 -8.27 43.94
CA SER C 682 -1.40 -8.53 43.85
C SER C 682 -2.03 -7.93 42.63
N VAL C 683 -2.85 -8.71 41.93
CA VAL C 683 -3.61 -8.19 40.79
C VAL C 683 -4.99 -7.70 41.21
N PHE C 684 -5.32 -7.80 42.49
CA PHE C 684 -6.62 -7.37 42.98
C PHE C 684 -6.56 -5.90 43.42
N THR C 685 -7.71 -5.22 43.38
CA THR C 685 -7.80 -3.81 43.76
C THR C 685 -8.95 -3.62 44.74
N ARG C 686 -8.88 -2.59 45.57
CA ARG C 686 -9.89 -2.40 46.62
C ARG C 686 -11.17 -1.78 46.07
N THR C 687 -11.06 -0.89 45.08
CA THR C 687 -12.22 -0.21 44.52
C THR C 687 -12.22 -0.18 42.99
N THR C 688 -13.38 0.14 42.41
CA THR C 688 -13.53 0.26 40.95
C THR C 688 -12.62 1.39 40.48
N ALA C 689 -12.53 2.49 41.21
CA ALA C 689 -11.71 3.63 40.79
C ALA C 689 -10.25 3.19 40.70
N GLU C 690 -9.83 2.34 41.62
CA GLU C 690 -8.45 1.89 41.66
C GLU C 690 -8.13 0.96 40.50
N GLY C 691 -9.09 0.13 40.12
CA GLY C 691 -8.96 -0.73 38.95
C GLY C 691 -8.80 0.07 37.67
N VAL C 692 -9.65 1.10 37.51
CA VAL C 692 -9.62 1.95 36.34
C VAL C 692 -8.31 2.72 36.26
N ALA C 693 -7.88 3.31 37.38
CA ALA C 693 -6.62 4.06 37.39
C ALA C 693 -5.43 3.15 37.05
N ARG C 694 -5.47 1.91 37.54
CA ARG C 694 -4.41 0.93 37.27
C ARG C 694 -4.34 0.60 35.78
N VAL C 695 -5.50 0.42 35.14
CA VAL C 695 -5.52 0.20 33.71
C VAL C 695 -4.86 1.40 33.00
N ARG C 696 -5.28 2.60 33.40
CA ARG C 696 -4.83 3.82 32.73
C ARG C 696 -3.36 4.13 32.94
N LYS C 697 -2.78 3.69 34.06
CA LYS C 697 -1.40 4.06 34.38
C LYS C 697 -0.37 2.96 34.09
N SER C 698 -0.81 1.80 33.63
CA SER C 698 0.07 0.64 33.52
C SER C 698 0.60 0.39 32.10
N LYS C 699 0.43 1.36 31.21
CA LYS C 699 1.02 1.30 29.87
C LYS C 699 0.64 0.06 29.08
N GLY C 700 -0.57 -0.44 29.28
CA GLY C 700 -1.07 -1.61 28.56
C GLY C 700 -0.74 -2.94 29.23
N LYS C 701 -0.18 -2.89 30.46
CA LYS C 701 0.25 -4.12 31.13
C LYS C 701 -0.68 -4.58 32.25
N PHE C 702 -1.88 -3.98 32.31
CA PHE C 702 -2.91 -4.40 33.24
C PHE C 702 -4.26 -4.35 32.56
N ALA C 703 -5.02 -5.44 32.69
CA ALA C 703 -6.42 -5.50 32.25
C ALA C 703 -7.30 -5.76 33.46
N PHE C 704 -8.51 -5.18 33.47
CA PHE C 704 -9.37 -5.20 34.65
C PHE C 704 -10.66 -5.92 34.29
N LEU C 705 -11.06 -6.88 35.10
CA LEU C 705 -12.29 -7.65 34.86
C LEU C 705 -13.41 -7.09 35.71
N LEU C 706 -14.50 -6.66 35.08
CA LEU C 706 -15.63 -6.02 35.78
C LEU C 706 -16.94 -6.15 34.99
N GLU C 707 -18.05 -5.71 35.58
CA GLU C 707 -19.35 -5.78 34.91
C GLU C 707 -19.39 -4.95 33.61
N SER C 708 -20.02 -5.50 32.56
CA SER C 708 -20.04 -4.87 31.23
C SER C 708 -20.67 -3.49 31.25
N THR C 709 -21.69 -3.32 32.08
CA THR C 709 -22.35 -2.02 32.22
C THR C 709 -21.39 -0.92 32.73
N MET C 710 -20.56 -1.24 33.71
CA MET C 710 -19.57 -0.26 34.20
C MET C 710 -18.46 -0.06 33.17
N ASN C 711 -18.01 -1.14 32.55
CA ASN C 711 -16.99 -1.06 31.50
C ASN C 711 -17.44 -0.10 30.38
N GLU C 712 -18.69 -0.26 29.93
CA GLU C 712 -19.32 0.60 28.92
C GLU C 712 -19.39 2.08 29.35
N TYR C 713 -19.71 2.28 30.62
CA TYR C 713 -19.84 3.63 31.15
C TYR C 713 -18.48 4.34 31.13
N ILE C 714 -17.45 3.62 31.60
CA ILE C 714 -16.10 4.18 31.68
C ILE C 714 -15.52 4.40 30.29
N GLU C 715 -15.87 3.54 29.34
CA GLU C 715 -15.48 3.76 27.94
C GLU C 715 -15.98 5.14 27.43
N GLN C 716 -17.04 5.68 28.06
CA GLN C 716 -17.54 7.02 27.72
C GLN C 716 -17.11 8.18 28.67
N ARG C 717 -16.09 7.95 29.47
CA ARG C 717 -15.55 9.01 30.33
C ARG C 717 -14.22 9.47 29.78
N LYS C 718 -13.97 10.78 29.79
CA LYS C 718 -12.62 11.30 29.53
C LYS C 718 -11.62 10.65 30.48
N PRO C 719 -10.38 10.43 30.03
CA PRO C 719 -9.78 10.83 28.75
C PRO C 719 -9.97 9.85 27.57
N CYS C 720 -10.98 9.00 27.62
CA CYS C 720 -11.30 8.14 26.49
C CYS C 720 -10.13 7.21 26.07
N ASP C 721 -9.49 6.57 27.04
CA ASP C 721 -8.31 5.75 26.78
C ASP C 721 -8.51 4.28 27.17
N THR C 722 -9.72 3.92 27.59
CA THR C 722 -10.07 2.53 27.92
C THR C 722 -11.13 2.04 26.95
N MET C 723 -11.25 0.71 26.84
CA MET C 723 -12.28 0.10 26.03
C MET C 723 -12.61 -1.32 26.48
N LYS C 724 -13.85 -1.72 26.24
CA LYS C 724 -14.30 -3.09 26.50
C LYS C 724 -13.91 -3.98 25.32
N VAL C 725 -13.30 -5.15 25.56
CA VAL C 725 -12.96 -6.04 24.44
C VAL C 725 -13.48 -7.44 24.67
N GLY C 726 -13.86 -8.09 23.58
CA GLY C 726 -14.31 -9.48 23.60
C GLY C 726 -15.74 -9.67 24.04
N GLY C 727 -16.18 -10.92 24.01
CA GLY C 727 -17.51 -11.25 24.49
C GLY C 727 -17.53 -11.25 26.01
N ASN C 728 -18.73 -11.17 26.57
CA ASN C 728 -18.89 -11.30 28.00
C ASN C 728 -18.56 -12.74 28.47
N LEU C 729 -18.07 -12.87 29.69
CA LEU C 729 -17.70 -14.18 30.24
C LEU C 729 -18.90 -14.94 30.86
N ASP C 730 -19.94 -14.20 31.27
CA ASP C 730 -21.18 -14.79 31.80
C ASP C 730 -22.35 -13.88 31.45
N SER C 731 -23.53 -14.26 31.91
CA SER C 731 -24.75 -13.50 31.64
C SER C 731 -25.66 -13.48 32.86
N LYS C 732 -26.13 -12.29 33.22
CA LYS C 732 -27.06 -12.09 34.34
C LYS C 732 -27.82 -10.78 34.15
N GLY C 733 -28.71 -10.47 35.10
CA GLY C 733 -29.56 -9.30 34.97
C GLY C 733 -29.81 -8.62 36.29
N TYR C 734 -30.01 -7.29 36.25
CA TYR C 734 -30.44 -6.54 37.42
C TYR C 734 -31.97 -6.59 37.51
N GLY C 735 -32.50 -6.75 38.71
CA GLY C 735 -33.96 -6.69 38.91
C GLY C 735 -34.39 -5.77 40.04
N VAL C 736 -35.67 -5.36 40.00
CA VAL C 736 -36.25 -4.58 41.09
C VAL C 736 -36.69 -5.58 42.15
N ALA C 737 -36.31 -5.31 43.41
CA ALA C 737 -36.58 -6.27 44.49
C ALA C 737 -37.63 -5.75 45.49
N THR C 738 -38.12 -6.71 46.24
CA THR C 738 -39.09 -6.31 47.21
C THR C 738 -39.18 -7.29 48.35
N PRO C 739 -40.10 -7.04 49.30
CA PRO C 739 -40.49 -7.81 50.56
C PRO C 739 -41.52 -9.05 50.52
N LYS C 740 -41.11 -10.30 50.80
CA LYS C 740 -41.57 -11.65 50.41
C LYS C 740 -43.01 -11.60 50.14
N GLY C 741 -43.48 -11.95 48.91
CA GLY C 741 -44.92 -11.95 49.09
C GLY C 741 -45.56 -10.56 49.12
N SER C 742 -44.78 -9.52 48.86
CA SER C 742 -45.31 -8.17 48.84
C SER C 742 -46.27 -7.97 47.66
N SER C 743 -47.40 -7.35 47.94
CA SER C 743 -48.39 -7.11 46.89
C SER C 743 -47.85 -6.17 45.82
N LEU C 744 -46.94 -5.28 46.20
CA LEU C 744 -46.36 -4.35 45.26
C LEU C 744 -45.61 -5.02 44.11
N ARG C 745 -45.14 -6.24 44.32
CA ARG C 745 -44.22 -6.90 43.36
C ARG C 745 -44.88 -7.33 42.04
N THR C 746 -46.18 -7.65 42.03
CA THR C 746 -46.95 -8.01 40.80
C THR C 746 -47.23 -6.83 39.88
N PRO C 747 -47.48 -5.58 40.35
CA PRO C 747 -47.58 -4.43 39.46
C PRO C 747 -46.21 -3.87 39.06
N VAL C 748 -45.19 -4.05 39.92
CA VAL C 748 -43.80 -3.58 39.67
C VAL C 748 -43.25 -4.36 38.48
N ASN C 749 -43.46 -5.68 38.47
CA ASN C 749 -42.98 -6.54 37.41
C ASN C 749 -43.67 -6.23 36.06
N LEU C 750 -44.98 -6.03 36.09
CA LEU C 750 -45.70 -5.72 34.85
C LEU C 750 -45.20 -4.39 34.28
N ALA C 751 -44.88 -3.44 35.17
CA ALA C 751 -44.38 -2.14 34.73
C ALA C 751 -43.02 -2.25 34.03
N VAL C 752 -42.11 -3.05 34.60
CA VAL C 752 -40.84 -3.31 33.95
C VAL C 752 -41.02 -3.92 32.54
N LEU C 753 -41.86 -4.94 32.42
CA LEU C 753 -42.12 -5.56 31.14
C LEU C 753 -42.71 -4.54 30.15
N LYS C 754 -43.61 -3.68 30.62
CA LYS C 754 -44.21 -2.67 29.73
C LYS C 754 -43.16 -1.63 29.27
N LEU C 755 -42.37 -1.15 30.21
CA LEU C 755 -41.36 -0.14 29.90
C LEU C 755 -40.35 -0.73 28.92
N SER C 756 -40.05 -2.02 29.07
CA SER C 756 -39.17 -2.66 28.09
C SER C 756 -39.78 -2.69 26.69
N GLU C 757 -41.02 -3.16 26.59
CA GLU C 757 -41.64 -3.31 25.30
C GLU C 757 -41.86 -1.97 24.59
N ALA C 758 -42.05 -0.92 25.37
CA ALA C 758 -42.24 0.43 24.83
C ALA C 758 -40.93 1.11 24.42
N GLY C 759 -39.81 0.46 24.72
CA GLY C 759 -38.51 0.97 24.34
C GLY C 759 -37.94 1.99 25.34
N VAL C 760 -38.60 2.17 26.47
CA VAL C 760 -38.20 3.20 27.45
C VAL C 760 -36.90 2.81 28.19
N LEU C 761 -36.69 1.52 28.47
CA LEU C 761 -35.47 1.11 29.14
C LEU C 761 -34.27 1.35 28.20
N ASP C 762 -34.45 1.08 26.91
CA ASP C 762 -33.38 1.34 25.96
C ASP C 762 -33.13 2.85 25.89
N LYS C 763 -34.18 3.65 25.96
CA LYS C 763 -34.02 5.12 25.91
C LYS C 763 -33.22 5.60 27.14
N LEU C 764 -33.48 5.01 28.30
CA LEU C 764 -32.79 5.45 29.52
C LEU C 764 -31.33 5.03 29.54
N LYS C 765 -31.02 3.84 29.03
CA LYS C 765 -29.63 3.45 28.95
C LYS C 765 -28.88 4.36 27.97
N ASN C 766 -29.49 4.66 26.83
CA ASN C 766 -28.83 5.57 25.88
C ASN C 766 -28.59 6.96 26.48
N LYS C 767 -29.56 7.46 27.26
CA LYS C 767 -29.46 8.78 27.86
C LYS C 767 -28.25 8.85 28.78
N TRP C 768 -28.14 7.90 29.71
CA TRP C 768 -27.13 8.03 30.76
C TRP C 768 -25.71 7.58 30.32
N TRP C 769 -25.62 6.68 29.34
CA TRP C 769 -24.33 6.16 28.87
C TRP C 769 -23.78 6.91 27.66
N TYR C 770 -24.66 7.28 26.73
CA TYR C 770 -24.24 7.79 25.41
C TYR C 770 -24.57 9.25 25.15
N ASP C 771 -25.83 9.65 25.32
CA ASP C 771 -26.18 11.09 25.19
C ASP C 771 -25.35 11.94 26.15
N LYS C 772 -25.16 11.46 27.37
CA LYS C 772 -24.35 12.15 28.37
C LYS C 772 -22.91 11.63 28.40
N GLY C 773 -22.51 10.89 27.35
CA GLY C 773 -21.14 10.39 27.25
C GLY C 773 -20.18 11.45 26.77
N GLU C 774 -18.88 11.26 27.03
CA GLU C 774 -17.87 12.28 26.74
C GLU C 774 -16.91 11.90 25.59
N CYS C 775 -17.07 10.71 25.00
CA CYS C 775 -16.05 10.20 24.05
C CYS C 775 -16.52 9.94 22.62
N GLY C 776 -17.71 10.40 22.27
CA GLY C 776 -18.18 10.26 20.90
C GLY C 776 -18.60 8.83 20.59
N LYS C 785 -2.64 10.88 5.47
CA LYS C 785 -1.35 11.41 5.05
C LYS C 785 -0.20 10.75 5.81
N THR C 786 1.03 11.03 5.38
CA THR C 786 2.22 10.48 6.01
C THR C 786 3.03 11.59 6.67
N SER C 787 3.84 11.20 7.64
CA SER C 787 4.71 12.11 8.37
C SER C 787 6.15 11.94 7.92
N ALA C 788 7.00 12.88 8.34
CA ALA C 788 8.41 12.87 8.00
C ALA C 788 9.20 12.24 9.14
N LEU C 789 10.07 11.29 8.79
CA LEU C 789 10.87 10.61 9.80
C LEU C 789 11.53 11.60 10.74
N SER C 790 11.45 11.32 12.04
CA SER C 790 12.04 12.16 13.06
C SER C 790 13.30 11.51 13.62
N LEU C 791 14.10 12.32 14.33
CA LEU C 791 15.33 11.81 14.90
C LEU C 791 15.06 10.63 15.82
N SER C 792 13.90 10.58 16.45
CA SER C 792 13.56 9.47 17.34
C SER C 792 13.50 8.16 16.57
N ASN C 793 13.09 8.19 15.30
CA ASN C 793 12.96 6.96 14.53
C ASN C 793 14.33 6.39 14.17
N VAL C 794 15.19 7.22 13.59
CA VAL C 794 16.55 6.80 13.29
C VAL C 794 17.47 7.31 14.38
N ALA C 795 17.43 6.65 15.54
CA ALA C 795 18.21 7.06 16.70
C ALA C 795 19.40 6.16 16.99
N GLY C 796 19.28 4.86 16.72
CA GLY C 796 20.38 3.95 16.98
C GLY C 796 21.49 4.00 15.94
N VAL C 797 21.31 4.77 14.87
CA VAL C 797 22.36 4.91 13.86
C VAL C 797 23.30 6.06 14.19
N PHE C 798 22.91 6.97 15.09
CA PHE C 798 23.80 8.02 15.54
C PHE C 798 24.58 7.63 16.80
N TYR C 799 24.01 6.74 17.62
CA TYR C 799 24.76 6.19 18.74
C TYR C 799 25.86 5.25 18.26
N ILE C 800 25.51 4.34 17.35
CA ILE C 800 26.51 3.48 16.74
C ILE C 800 27.62 4.32 16.13
N LEU C 801 27.25 5.31 15.31
CA LEU C 801 28.25 6.15 14.67
C LEU C 801 29.14 6.83 15.71
N VAL C 802 28.53 7.46 16.71
CA VAL C 802 29.32 8.14 17.72
C VAL C 802 30.10 7.14 18.56
N GLY C 803 29.48 6.01 18.89
CA GLY C 803 30.21 4.97 19.60
C GLY C 803 31.35 4.40 18.78
N GLY C 804 31.15 4.26 17.48
CA GLY C 804 32.22 3.79 16.60
C GLY C 804 33.36 4.78 16.52
N LEU C 805 33.05 6.07 16.39
CA LEU C 805 34.09 7.09 16.39
C LEU C 805 34.90 7.04 17.68
N GLY C 806 34.23 6.89 18.82
CA GLY C 806 34.96 6.72 20.07
C GLY C 806 35.86 5.51 20.05
N LEU C 807 35.34 4.38 19.61
CA LEU C 807 36.14 3.15 19.54
C LEU C 807 37.33 3.33 18.60
N ALA C 808 37.13 4.04 17.49
CA ALA C 808 38.21 4.25 16.54
C ALA C 808 39.35 5.02 17.17
N MET C 809 39.04 6.15 17.81
CA MET C 809 40.08 6.92 18.49
C MET C 809 40.78 6.08 19.55
N LEU C 810 40.02 5.32 20.33
CA LEU C 810 40.63 4.51 21.38
C LEU C 810 41.64 3.52 20.79
N VAL C 811 41.24 2.79 19.76
CA VAL C 811 42.15 1.87 19.09
C VAL C 811 43.41 2.61 18.64
N ALA C 812 43.21 3.76 17.98
CA ALA C 812 44.35 4.54 17.51
C ALA C 812 45.25 4.96 18.67
N LEU C 813 44.66 5.50 19.74
CA LEU C 813 45.46 6.01 20.85
C LEU C 813 46.23 4.88 21.53
N ILE C 814 45.59 3.73 21.73
CA ILE C 814 46.26 2.62 22.39
C ILE C 814 47.45 2.14 21.56
N GLU C 815 47.27 2.07 20.24
CA GLU C 815 48.39 1.73 19.36
C GLU C 815 49.52 2.75 19.50
N PHE C 816 49.18 4.03 19.48
CA PHE C 816 50.19 5.08 19.63
C PHE C 816 50.82 5.05 21.02
N CYS C 817 50.00 4.84 22.05
CA CYS C 817 50.54 4.74 23.40
C CYS C 817 51.49 3.55 23.53
N TYR C 818 51.12 2.41 22.94
CA TYR C 818 52.00 1.24 22.99
C TYR C 818 53.32 1.52 22.28
N LYS C 819 53.25 2.12 21.09
CA LYS C 819 54.47 2.46 20.37
C LYS C 819 55.31 3.47 21.13
N SER C 820 54.67 4.37 21.87
CA SER C 820 55.40 5.40 22.60
C SER C 820 56.09 4.83 23.84
N ARG C 821 55.65 3.66 24.30
CA ARG C 821 56.31 3.00 25.46
C ARG C 821 57.43 2.09 24.97
N ALA C 822 57.52 1.87 23.65
CA ALA C 822 58.54 1.01 23.07
C ALA C 822 59.72 1.79 22.53
N GLU C 823 59.87 3.05 22.92
CA GLU C 823 60.99 3.86 22.48
C GLU C 823 61.81 4.37 23.66
N THR D 396 -56.49 -19.01 16.19
CA THR D 396 -55.00 -19.04 16.14
C THR D 396 -54.52 -20.03 15.08
N VAL D 397 -53.41 -19.69 14.44
CA VAL D 397 -52.83 -20.52 13.39
C VAL D 397 -51.64 -21.28 13.97
N VAL D 398 -51.44 -22.49 13.46
CA VAL D 398 -50.35 -23.36 13.89
C VAL D 398 -49.28 -23.27 12.82
N VAL D 399 -48.23 -22.48 13.08
CA VAL D 399 -47.14 -22.28 12.12
C VAL D 399 -46.02 -23.23 12.54
N THR D 400 -46.05 -24.44 11.99
CA THR D 400 -44.97 -25.39 12.24
C THR D 400 -43.69 -24.92 11.55
N THR D 401 -42.56 -25.14 12.22
CA THR D 401 -41.27 -24.67 11.72
C THR D 401 -40.20 -25.59 12.27
N ILE D 402 -38.95 -25.36 11.85
CA ILE D 402 -37.81 -26.17 12.29
C ILE D 402 -36.80 -25.27 12.96
N MET D 403 -36.05 -25.85 13.90
CA MET D 403 -35.05 -25.12 14.68
C MET D 403 -33.69 -25.21 13.98
N GLU D 404 -33.58 -24.47 12.87
CA GLU D 404 -32.37 -24.43 12.06
C GLU D 404 -31.92 -22.98 11.93
N SER D 405 -30.81 -22.64 12.57
CA SER D 405 -30.29 -21.29 12.52
C SER D 405 -30.04 -20.86 11.08
N PRO D 406 -30.04 -19.54 10.81
CA PRO D 406 -30.56 -18.47 11.66
C PRO D 406 -32.06 -18.26 11.52
N TYR D 407 -32.73 -19.22 10.90
CA TYR D 407 -34.15 -19.06 10.63
C TYR D 407 -34.96 -19.08 11.92
N VAL D 408 -34.57 -19.92 12.87
CA VAL D 408 -35.21 -19.97 14.18
C VAL D 408 -34.12 -20.29 15.21
N MET D 409 -33.92 -19.39 16.16
CA MET D 409 -32.94 -19.57 17.22
C MET D 409 -33.54 -19.12 18.54
N TYR D 410 -33.28 -19.90 19.60
CA TYR D 410 -33.61 -19.45 20.94
C TYR D 410 -32.77 -18.22 21.29
N LYS D 411 -33.44 -17.16 21.74
CA LYS D 411 -32.74 -15.98 22.22
C LYS D 411 -31.85 -16.35 23.39
N LYS D 412 -30.79 -15.56 23.58
CA LYS D 412 -29.77 -15.86 24.58
C LYS D 412 -30.41 -16.28 25.90
N ASN D 413 -31.54 -15.67 26.23
CA ASN D 413 -32.42 -16.15 27.29
C ASN D 413 -33.81 -16.38 26.71
N HIS D 414 -34.49 -17.42 27.18
CA HIS D 414 -35.81 -17.75 26.69
C HIS D 414 -36.81 -17.95 27.81
N GLU D 415 -36.34 -18.42 28.98
CA GLU D 415 -37.27 -18.72 30.07
C GLU D 415 -38.05 -17.49 30.49
N MET D 416 -37.47 -16.29 30.37
CA MET D 416 -38.23 -15.07 30.66
C MET D 416 -39.39 -14.89 29.69
N PHE D 417 -39.20 -15.25 28.43
CA PHE D 417 -40.24 -15.10 27.42
C PHE D 417 -41.08 -16.37 27.33
N GLU D 418 -42.32 -16.20 26.90
CA GLU D 418 -43.27 -17.30 26.77
C GLU D 418 -43.95 -17.23 25.41
N GLY D 419 -44.14 -18.40 24.79
CA GLY D 419 -44.81 -18.46 23.51
C GLY D 419 -43.89 -18.16 22.34
N ASN D 420 -44.42 -17.45 21.35
CA ASN D 420 -43.62 -17.10 20.17
C ASN D 420 -42.42 -16.24 20.51
N ASP D 421 -42.43 -15.59 21.68
CA ASP D 421 -41.35 -14.69 22.07
C ASP D 421 -40.09 -15.43 22.51
N LYS D 422 -40.08 -16.76 22.47
CA LYS D 422 -38.87 -17.53 22.78
C LYS D 422 -37.95 -17.70 21.58
N TYR D 423 -38.42 -17.43 20.38
CA TYR D 423 -37.69 -17.70 19.15
C TYR D 423 -37.34 -16.40 18.45
N GLU D 424 -36.15 -16.38 17.83
CA GLU D 424 -35.72 -15.29 16.98
C GLU D 424 -35.06 -15.85 15.73
N GLY D 425 -35.30 -15.23 14.58
CA GLY D 425 -34.69 -15.67 13.37
C GLY D 425 -35.33 -15.05 12.15
N TYR D 426 -34.77 -15.39 10.99
CA TYR D 426 -35.30 -14.89 9.72
C TYR D 426 -36.74 -15.33 9.52
N CYS D 427 -37.04 -16.60 9.80
CA CYS D 427 -38.39 -17.11 9.63
C CYS D 427 -39.30 -16.80 10.80
N VAL D 428 -38.75 -16.26 11.90
CA VAL D 428 -39.60 -15.78 12.99
C VAL D 428 -40.15 -14.41 12.67
N ASP D 429 -39.29 -13.50 12.20
CA ASP D 429 -39.74 -12.18 11.79
C ASP D 429 -40.59 -12.25 10.53
N LEU D 430 -40.29 -13.19 9.63
CA LEU D 430 -41.05 -13.31 8.39
C LEU D 430 -42.49 -13.72 8.66
N ALA D 431 -42.69 -14.64 9.61
CA ALA D 431 -44.05 -15.09 9.93
C ALA D 431 -44.91 -13.93 10.40
N SER D 432 -44.34 -13.04 11.24
CA SER D 432 -45.10 -11.88 11.69
C SER D 432 -45.51 -11.00 10.52
N GLU D 433 -44.59 -10.75 9.59
CA GLU D 433 -44.91 -9.91 8.43
C GLU D 433 -46.01 -10.55 7.59
N ILE D 434 -45.88 -11.84 7.28
CA ILE D 434 -46.88 -12.52 6.48
C ILE D 434 -48.20 -12.58 7.22
N ALA D 435 -48.15 -12.97 8.51
CA ALA D 435 -49.38 -13.06 9.29
C ALA D 435 -50.04 -11.69 9.45
N LYS D 436 -49.25 -10.66 9.73
CA LYS D 436 -49.80 -9.31 9.83
C LYS D 436 -50.44 -8.87 8.52
N HIS D 437 -49.85 -9.26 7.39
CA HIS D 437 -50.43 -8.88 6.10
C HIS D 437 -51.80 -9.51 5.91
N ILE D 438 -51.94 -10.79 6.27
CA ILE D 438 -53.22 -11.47 6.12
C ILE D 438 -54.15 -11.17 7.29
N GLY D 439 -53.62 -10.67 8.41
CA GLY D 439 -54.44 -10.40 9.57
C GLY D 439 -54.87 -11.66 10.30
N ILE D 440 -53.91 -12.45 10.76
CA ILE D 440 -54.18 -13.71 11.43
C ILE D 440 -53.31 -13.82 12.67
N LYS D 441 -53.73 -14.70 13.57
CA LYS D 441 -52.97 -15.01 14.78
C LYS D 441 -52.24 -16.33 14.59
N TYR D 442 -50.96 -16.35 14.95
CA TYR D 442 -50.10 -17.51 14.74
C TYR D 442 -49.43 -17.90 16.05
N LYS D 443 -49.12 -19.19 16.17
CA LYS D 443 -48.40 -19.73 17.33
C LYS D 443 -47.36 -20.70 16.83
N ILE D 444 -46.09 -20.43 17.12
CA ILE D 444 -45.01 -21.27 16.64
C ILE D 444 -45.16 -22.68 17.21
N ALA D 445 -44.97 -23.67 16.34
CA ALA D 445 -45.25 -25.07 16.65
C ALA D 445 -44.11 -25.97 16.19
N ILE D 446 -42.89 -25.62 16.60
CA ILE D 446 -41.67 -26.27 16.12
C ILE D 446 -41.89 -27.79 16.06
N VAL D 447 -41.54 -28.39 14.92
CA VAL D 447 -41.87 -29.79 14.69
C VAL D 447 -41.14 -30.65 15.73
N PRO D 448 -41.79 -31.64 16.34
CA PRO D 448 -41.07 -32.48 17.32
C PRO D 448 -39.98 -33.33 16.69
N ASP D 449 -40.28 -33.98 15.57
CA ASP D 449 -39.32 -34.91 14.97
C ASP D 449 -38.03 -34.20 14.60
N GLY D 450 -38.13 -33.00 14.04
CA GLY D 450 -36.96 -32.25 13.62
C GLY D 450 -36.54 -32.46 12.18
N LYS D 451 -37.48 -32.86 11.31
CA LYS D 451 -37.20 -33.14 9.91
C LYS D 451 -37.85 -32.09 9.03
N TYR D 452 -37.22 -31.84 7.87
CA TYR D 452 -37.82 -30.91 6.91
C TYR D 452 -39.00 -31.56 6.19
N GLY D 453 -38.85 -32.81 5.80
CA GLY D 453 -39.87 -33.55 5.09
C GLY D 453 -39.23 -34.61 4.21
N ALA D 454 -39.92 -35.74 4.08
CA ALA D 454 -39.51 -36.83 3.21
C ALA D 454 -40.55 -37.93 3.31
N ARG D 455 -40.55 -38.80 2.29
CA ARG D 455 -41.47 -39.92 2.24
C ARG D 455 -40.74 -41.19 2.69
N ASP D 456 -41.26 -41.84 3.73
CA ASP D 456 -40.76 -43.14 4.17
C ASP D 456 -41.45 -44.21 3.35
N ALA D 457 -40.70 -44.85 2.45
CA ALA D 457 -41.29 -45.84 1.55
C ALA D 457 -41.42 -47.20 2.22
N ASP D 458 -41.98 -47.22 3.43
CA ASP D 458 -42.38 -48.46 4.09
C ASP D 458 -43.87 -48.48 4.38
N THR D 459 -44.38 -47.46 5.06
CA THR D 459 -45.82 -47.25 5.23
C THR D 459 -46.34 -46.08 4.42
N LYS D 460 -45.47 -45.41 3.64
CA LYS D 460 -45.87 -44.31 2.78
C LYS D 460 -46.47 -43.17 3.59
N ILE D 461 -45.66 -42.64 4.50
CA ILE D 461 -46.02 -41.50 5.33
C ILE D 461 -45.03 -40.38 5.01
N TRP D 462 -45.31 -39.18 5.55
CA TRP D 462 -44.39 -38.06 5.48
C TRP D 462 -43.99 -37.65 6.89
N ASN D 463 -42.68 -37.59 7.13
CA ASN D 463 -42.14 -37.27 8.46
C ASN D 463 -41.66 -35.83 8.48
N GLY D 464 -42.05 -35.10 9.52
CA GLY D 464 -41.59 -33.73 9.71
C GLY D 464 -42.64 -32.68 9.41
N MET D 465 -42.20 -31.50 8.99
CA MET D 465 -43.14 -30.41 8.74
C MET D 465 -44.10 -30.76 7.61
N VAL D 466 -43.68 -31.59 6.65
CA VAL D 466 -44.59 -32.04 5.61
C VAL D 466 -45.69 -32.90 6.20
N GLY D 467 -45.34 -33.79 7.13
CA GLY D 467 -46.34 -34.65 7.74
C GLY D 467 -47.42 -33.86 8.46
N GLU D 468 -47.01 -32.78 9.13
CA GLU D 468 -47.98 -31.96 9.88
C GLU D 468 -49.10 -31.47 8.96
N LEU D 469 -48.73 -30.88 7.82
CA LEU D 469 -49.72 -30.31 6.91
C LEU D 469 -50.61 -31.41 6.31
N VAL D 470 -50.02 -32.52 5.90
CA VAL D 470 -50.77 -33.53 5.16
C VAL D 470 -51.80 -34.24 6.03
N TYR D 471 -51.70 -34.11 7.35
CA TYR D 471 -52.57 -34.88 8.25
C TYR D 471 -53.33 -33.99 9.23
N GLY D 472 -53.34 -32.68 9.02
CA GLY D 472 -54.23 -31.82 9.77
C GLY D 472 -53.74 -31.40 11.13
N LYS D 473 -52.42 -31.30 11.30
CA LYS D 473 -51.84 -30.86 12.57
C LYS D 473 -51.38 -29.40 12.54
N ALA D 474 -51.01 -28.89 11.37
CA ALA D 474 -50.60 -27.51 11.22
C ALA D 474 -51.25 -26.92 9.97
N GLU D 475 -51.32 -25.59 9.94
CA GLU D 475 -51.94 -24.88 8.84
C GLU D 475 -50.95 -24.18 7.92
N ILE D 476 -49.76 -23.85 8.42
CA ILE D 476 -48.72 -23.24 7.60
C ILE D 476 -47.37 -23.76 8.10
N ALA D 477 -46.39 -23.78 7.21
CA ALA D 477 -45.09 -24.37 7.48
C ALA D 477 -43.96 -23.42 7.09
N ILE D 478 -44.05 -22.18 7.54
CA ILE D 478 -42.98 -21.22 7.28
C ILE D 478 -41.68 -21.80 7.80
N ALA D 479 -40.74 -22.06 6.90
CA ALA D 479 -39.49 -22.73 7.22
C ALA D 479 -38.61 -22.72 5.99
N PRO D 480 -37.30 -22.99 6.15
CA PRO D 480 -36.44 -23.15 4.98
C PRO D 480 -36.67 -24.48 4.29
N LEU D 481 -37.90 -24.69 3.82
CA LEU D 481 -38.31 -25.95 3.21
C LEU D 481 -38.16 -25.84 1.70
N THR D 482 -37.35 -26.73 1.13
CA THR D 482 -37.07 -26.67 -0.30
C THR D 482 -38.29 -27.15 -1.09
N ILE D 483 -38.54 -26.50 -2.23
CA ILE D 483 -39.63 -26.88 -3.11
C ILE D 483 -39.16 -28.03 -3.99
N THR D 484 -39.89 -29.14 -3.95
CA THR D 484 -39.55 -30.32 -4.72
C THR D 484 -40.81 -30.92 -5.33
N LEU D 485 -40.63 -31.74 -6.36
CA LEU D 485 -41.77 -32.35 -7.04
C LEU D 485 -42.55 -33.25 -6.09
N VAL D 486 -41.85 -34.06 -5.29
CA VAL D 486 -42.53 -35.03 -4.43
C VAL D 486 -43.39 -34.30 -3.39
N ARG D 487 -42.84 -33.26 -2.77
CA ARG D 487 -43.61 -32.50 -1.79
C ARG D 487 -44.81 -31.82 -2.45
N GLU D 488 -44.62 -31.29 -3.67
CA GLU D 488 -45.68 -30.54 -4.32
C GLU D 488 -46.90 -31.38 -4.60
N GLU D 489 -46.76 -32.71 -4.66
CA GLU D 489 -47.89 -33.58 -4.97
C GLU D 489 -48.79 -33.83 -3.76
N VAL D 490 -48.42 -33.35 -2.58
CA VAL D 490 -49.23 -33.56 -1.38
C VAL D 490 -49.53 -32.23 -0.70
N ILE D 491 -48.82 -31.17 -1.09
CA ILE D 491 -49.02 -29.83 -0.54
C ILE D 491 -48.84 -28.81 -1.66
N ASP D 492 -49.11 -27.56 -1.33
CA ASP D 492 -49.03 -26.44 -2.27
C ASP D 492 -48.04 -25.41 -1.71
N PHE D 493 -46.83 -25.40 -2.26
CA PHE D 493 -45.86 -24.39 -1.89
C PHE D 493 -46.22 -23.03 -2.49
N SER D 494 -45.81 -21.97 -1.80
CA SER D 494 -45.98 -20.63 -2.31
C SER D 494 -44.78 -20.24 -3.17
N LYS D 495 -44.81 -19.03 -3.71
CA LYS D 495 -43.68 -18.56 -4.50
C LYS D 495 -42.44 -18.46 -3.62
N PRO D 496 -41.25 -18.77 -4.13
CA PRO D 496 -40.07 -18.78 -3.28
C PRO D 496 -39.82 -17.42 -2.65
N PHE D 497 -39.65 -17.40 -1.33
CA PHE D 497 -39.22 -16.21 -0.62
C PHE D 497 -37.71 -16.04 -0.61
N MET D 498 -36.98 -16.99 -1.18
CA MET D 498 -35.52 -16.92 -1.28
C MET D 498 -35.06 -17.99 -2.24
N SER D 499 -34.01 -17.68 -3.01
CA SER D 499 -33.46 -18.59 -3.99
C SER D 499 -32.01 -18.87 -3.66
N LEU D 500 -31.63 -20.14 -3.74
CA LEU D 500 -30.30 -20.59 -3.35
C LEU D 500 -29.84 -21.68 -4.31
N GLY D 501 -28.66 -22.24 -4.04
CA GLY D 501 -28.12 -23.29 -4.89
C GLY D 501 -26.87 -23.87 -4.27
N ILE D 502 -26.44 -24.99 -4.84
CA ILE D 502 -25.24 -25.66 -4.37
C ILE D 502 -24.05 -24.75 -4.59
N SER D 503 -23.22 -24.61 -3.55
CA SER D 503 -22.08 -23.70 -3.59
C SER D 503 -20.87 -24.40 -2.99
N ILE D 504 -19.69 -23.89 -3.35
CA ILE D 504 -18.42 -24.46 -2.93
C ILE D 504 -17.93 -23.69 -1.71
N MET D 505 -17.58 -24.42 -0.65
CA MET D 505 -17.00 -23.83 0.55
C MET D 505 -15.58 -24.32 0.73
N ILE D 506 -14.68 -23.39 1.05
CA ILE D 506 -13.27 -23.67 1.24
C ILE D 506 -12.79 -22.94 2.48
N LYS D 507 -11.52 -23.11 2.80
CA LYS D 507 -10.88 -22.35 3.87
C LYS D 507 -10.23 -21.11 3.29
N LYS D 508 -10.39 -19.98 3.97
CA LYS D 508 -9.91 -18.71 3.45
C LYS D 508 -8.40 -18.77 3.27
N PRO D 509 -7.86 -18.35 2.12
CA PRO D 509 -6.41 -18.34 1.94
C PRO D 509 -5.68 -17.63 3.07
N GLN D 510 -5.04 -18.41 3.94
CA GLN D 510 -4.37 -17.82 5.12
C GLN D 510 -3.00 -17.29 4.69
N LYS D 511 -2.96 -16.24 3.89
CA LYS D 511 -1.66 -15.78 3.33
C LYS D 511 -1.02 -16.98 2.60
N SER D 512 0.30 -17.01 2.48
CA SER D 512 0.96 -18.10 1.72
C SER D 512 2.36 -18.37 2.28
N LYS D 513 2.71 -19.65 2.44
CA LYS D 513 4.08 -19.99 2.89
C LYS D 513 5.06 -19.51 1.82
N PRO D 514 6.23 -18.97 2.18
CA PRO D 514 7.19 -18.41 1.19
C PRO D 514 7.93 -19.53 0.47
N GLY D 515 8.79 -19.17 -0.47
CA GLY D 515 9.56 -20.12 -1.25
C GLY D 515 11.04 -19.87 -1.19
N VAL D 516 11.84 -20.92 -1.43
CA VAL D 516 13.29 -20.78 -1.35
C VAL D 516 13.77 -19.70 -2.31
N PHE D 517 13.51 -19.88 -3.60
CA PHE D 517 13.91 -18.91 -4.63
C PHE D 517 12.75 -17.95 -4.92
N SER D 518 12.27 -17.31 -3.85
CA SER D 518 11.18 -16.35 -3.94
C SER D 518 11.67 -14.91 -3.99
N PHE D 519 12.99 -14.69 -4.05
CA PHE D 519 13.52 -13.36 -4.25
C PHE D 519 13.45 -12.90 -5.70
N LEU D 520 13.17 -13.81 -6.63
CA LEU D 520 13.08 -13.49 -8.05
C LEU D 520 11.65 -13.15 -8.47
N ASP D 521 10.72 -13.08 -7.52
CA ASP D 521 9.32 -12.83 -7.87
C ASP D 521 9.11 -11.50 -8.57
N PRO D 522 9.63 -10.36 -8.06
CA PRO D 522 9.41 -9.08 -8.75
C PRO D 522 9.61 -9.15 -10.25
N LEU D 523 10.81 -9.52 -10.69
CA LEU D 523 11.09 -9.61 -12.11
C LEU D 523 10.64 -10.97 -12.65
N ALA D 524 9.92 -10.94 -13.77
CA ALA D 524 9.38 -12.16 -14.33
C ALA D 524 10.51 -13.09 -14.81
N TYR D 525 10.14 -14.32 -15.15
CA TYR D 525 11.11 -15.27 -15.65
C TYR D 525 11.81 -14.74 -16.89
N GLU D 526 11.05 -14.17 -17.83
CA GLU D 526 11.63 -13.69 -19.08
C GLU D 526 12.66 -12.59 -18.82
N ILE D 527 12.33 -11.65 -17.94
CA ILE D 527 13.27 -10.58 -17.62
C ILE D 527 14.60 -11.16 -17.16
N TRP D 528 14.55 -12.12 -16.22
CA TRP D 528 15.78 -12.72 -15.74
C TRP D 528 16.53 -13.42 -16.87
N MET D 529 15.81 -14.15 -17.73
CA MET D 529 16.45 -14.83 -18.84
C MET D 529 17.12 -13.84 -19.79
N CYS D 530 16.44 -12.74 -20.11
CA CYS D 530 17.00 -11.78 -21.06
C CYS D 530 18.15 -10.99 -20.45
N ILE D 531 18.15 -10.83 -19.11
CA ILE D 531 19.29 -10.19 -18.46
C ILE D 531 20.56 -11.01 -18.67
N VAL D 532 20.46 -12.33 -18.53
CA VAL D 532 21.60 -13.20 -18.81
C VAL D 532 22.06 -13.03 -20.24
N PHE D 533 21.12 -12.98 -21.19
CA PHE D 533 21.49 -12.84 -22.59
C PHE D 533 22.14 -11.49 -22.86
N ALA D 534 21.64 -10.43 -22.22
CA ALA D 534 22.23 -9.10 -22.42
C ALA D 534 23.59 -9.00 -21.76
N TYR D 535 23.80 -9.71 -20.65
CA TYR D 535 25.11 -9.73 -20.02
C TYR D 535 26.14 -10.44 -20.90
N ILE D 536 25.77 -11.61 -21.44
CA ILE D 536 26.66 -12.34 -22.33
C ILE D 536 26.94 -11.56 -23.60
N GLY D 537 26.08 -10.62 -23.96
CA GLY D 537 26.22 -9.88 -25.20
C GLY D 537 27.06 -8.62 -25.02
N VAL D 538 26.72 -7.81 -24.02
CA VAL D 538 27.51 -6.61 -23.73
C VAL D 538 28.97 -6.99 -23.51
N SER D 539 29.21 -8.03 -22.71
CA SER D 539 30.58 -8.46 -22.44
C SER D 539 31.33 -8.79 -23.72
N VAL D 540 30.73 -9.64 -24.57
CA VAL D 540 31.37 -10.01 -25.83
C VAL D 540 31.61 -8.77 -26.67
N VAL D 541 30.60 -7.91 -26.80
CA VAL D 541 30.74 -6.72 -27.64
C VAL D 541 31.80 -5.80 -27.08
N LEU D 542 31.84 -5.65 -25.75
CA LEU D 542 32.88 -4.83 -25.13
C LEU D 542 34.27 -5.36 -25.46
N PHE D 543 34.49 -6.66 -25.25
CA PHE D 543 35.73 -7.29 -25.67
C PHE D 543 36.08 -6.95 -27.10
N LEU D 544 35.17 -7.27 -28.04
CA LEU D 544 35.44 -7.09 -29.46
C LEU D 544 36.03 -5.72 -29.75
N VAL D 545 35.24 -4.66 -29.51
CA VAL D 545 35.68 -3.30 -29.83
C VAL D 545 37.06 -3.03 -29.24
N SER D 546 37.19 -3.19 -27.92
CA SER D 546 38.44 -2.89 -27.23
C SER D 546 39.64 -3.53 -27.92
N ARG D 547 39.55 -4.82 -28.22
CA ARG D 547 40.72 -5.61 -28.61
C ARG D 547 40.73 -6.00 -30.08
N PHE D 548 39.72 -5.63 -30.86
CA PHE D 548 39.67 -6.09 -32.25
C PHE D 548 40.59 -5.28 -33.15
N SER D 549 40.86 -4.03 -32.79
CA SER D 549 41.63 -3.15 -33.67
C SER D 549 43.10 -3.51 -33.62
N PRO D 550 43.74 -3.79 -34.77
CA PRO D 550 45.17 -4.11 -34.75
C PRO D 550 46.05 -2.89 -34.82
N TYR D 551 45.47 -1.70 -34.57
CA TYR D 551 46.21 -0.45 -34.60
C TYR D 551 46.29 0.20 -33.22
N GLU D 552 46.15 -0.58 -32.15
CA GLU D 552 46.19 -0.07 -30.80
C GLU D 552 47.23 -0.73 -29.92
N TRP D 553 47.78 -1.85 -30.39
CA TRP D 553 48.74 -2.62 -29.56
C TRP D 553 50.15 -2.07 -29.82
N HIS D 554 51.03 -2.18 -28.83
CA HIS D 554 52.44 -1.73 -29.01
C HIS D 554 53.39 -2.91 -28.76
N GLN D 568 51.51 -5.04 -27.34
CA GLN D 568 50.87 -5.69 -26.17
C GLN D 568 49.47 -5.10 -25.95
N PRO D 569 48.58 -5.78 -25.20
CA PRO D 569 47.18 -5.31 -25.00
C PRO D 569 47.15 -3.83 -24.64
N PRO D 570 46.45 -2.99 -25.41
CA PRO D 570 46.28 -1.57 -25.04
C PRO D 570 45.59 -1.40 -23.70
N ASN D 571 44.43 -2.01 -23.53
CA ASN D 571 43.65 -1.92 -22.30
C ASN D 571 43.58 -3.30 -21.65
N GLU D 572 42.79 -3.39 -20.58
CA GLU D 572 42.65 -4.64 -19.83
C GLU D 572 41.33 -5.34 -20.12
N PHE D 573 40.64 -4.95 -21.19
CA PHE D 573 39.32 -5.51 -21.49
C PHE D 573 39.47 -6.73 -22.40
N GLY D 574 40.01 -7.78 -21.82
CA GLY D 574 40.10 -9.06 -22.51
C GLY D 574 38.74 -9.73 -22.60
N ILE D 575 38.74 -11.05 -22.80
CA ILE D 575 37.48 -11.79 -22.75
C ILE D 575 37.10 -12.14 -21.32
N PHE D 576 38.08 -12.17 -20.41
CA PHE D 576 37.83 -12.50 -19.01
C PHE D 576 37.50 -11.27 -18.19
N ASN D 577 38.27 -10.18 -18.37
CA ASN D 577 38.01 -8.95 -17.65
C ASN D 577 36.70 -8.30 -18.07
N SER D 578 36.33 -8.43 -19.35
CA SER D 578 35.04 -7.91 -19.81
C SER D 578 33.89 -8.54 -19.04
N LEU D 579 33.90 -9.86 -18.88
CA LEU D 579 32.85 -10.52 -18.12
C LEU D 579 32.81 -9.99 -16.69
N TRP D 580 33.98 -9.81 -16.07
CA TRP D 580 34.02 -9.30 -14.70
C TRP D 580 33.49 -7.87 -14.63
N PHE D 581 33.89 -7.03 -15.59
CA PHE D 581 33.42 -5.64 -15.59
C PHE D 581 31.91 -5.57 -15.75
N SER D 582 31.35 -6.36 -16.67
CA SER D 582 29.91 -6.37 -16.86
C SER D 582 29.20 -6.78 -15.58
N LEU D 583 29.63 -7.89 -14.97
CA LEU D 583 29.04 -8.33 -13.71
C LEU D 583 29.15 -7.23 -12.66
N GLY D 584 30.32 -6.64 -12.52
CA GLY D 584 30.53 -5.57 -11.56
C GLY D 584 29.56 -4.43 -11.77
N ALA D 585 29.57 -3.84 -12.97
CA ALA D 585 28.61 -2.80 -13.34
C ALA D 585 27.22 -3.13 -12.83
N PHE D 586 26.70 -4.31 -13.19
CA PHE D 586 25.35 -4.68 -12.80
C PHE D 586 25.17 -4.68 -11.29
N MET D 587 26.15 -5.22 -10.56
CA MET D 587 26.06 -5.31 -9.12
C MET D 587 26.32 -3.98 -8.40
N GLN D 588 26.54 -2.89 -9.15
CA GLN D 588 26.78 -1.58 -8.55
C GLN D 588 28.02 -1.58 -7.67
N GLN D 589 29.04 -2.34 -8.05
CA GLN D 589 30.26 -2.47 -7.27
C GLN D 589 31.41 -1.69 -7.89
N GLY D 590 32.60 -1.87 -7.32
CA GLY D 590 33.81 -1.17 -7.70
C GLY D 590 34.16 -1.25 -9.17
N CYS D 591 35.12 -0.43 -9.60
CA CYS D 591 35.50 -0.34 -11.02
C CYS D 591 36.99 -0.68 -11.09
N ASP D 592 37.30 -1.96 -11.26
CA ASP D 592 38.71 -2.33 -11.39
C ASP D 592 39.30 -1.72 -12.65
N ILE D 593 38.88 -2.22 -13.81
CA ILE D 593 39.20 -1.64 -15.10
C ILE D 593 38.07 -0.70 -15.51
N SER D 594 38.41 0.38 -16.21
CA SER D 594 37.42 1.33 -16.67
C SER D 594 37.62 1.60 -18.16
N PRO D 595 36.57 1.52 -18.97
CA PRO D 595 36.72 1.79 -20.41
C PRO D 595 37.29 3.18 -20.66
N ARG D 596 38.13 3.28 -21.69
CA ARG D 596 38.78 4.54 -22.02
C ARG D 596 38.61 4.97 -23.47
N SER D 597 38.28 4.07 -24.38
CA SER D 597 38.03 4.44 -25.76
C SER D 597 36.63 5.03 -25.92
N LEU D 598 36.27 5.39 -27.15
CA LEU D 598 34.92 5.90 -27.40
C LEU D 598 33.92 4.76 -27.57
N SER D 599 34.33 3.66 -28.17
CA SER D 599 33.40 2.55 -28.39
C SER D 599 33.16 1.76 -27.10
N GLY D 600 34.20 1.57 -26.29
CA GLY D 600 34.00 0.97 -24.99
C GLY D 600 33.05 1.76 -24.12
N ARG D 601 33.22 3.08 -24.09
CA ARG D 601 32.41 3.91 -23.20
C ARG D 601 30.95 3.90 -23.62
N ILE D 602 30.67 3.95 -24.91
CA ILE D 602 29.28 3.82 -25.38
C ILE D 602 28.67 2.52 -24.85
N VAL D 603 29.40 1.42 -24.99
CA VAL D 603 28.91 0.14 -24.47
C VAL D 603 28.70 0.23 -22.96
N GLY D 604 29.70 0.76 -22.25
CA GLY D 604 29.56 0.93 -20.81
C GLY D 604 28.37 1.79 -20.44
N GLY D 605 28.21 2.92 -21.14
CA GLY D 605 27.14 3.84 -20.77
C GLY D 605 25.77 3.21 -20.85
N VAL D 606 25.49 2.52 -21.96
CA VAL D 606 24.18 1.90 -22.12
C VAL D 606 24.00 0.78 -21.09
N TRP D 607 25.08 0.05 -20.80
CA TRP D 607 24.99 -1.01 -19.80
C TRP D 607 24.67 -0.44 -18.42
N TRP D 608 25.24 0.73 -18.10
CA TRP D 608 24.95 1.36 -16.81
C TRP D 608 23.51 1.85 -16.74
N PHE D 609 22.97 2.32 -17.86
CA PHE D 609 21.58 2.75 -17.89
C PHE D 609 20.63 1.56 -17.73
N PHE D 610 20.88 0.49 -18.48
CA PHE D 610 20.10 -0.73 -18.33
C PHE D 610 20.07 -1.19 -16.88
N THR D 611 21.27 -1.44 -16.31
CA THR D 611 21.36 -1.82 -14.91
C THR D 611 20.50 -0.94 -14.03
N LEU D 612 20.66 0.38 -14.14
CA LEU D 612 19.92 1.31 -13.29
C LEU D 612 18.42 1.03 -13.35
N ILE D 613 17.83 1.11 -14.53
CA ILE D 613 16.40 0.85 -14.69
C ILE D 613 16.05 -0.52 -14.10
N ILE D 614 16.81 -1.55 -14.49
CA ILE D 614 16.49 -2.91 -14.06
C ILE D 614 16.60 -3.03 -12.55
N ILE D 615 17.63 -2.43 -11.96
CA ILE D 615 17.83 -2.55 -10.52
C ILE D 615 16.83 -1.68 -9.76
N SER D 616 16.39 -0.57 -10.37
CA SER D 616 15.35 0.25 -9.74
C SER D 616 13.99 -0.42 -9.84
N SER D 617 13.78 -1.24 -10.88
CA SER D 617 12.49 -1.90 -11.03
C SER D 617 12.31 -3.04 -10.04
N TYR D 618 13.38 -3.82 -9.82
CA TYR D 618 13.33 -4.87 -8.80
C TYR D 618 12.96 -4.28 -7.45
N THR D 619 13.74 -3.30 -6.99
CA THR D 619 13.46 -2.67 -5.70
C THR D 619 12.05 -2.07 -5.69
N ALA D 620 11.71 -1.33 -6.75
CA ALA D 620 10.40 -0.70 -6.80
C ALA D 620 9.28 -1.72 -6.71
N ASN D 621 9.42 -2.85 -7.43
CA ASN D 621 8.39 -3.86 -7.43
C ASN D 621 8.41 -4.73 -6.18
N LEU D 622 9.57 -4.84 -5.52
CA LEU D 622 9.63 -5.57 -4.25
C LEU D 622 8.88 -4.81 -3.16
N ALA D 623 8.92 -3.48 -3.18
CA ALA D 623 8.14 -2.72 -2.20
C ALA D 623 6.65 -2.91 -2.40
N ALA D 624 6.22 -3.13 -3.64
CA ALA D 624 4.81 -3.41 -3.90
C ALA D 624 4.43 -4.79 -3.42
N PHE D 625 5.26 -5.79 -3.72
CA PHE D 625 4.98 -7.16 -3.30
C PHE D 625 4.88 -7.27 -1.78
N LEU D 626 5.52 -6.37 -1.04
CA LEU D 626 5.51 -6.43 0.42
C LEU D 626 4.46 -5.53 1.04
N THR D 627 3.78 -4.71 0.25
CA THR D 627 2.63 -3.93 0.67
C THR D 627 1.39 -4.47 -0.04
N VAL D 628 0.23 -3.89 0.30
CA VAL D 628 -1.05 -4.27 -0.31
C VAL D 628 -1.07 -5.78 -0.55
N GLU D 629 -0.93 -6.54 0.52
CA GLU D 629 -1.03 -8.00 0.42
C GLU D 629 -2.35 -8.41 -0.21
N ARG D 630 -2.26 -9.24 -1.25
CA ARG D 630 -3.42 -9.71 -1.98
C ARG D 630 -3.34 -11.22 -2.12
N MET D 631 -4.45 -11.91 -1.84
CA MET D 631 -4.51 -13.35 -2.00
C MET D 631 -5.66 -13.76 -2.92
N VAL D 632 -5.50 -14.91 -3.58
CA VAL D 632 -6.54 -15.38 -4.54
C VAL D 632 -6.91 -16.83 -4.22
N SER D 633 -8.15 -17.24 -4.51
CA SER D 633 -8.60 -18.62 -4.24
C SER D 633 -8.35 -19.51 -5.46
N PRO D 634 -7.49 -20.54 -5.36
CA PRO D 634 -7.21 -21.48 -6.48
C PRO D 634 -8.53 -21.80 -7.18
N ILE D 635 -9.60 -22.00 -6.41
CA ILE D 635 -10.89 -22.41 -7.03
C ILE D 635 -11.71 -21.15 -7.31
N GLU D 636 -11.92 -20.84 -8.59
CA GLU D 636 -12.74 -19.67 -8.98
C GLU D 636 -14.13 -20.16 -9.37
N SER D 637 -14.25 -21.46 -9.63
CA SER D 637 -15.55 -22.06 -10.04
C SER D 637 -15.51 -23.58 -9.86
N ALA D 638 -16.61 -24.27 -10.14
CA ALA D 638 -16.69 -25.72 -10.07
C ALA D 638 -15.70 -26.39 -11.01
N GLU D 639 -15.44 -25.78 -12.17
CA GLU D 639 -14.50 -26.37 -13.11
C GLU D 639 -13.11 -26.48 -12.50
N ASP D 640 -12.65 -25.44 -11.82
CA ASP D 640 -11.36 -25.50 -11.16
C ASP D 640 -11.31 -26.59 -10.11
N LEU D 641 -12.47 -26.94 -9.54
CA LEU D 641 -12.54 -27.93 -8.48
C LEU D 641 -12.60 -29.36 -9.01
N ALA D 642 -12.84 -29.54 -10.30
CA ALA D 642 -12.95 -30.86 -10.90
C ALA D 642 -11.66 -31.36 -11.52
N LYS D 643 -10.97 -30.50 -12.27
CA LYS D 643 -9.72 -30.91 -12.91
C LYS D 643 -8.68 -31.32 -11.88
N GLN D 644 -8.41 -30.43 -10.93
CA GLN D 644 -7.40 -30.67 -9.90
C GLN D 644 -7.65 -31.97 -9.16
N THR D 645 -6.62 -32.48 -8.47
CA THR D 645 -6.73 -33.73 -7.73
C THR D 645 -6.25 -33.63 -6.29
N GLU D 646 -5.59 -32.54 -5.91
CA GLU D 646 -5.02 -32.44 -4.57
C GLU D 646 -6.07 -32.06 -3.54
N ILE D 647 -6.84 -31.01 -3.82
CA ILE D 647 -7.87 -30.54 -2.91
C ILE D 647 -9.12 -31.41 -3.13
N ALA D 648 -9.42 -32.26 -2.15
CA ALA D 648 -10.56 -33.14 -2.24
C ALA D 648 -11.86 -32.35 -2.08
N TYR D 649 -12.98 -33.04 -2.30
CA TYR D 649 -14.29 -32.43 -2.10
C TYR D 649 -15.34 -33.53 -1.97
N GLY D 650 -16.38 -33.23 -1.21
CA GLY D 650 -17.43 -34.19 -0.96
C GLY D 650 -18.71 -33.51 -0.56
N THR D 651 -19.66 -34.31 -0.08
CA THR D 651 -20.99 -33.83 0.25
C THR D 651 -21.52 -34.63 1.43
N LEU D 652 -22.60 -34.13 2.02
CA LEU D 652 -23.31 -34.88 3.05
C LEU D 652 -23.87 -36.16 2.44
N ASP D 653 -23.84 -37.24 3.22
CA ASP D 653 -24.06 -38.57 2.66
C ASP D 653 -25.47 -38.69 2.08
N SER D 654 -26.47 -38.73 2.95
CA SER D 654 -27.87 -38.88 2.52
C SER D 654 -28.47 -37.49 2.41
N GLY D 655 -28.34 -36.88 1.24
CA GLY D 655 -28.85 -35.53 1.02
C GLY D 655 -29.19 -35.30 -0.43
N SER D 656 -29.90 -34.20 -0.66
CA SER D 656 -30.26 -33.81 -2.03
C SER D 656 -29.03 -33.49 -2.85
N THR D 657 -28.00 -32.91 -2.21
CA THR D 657 -26.80 -32.49 -2.96
C THR D 657 -26.11 -33.68 -3.62
N LYS D 658 -26.01 -34.79 -2.89
CA LYS D 658 -25.35 -35.97 -3.46
C LYS D 658 -26.10 -36.49 -4.68
N GLU D 659 -27.44 -36.53 -4.60
CA GLU D 659 -28.24 -37.03 -5.71
C GLU D 659 -28.15 -36.12 -6.93
N PHE D 660 -27.79 -34.85 -6.75
CA PHE D 660 -27.65 -33.95 -7.89
C PHE D 660 -26.57 -34.43 -8.84
N PHE D 661 -25.39 -34.77 -8.30
CA PHE D 661 -24.31 -35.22 -9.17
C PHE D 661 -24.56 -36.61 -9.72
N ARG D 662 -25.31 -37.44 -9.00
CA ARG D 662 -25.62 -38.77 -9.48
C ARG D 662 -26.36 -38.71 -10.82
N ARG D 663 -27.38 -37.87 -10.90
CA ARG D 663 -28.23 -37.78 -12.08
C ARG D 663 -27.88 -36.62 -12.99
N SER D 664 -26.77 -35.93 -12.74
CA SER D 664 -26.37 -34.79 -13.55
C SER D 664 -25.74 -35.30 -14.85
N LYS D 665 -26.29 -34.85 -15.98
CA LYS D 665 -25.78 -35.21 -17.29
C LYS D 665 -24.89 -34.13 -17.89
N ILE D 666 -24.15 -33.42 -17.04
CA ILE D 666 -23.24 -32.36 -17.49
C ILE D 666 -21.82 -32.91 -17.52
N ALA D 667 -21.03 -32.42 -18.47
CA ALA D 667 -19.67 -32.92 -18.62
C ALA D 667 -18.84 -32.64 -17.38
N VAL D 668 -18.98 -31.44 -16.80
CA VAL D 668 -18.17 -31.07 -15.64
C VAL D 668 -18.70 -31.75 -14.39
N TYR D 669 -19.99 -31.58 -14.11
CA TYR D 669 -20.55 -32.07 -12.86
C TYR D 669 -20.44 -33.59 -12.75
N GLU D 670 -20.74 -34.30 -13.84
CA GLU D 670 -20.68 -35.75 -13.80
C GLU D 670 -19.25 -36.24 -13.60
N LYS D 671 -18.27 -35.50 -14.08
CA LYS D 671 -16.87 -35.84 -13.80
C LYS D 671 -16.60 -35.79 -12.30
N MET D 672 -17.19 -34.81 -11.61
CA MET D 672 -16.98 -34.69 -10.18
C MET D 672 -17.51 -35.91 -9.44
N TRP D 673 -18.66 -36.43 -9.87
CA TRP D 673 -19.22 -37.62 -9.22
C TRP D 673 -18.29 -38.81 -9.38
N THR D 674 -17.72 -39.00 -10.57
CA THR D 674 -16.81 -40.11 -10.79
C THR D 674 -15.68 -40.11 -9.77
N TYR D 675 -15.11 -38.93 -9.49
CA TYR D 675 -14.05 -38.84 -8.49
C TYR D 675 -14.58 -39.18 -7.10
N MET D 676 -15.71 -38.58 -6.73
CA MET D 676 -16.12 -38.61 -5.33
C MET D 676 -16.49 -40.02 -4.87
N ARG D 677 -17.29 -40.74 -5.66
CA ARG D 677 -17.69 -42.08 -5.25
C ARG D 677 -16.48 -43.01 -5.19
N SER D 678 -15.58 -42.91 -6.16
CA SER D 678 -14.38 -43.74 -6.20
C SER D 678 -13.20 -42.99 -5.57
N ALA D 679 -13.38 -42.60 -4.31
CA ALA D 679 -12.39 -41.87 -3.55
C ALA D 679 -12.15 -42.57 -2.21
N GLU D 680 -10.88 -42.64 -1.81
CA GLU D 680 -10.51 -43.23 -0.54
C GLU D 680 -9.47 -42.31 0.10
N PRO D 681 -9.67 -41.89 1.36
CA PRO D 681 -10.79 -42.23 2.26
C PRO D 681 -12.10 -41.58 1.82
N SER D 682 -13.20 -42.00 2.43
CA SER D 682 -14.51 -41.49 2.04
C SER D 682 -14.56 -39.98 2.17
N VAL D 683 -15.08 -39.32 1.12
CA VAL D 683 -15.23 -37.87 1.14
C VAL D 683 -16.63 -37.44 1.59
N PHE D 684 -17.59 -38.35 1.61
CA PHE D 684 -18.95 -38.00 2.00
C PHE D 684 -19.07 -37.94 3.51
N THR D 685 -19.60 -36.84 4.02
CA THR D 685 -19.80 -36.65 5.44
C THR D 685 -21.21 -37.09 5.85
N ARG D 686 -21.44 -37.13 7.16
CA ARG D 686 -22.72 -37.53 7.73
C ARG D 686 -23.59 -36.32 8.08
N THR D 687 -23.01 -35.31 8.71
CA THR D 687 -23.74 -34.10 9.08
C THR D 687 -23.04 -32.87 8.50
N THR D 688 -23.81 -31.79 8.39
CA THR D 688 -23.26 -30.56 7.82
C THR D 688 -22.12 -30.03 8.67
N ALA D 689 -22.27 -30.07 10.00
CA ALA D 689 -21.21 -29.56 10.87
C ALA D 689 -19.92 -30.32 10.67
N GLU D 690 -20.00 -31.62 10.41
CA GLU D 690 -18.80 -32.40 10.12
C GLU D 690 -18.09 -31.88 8.89
N GLY D 691 -18.85 -31.56 7.84
CA GLY D 691 -18.23 -31.01 6.64
C GLY D 691 -17.54 -29.68 6.90
N VAL D 692 -18.16 -28.83 7.72
CA VAL D 692 -17.56 -27.53 8.03
C VAL D 692 -16.25 -27.74 8.77
N ALA D 693 -16.26 -28.62 9.77
CA ALA D 693 -15.04 -28.87 10.54
C ALA D 693 -13.94 -29.45 9.65
N ARG D 694 -14.31 -30.38 8.76
CA ARG D 694 -13.32 -30.95 7.86
C ARG D 694 -12.66 -29.88 7.00
N VAL D 695 -13.43 -28.88 6.58
CA VAL D 695 -12.86 -27.78 5.80
C VAL D 695 -11.93 -26.94 6.67
N ARG D 696 -12.37 -26.61 7.89
CA ARG D 696 -11.54 -25.81 8.77
C ARG D 696 -10.29 -26.57 9.20
N LYS D 697 -10.34 -27.90 9.21
CA LYS D 697 -9.23 -28.71 9.70
C LYS D 697 -8.30 -29.16 8.59
N SER D 698 -8.83 -29.45 7.40
CA SER D 698 -8.04 -29.98 6.30
C SER D 698 -7.09 -28.95 5.68
N LYS D 699 -6.96 -27.74 6.24
CA LYS D 699 -5.96 -26.78 5.79
C LYS D 699 -6.12 -26.44 4.31
N GLY D 700 -7.37 -26.35 3.85
CA GLY D 700 -7.64 -25.99 2.49
C GLY D 700 -7.53 -27.11 1.48
N LYS D 701 -7.25 -28.34 1.93
CA LYS D 701 -7.17 -29.49 1.04
C LYS D 701 -8.51 -30.20 0.89
N PHE D 702 -9.60 -29.56 1.29
CA PHE D 702 -10.93 -30.16 1.15
C PHE D 702 -11.94 -29.05 0.95
N ALA D 703 -12.80 -29.20 -0.06
CA ALA D 703 -13.86 -28.25 -0.36
C ALA D 703 -15.20 -28.94 -0.17
N PHE D 704 -16.07 -28.28 0.61
CA PHE D 704 -17.40 -28.86 0.92
C PHE D 704 -18.46 -28.22 0.06
N LEU D 705 -19.28 -29.03 -0.58
CA LEU D 705 -20.38 -28.55 -1.40
C LEU D 705 -21.68 -28.66 -0.59
N LEU D 706 -22.36 -27.53 -0.44
CA LEU D 706 -23.58 -27.49 0.36
C LEU D 706 -24.44 -26.33 -0.14
N GLU D 707 -25.52 -26.06 0.59
CA GLU D 707 -26.42 -24.97 0.22
C GLU D 707 -25.71 -23.63 0.34
N SER D 708 -26.04 -22.72 -0.58
CA SER D 708 -25.41 -21.40 -0.56
C SER D 708 -25.80 -20.61 0.68
N THR D 709 -27.06 -20.73 1.12
CA THR D 709 -27.53 -19.93 2.25
C THR D 709 -26.73 -20.23 3.51
N MET D 710 -26.48 -21.51 3.78
CA MET D 710 -25.71 -21.86 4.98
C MET D 710 -24.25 -21.50 4.82
N ASN D 711 -23.71 -21.60 3.60
CA ASN D 711 -22.33 -21.21 3.36
C ASN D 711 -22.12 -19.72 3.61
N GLU D 712 -23.17 -18.92 3.47
CA GLU D 712 -23.09 -17.50 3.80
C GLU D 712 -23.25 -17.26 5.30
N TYR D 713 -23.88 -18.17 6.02
CA TYR D 713 -23.98 -18.05 7.47
C TYR D 713 -22.68 -18.47 8.15
N ILE D 714 -22.12 -19.58 7.70
CA ILE D 714 -20.84 -20.04 8.28
C ILE D 714 -19.77 -18.99 7.98
N GLU D 715 -19.92 -18.26 6.87
CA GLU D 715 -18.90 -17.31 6.44
C GLU D 715 -18.90 -16.03 7.25
N GLN D 716 -19.95 -15.78 8.03
CA GLN D 716 -20.05 -14.58 8.86
C GLN D 716 -20.02 -14.90 10.34
N ARG D 717 -19.54 -16.09 10.71
CA ARG D 717 -19.42 -16.52 12.09
C ARG D 717 -18.00 -16.95 12.38
N LYS D 718 -17.49 -16.55 13.54
CA LYS D 718 -16.12 -16.87 13.91
C LYS D 718 -15.96 -18.39 14.02
N PRO D 719 -14.76 -18.93 13.75
CA PRO D 719 -13.46 -18.26 13.63
C PRO D 719 -13.26 -17.47 12.34
N CYS D 720 -14.24 -17.48 11.44
CA CYS D 720 -14.19 -16.72 10.19
C CYS D 720 -13.01 -17.17 9.33
N ASP D 721 -12.99 -18.47 9.04
CA ASP D 721 -11.98 -19.06 8.18
C ASP D 721 -12.55 -19.73 6.95
N THR D 722 -13.86 -19.67 6.74
CA THR D 722 -14.52 -20.28 5.59
C THR D 722 -15.29 -19.21 4.82
N MET D 723 -15.25 -19.33 3.50
CA MET D 723 -15.98 -18.42 2.62
C MET D 723 -16.49 -19.22 1.42
N LYS D 724 -17.17 -18.51 0.51
CA LYS D 724 -17.77 -19.11 -0.67
C LYS D 724 -17.05 -18.61 -1.92
N VAL D 725 -16.88 -19.51 -2.89
CA VAL D 725 -16.20 -19.19 -4.14
C VAL D 725 -17.08 -19.64 -5.30
N GLY D 726 -16.95 -18.93 -6.42
CA GLY D 726 -17.68 -19.29 -7.62
C GLY D 726 -19.17 -19.01 -7.51
N GLY D 727 -19.90 -19.52 -8.50
CA GLY D 727 -21.34 -19.37 -8.55
C GLY D 727 -22.06 -20.64 -8.17
N ASN D 728 -23.37 -20.51 -7.98
CA ASN D 728 -24.19 -21.65 -7.61
C ASN D 728 -24.27 -22.65 -8.75
N LEU D 729 -24.16 -23.94 -8.41
CA LEU D 729 -24.20 -25.01 -9.38
C LEU D 729 -25.61 -25.48 -9.70
N ASP D 730 -26.62 -24.95 -9.01
CA ASP D 730 -27.99 -25.42 -9.17
C ASP D 730 -28.93 -24.29 -8.77
N SER D 731 -30.21 -24.46 -9.10
CA SER D 731 -31.24 -23.48 -8.79
C SER D 731 -32.35 -24.20 -8.02
N LYS D 732 -32.39 -23.98 -6.71
CA LYS D 732 -33.44 -24.51 -5.86
C LYS D 732 -33.99 -23.37 -5.01
N GLY D 733 -35.25 -23.49 -4.63
CA GLY D 733 -35.92 -22.42 -3.91
C GLY D 733 -36.63 -22.84 -2.64
N TYR D 734 -36.38 -22.11 -1.55
CA TYR D 734 -37.15 -22.28 -0.33
C TYR D 734 -38.51 -21.61 -0.48
N GLY D 735 -39.54 -22.23 0.11
CA GLY D 735 -40.88 -21.71 -0.01
C GLY D 735 -41.73 -22.06 1.20
N VAL D 736 -42.89 -21.44 1.26
CA VAL D 736 -43.86 -21.64 2.34
C VAL D 736 -44.92 -22.61 1.87
N ALA D 737 -45.20 -23.62 2.69
CA ALA D 737 -46.12 -24.69 2.34
C ALA D 737 -47.39 -24.60 3.17
N THR D 738 -48.51 -24.97 2.56
CA THR D 738 -49.81 -25.02 3.21
C THR D 738 -50.50 -26.33 2.86
N PRO D 739 -51.42 -26.81 3.71
CA PRO D 739 -52.18 -28.01 3.36
C PRO D 739 -52.94 -27.83 2.07
N LYS D 740 -52.98 -28.90 1.28
CA LYS D 740 -53.65 -28.84 -0.02
C LYS D 740 -55.13 -28.61 0.15
N GLY D 741 -55.67 -27.62 -0.56
CA GLY D 741 -57.05 -27.24 -0.43
C GLY D 741 -57.33 -26.18 0.61
N SER D 742 -56.31 -25.74 1.35
CA SER D 742 -56.50 -24.73 2.37
C SER D 742 -56.83 -23.38 1.76
N SER D 743 -57.57 -22.56 2.51
CA SER D 743 -57.95 -21.24 2.05
C SER D 743 -56.87 -20.19 2.27
N LEU D 744 -55.79 -20.56 2.97
CA LEU D 744 -54.68 -19.65 3.22
C LEU D 744 -53.58 -19.76 2.18
N ARG D 745 -53.78 -20.53 1.12
CA ARG D 745 -52.78 -20.65 0.07
C ARG D 745 -52.58 -19.33 -0.65
N THR D 746 -53.64 -18.82 -1.29
CA THR D 746 -53.52 -17.59 -2.08
C THR D 746 -53.09 -16.41 -1.24
N PRO D 747 -53.69 -16.13 -0.07
CA PRO D 747 -53.22 -14.98 0.73
C PRO D 747 -51.75 -15.05 1.08
N VAL D 748 -51.23 -16.26 1.37
CA VAL D 748 -49.82 -16.40 1.67
C VAL D 748 -48.98 -16.13 0.42
N ASN D 749 -49.45 -16.58 -0.74
CA ASN D 749 -48.70 -16.38 -1.97
C ASN D 749 -48.52 -14.89 -2.25
N LEU D 750 -49.57 -14.09 -2.03
CA LEU D 750 -49.45 -12.66 -2.27
C LEU D 750 -48.64 -11.97 -1.17
N ALA D 751 -48.72 -12.47 0.06
CA ALA D 751 -47.94 -11.87 1.14
C ALA D 751 -46.45 -12.01 0.88
N VAL D 752 -46.01 -13.21 0.46
CA VAL D 752 -44.60 -13.41 0.14
C VAL D 752 -44.20 -12.54 -1.02
N LEU D 753 -45.04 -12.49 -2.06
CA LEU D 753 -44.68 -11.77 -3.27
C LEU D 753 -44.57 -10.27 -3.00
N LYS D 754 -45.48 -9.72 -2.20
CA LYS D 754 -45.41 -8.29 -1.88
C LYS D 754 -44.14 -7.96 -1.12
N LEU D 755 -43.77 -8.80 -0.15
CA LEU D 755 -42.57 -8.55 0.65
C LEU D 755 -41.31 -8.57 -0.20
N SER D 756 -41.33 -9.26 -1.35
CA SER D 756 -40.17 -9.27 -2.22
C SER D 756 -40.06 -7.97 -3.00
N GLU D 757 -41.17 -7.50 -3.56
CA GLU D 757 -41.17 -6.22 -4.26
C GLU D 757 -40.85 -5.07 -3.31
N ALA D 758 -41.41 -5.11 -2.10
CA ALA D 758 -41.14 -4.07 -1.12
C ALA D 758 -39.67 -4.03 -0.73
N GLY D 759 -39.06 -5.20 -0.54
CA GLY D 759 -37.68 -5.31 -0.12
C GLY D 759 -37.48 -5.88 1.26
N VAL D 760 -38.53 -6.34 1.92
CA VAL D 760 -38.39 -6.86 3.27
C VAL D 760 -37.61 -8.16 3.28
N LEU D 761 -37.92 -9.06 2.34
CA LEU D 761 -37.26 -10.35 2.30
C LEU D 761 -35.75 -10.21 2.12
N ASP D 762 -35.30 -9.11 1.51
CA ASP D 762 -33.89 -8.84 1.38
C ASP D 762 -33.33 -8.14 2.63
N LYS D 763 -34.12 -7.26 3.24
CA LYS D 763 -33.68 -6.63 4.48
C LYS D 763 -33.54 -7.66 5.60
N LEU D 764 -34.47 -8.61 5.68
CA LEU D 764 -34.39 -9.64 6.71
C LEU D 764 -33.12 -10.46 6.56
N LYS D 765 -32.76 -10.84 5.33
CA LYS D 765 -31.56 -11.64 5.12
C LYS D 765 -30.32 -10.91 5.58
N ASN D 766 -30.14 -9.66 5.13
CA ASN D 766 -28.96 -8.90 5.51
C ASN D 766 -28.88 -8.70 7.02
N LYS D 767 -30.03 -8.68 7.69
CA LYS D 767 -30.05 -8.51 9.14
C LYS D 767 -29.43 -9.72 9.84
N TRP D 768 -29.85 -10.92 9.45
CA TRP D 768 -29.48 -12.14 10.15
C TRP D 768 -28.26 -12.83 9.57
N TRP D 769 -27.68 -12.29 8.49
CA TRP D 769 -26.48 -12.86 7.88
C TRP D 769 -25.25 -11.96 8.02
N TYR D 770 -25.44 -10.65 7.91
CA TYR D 770 -24.32 -9.71 7.91
C TYR D 770 -24.37 -8.73 9.07
N ASP D 771 -25.54 -8.16 9.37
CA ASP D 771 -25.63 -7.25 10.52
C ASP D 771 -25.33 -7.99 11.82
N LYS D 772 -25.84 -9.20 11.96
CA LYS D 772 -25.54 -10.05 13.10
C LYS D 772 -24.26 -10.86 12.91
N GLY D 773 -23.39 -10.44 12.00
CA GLY D 773 -22.19 -11.18 11.69
C GLY D 773 -21.10 -10.97 12.72
N GLU D 774 -19.99 -11.67 12.50
CA GLU D 774 -18.85 -11.61 13.41
C GLU D 774 -17.51 -11.52 12.69
N CYS D 775 -17.50 -11.45 11.36
CA CYS D 775 -16.25 -11.37 10.60
C CYS D 775 -15.88 -9.94 10.23
N GLY D 776 -16.79 -9.22 9.58
CA GLY D 776 -16.55 -7.84 9.20
C GLY D 776 -16.43 -7.67 7.70
N THR D 786 1.80 -5.31 7.93
CA THR D 786 3.14 -5.60 7.45
C THR D 786 3.97 -6.30 8.53
N SER D 787 4.80 -7.25 8.11
CA SER D 787 5.62 -8.03 9.02
C SER D 787 7.08 -7.92 8.61
N ALA D 788 7.98 -8.11 9.59
CA ALA D 788 9.40 -8.07 9.32
C ALA D 788 9.81 -9.30 8.54
N LEU D 789 10.38 -9.09 7.35
CA LEU D 789 10.90 -10.17 6.53
C LEU D 789 11.65 -11.19 7.37
N SER D 790 11.32 -12.47 7.16
CA SER D 790 11.95 -13.56 7.89
C SER D 790 13.00 -14.25 7.01
N LEU D 791 13.74 -15.18 7.64
CA LEU D 791 14.80 -15.85 6.91
C LEU D 791 14.26 -16.69 5.76
N SER D 792 13.01 -17.17 5.87
CA SER D 792 12.44 -17.99 4.81
C SER D 792 12.22 -17.19 3.53
N ASN D 793 12.16 -15.87 3.61
CA ASN D 793 11.91 -15.05 2.43
C ASN D 793 13.19 -14.78 1.65
N VAL D 794 14.32 -14.66 2.34
CA VAL D 794 15.61 -14.41 1.71
C VAL D 794 16.56 -15.55 2.06
N ALA D 795 16.06 -16.78 2.01
CA ALA D 795 16.87 -17.95 2.31
C ALA D 795 17.44 -18.63 1.07
N GLY D 796 16.77 -18.47 -0.08
CA GLY D 796 17.36 -18.96 -1.32
C GLY D 796 18.69 -18.30 -1.64
N VAL D 797 18.80 -17.01 -1.33
CA VAL D 797 20.05 -16.30 -1.57
C VAL D 797 21.19 -16.92 -0.74
N PHE D 798 20.90 -17.26 0.53
CA PHE D 798 21.93 -17.84 1.37
C PHE D 798 22.42 -19.17 0.78
N TYR D 799 21.52 -19.97 0.23
CA TYR D 799 21.91 -21.23 -0.38
C TYR D 799 22.85 -20.98 -1.56
N ILE D 800 22.51 -20.02 -2.41
CA ILE D 800 23.36 -19.67 -3.54
C ILE D 800 24.71 -19.16 -3.04
N LEU D 801 24.71 -18.38 -1.96
CA LEU D 801 25.95 -17.84 -1.44
C LEU D 801 26.87 -18.96 -0.95
N VAL D 802 26.33 -19.88 -0.15
CA VAL D 802 27.14 -20.99 0.33
C VAL D 802 27.54 -21.90 -0.83
N GLY D 803 26.63 -22.11 -1.79
CA GLY D 803 26.97 -22.89 -2.96
C GLY D 803 28.11 -22.29 -3.75
N GLY D 804 28.09 -20.97 -3.92
CA GLY D 804 29.17 -20.31 -4.63
C GLY D 804 30.51 -20.46 -3.93
N LEU D 805 30.52 -20.27 -2.60
CA LEU D 805 31.75 -20.46 -1.84
C LEU D 805 32.29 -21.86 -2.01
N GLY D 806 31.43 -22.87 -1.94
CA GLY D 806 31.87 -24.24 -2.17
C GLY D 806 32.46 -24.41 -3.56
N LEU D 807 31.76 -23.90 -4.58
CA LEU D 807 32.26 -24.03 -5.94
C LEU D 807 33.59 -23.30 -6.11
N ALA D 808 33.73 -22.12 -5.50
CA ALA D 808 34.97 -21.37 -5.62
C ALA D 808 36.14 -22.17 -5.04
N MET D 809 35.96 -22.73 -3.85
CA MET D 809 37.02 -23.53 -3.24
C MET D 809 37.40 -24.70 -4.13
N LEU D 810 36.40 -25.35 -4.73
CA LEU D 810 36.69 -26.48 -5.63
C LEU D 810 37.50 -26.02 -6.83
N VAL D 811 37.05 -24.95 -7.50
CA VAL D 811 37.78 -24.45 -8.67
C VAL D 811 39.20 -24.06 -8.28
N ALA D 812 39.42 -23.69 -7.02
CA ALA D 812 40.76 -23.29 -6.60
C ALA D 812 41.63 -24.49 -6.24
N LEU D 813 41.02 -25.55 -5.70
CA LEU D 813 41.78 -26.74 -5.34
C LEU D 813 42.00 -27.66 -6.54
N ILE D 814 41.05 -27.68 -7.49
CA ILE D 814 41.25 -28.43 -8.73
C ILE D 814 42.50 -27.93 -9.45
N GLU D 815 42.56 -26.62 -9.71
CA GLU D 815 43.76 -26.02 -10.29
C GLU D 815 44.99 -26.41 -9.48
N PHE D 816 44.95 -26.16 -8.18
CA PHE D 816 46.08 -26.45 -7.28
C PHE D 816 46.68 -27.83 -7.56
N CYS D 817 45.82 -28.85 -7.52
CA CYS D 817 46.28 -30.24 -7.80
C CYS D 817 46.92 -30.30 -9.19
N TYR D 818 46.25 -29.75 -10.21
CA TYR D 818 46.81 -29.72 -11.56
C TYR D 818 48.22 -29.16 -11.56
N LYS D 819 48.40 -28.01 -10.91
CA LYS D 819 49.74 -27.45 -10.78
C LYS D 819 50.66 -28.38 -10.00
N SER D 820 50.11 -29.05 -8.97
CA SER D 820 50.95 -29.90 -8.13
C SER D 820 51.52 -31.07 -8.92
N ARG D 821 50.71 -31.69 -9.78
CA ARG D 821 51.21 -32.80 -10.58
C ARG D 821 52.25 -32.33 -11.58
N ALA D 822 52.03 -31.17 -12.22
CA ALA D 822 53.03 -30.62 -13.12
C ALA D 822 54.37 -30.43 -12.44
N GLU D 823 54.37 -30.15 -11.14
CA GLU D 823 55.60 -30.02 -10.37
C GLU D 823 56.22 -31.38 -10.11
N GLY E 7 45.08 -23.77 -35.46
CA GLY E 7 44.67 -25.08 -35.93
C GLY E 7 43.48 -25.65 -35.18
N VAL E 8 43.71 -26.01 -33.91
CA VAL E 8 42.62 -26.52 -33.09
C VAL E 8 41.60 -25.42 -32.83
N GLN E 9 42.05 -24.17 -32.70
CA GLN E 9 41.12 -23.07 -32.46
C GLN E 9 40.20 -22.86 -33.66
N MET E 10 40.74 -23.02 -34.88
CA MET E 10 39.90 -22.91 -36.07
C MET E 10 38.92 -24.07 -36.18
N LEU E 11 39.31 -25.26 -35.71
CA LEU E 11 38.41 -26.40 -35.73
C LEU E 11 37.19 -26.17 -34.83
N LEU E 12 37.44 -25.71 -33.60
CA LEU E 12 36.34 -25.35 -32.72
C LEU E 12 35.42 -24.32 -33.37
N THR E 13 36.01 -23.30 -33.98
CA THR E 13 35.19 -22.26 -34.62
C THR E 13 34.31 -22.85 -35.71
N ILE E 14 34.89 -23.68 -36.59
CA ILE E 14 34.10 -24.31 -37.65
C ILE E 14 32.95 -25.10 -37.06
N VAL E 15 33.24 -25.97 -36.09
CA VAL E 15 32.20 -26.80 -35.48
C VAL E 15 31.16 -25.91 -34.81
N GLY E 16 31.61 -24.92 -34.05
CA GLY E 16 30.67 -24.05 -33.37
C GLY E 16 29.82 -23.22 -34.34
N ALA E 17 30.44 -22.73 -35.41
CA ALA E 17 29.69 -21.99 -36.41
C ALA E 17 28.54 -22.82 -36.97
N PHE E 18 28.84 -24.04 -37.42
CA PHE E 18 27.79 -24.90 -37.97
C PHE E 18 26.71 -25.18 -36.92
N ALA E 19 27.12 -25.50 -35.69
CA ALA E 19 26.16 -25.81 -34.64
C ALA E 19 25.14 -24.67 -34.47
N ALA E 20 25.63 -23.45 -34.32
CA ALA E 20 24.74 -22.32 -34.10
C ALA E 20 23.84 -22.10 -35.31
N PHE E 21 24.41 -22.12 -36.51
CA PHE E 21 23.60 -22.03 -37.72
C PHE E 21 22.55 -23.12 -37.75
N SER E 22 22.96 -24.38 -37.57
CA SER E 22 21.99 -25.48 -37.57
C SER E 22 20.92 -25.26 -36.53
N LEU E 23 21.32 -24.99 -35.28
CA LEU E 23 20.35 -24.79 -34.21
C LEU E 23 19.35 -23.68 -34.55
N MET E 24 19.86 -22.57 -35.09
CA MET E 24 18.98 -21.43 -35.37
C MET E 24 18.06 -21.74 -36.55
N THR E 25 18.56 -22.44 -37.56
CA THR E 25 17.71 -22.81 -38.69
C THR E 25 16.63 -23.82 -38.27
N ILE E 26 16.93 -24.66 -37.28
CA ILE E 26 15.93 -25.60 -36.79
C ILE E 26 14.89 -24.93 -35.90
N ALA E 27 15.21 -23.78 -35.31
CA ALA E 27 14.25 -23.06 -34.49
C ALA E 27 13.27 -22.27 -35.35
N VAL E 28 13.80 -21.50 -36.32
CA VAL E 28 12.95 -20.71 -37.20
C VAL E 28 12.06 -21.58 -38.05
N GLY E 29 12.38 -22.87 -38.18
CA GLY E 29 11.63 -23.76 -39.05
C GLY E 29 10.63 -24.63 -38.31
N THR E 30 10.90 -24.92 -37.04
CA THR E 30 10.02 -25.77 -36.27
C THR E 30 8.84 -24.97 -35.73
N ASP E 31 7.98 -25.63 -34.95
CA ASP E 31 6.77 -25.02 -34.42
C ASP E 31 6.63 -25.13 -32.91
N TYR E 32 7.58 -25.75 -32.22
CA TYR E 32 7.47 -26.00 -30.78
C TYR E 32 8.10 -24.86 -29.99
N TRP E 33 7.56 -23.66 -30.20
CA TRP E 33 8.06 -22.47 -29.52
C TRP E 33 7.33 -22.20 -28.22
N LEU E 34 5.99 -22.23 -28.24
CA LEU E 34 5.18 -21.81 -27.09
C LEU E 34 4.00 -22.76 -26.97
N TYR E 35 4.00 -23.58 -25.92
CA TYR E 35 2.87 -24.47 -25.63
C TYR E 35 1.76 -23.62 -25.03
N SER E 36 0.90 -23.08 -25.89
CA SER E 36 -0.16 -22.18 -25.47
C SER E 36 -1.44 -22.97 -25.25
N ARG E 37 -2.58 -22.27 -25.18
CA ARG E 37 -3.90 -22.92 -25.05
C ARG E 37 -4.88 -22.14 -25.92
N GLY E 38 -5.05 -22.60 -27.16
CA GLY E 38 -5.94 -21.93 -28.09
C GLY E 38 -6.68 -22.90 -28.99
N VAL E 39 -6.80 -22.56 -30.27
CA VAL E 39 -7.49 -23.39 -31.25
C VAL E 39 -6.61 -23.54 -32.48
N CYS E 40 -7.06 -24.39 -33.40
CA CYS E 40 -6.33 -24.67 -34.62
C CYS E 40 -7.14 -24.47 -35.90
N LYS E 41 -8.46 -24.39 -35.81
CA LYS E 41 -9.34 -24.33 -36.97
C LYS E 41 -9.94 -22.93 -37.08
N THR E 42 -10.93 -22.80 -37.97
CA THR E 42 -11.56 -21.50 -38.23
C THR E 42 -13.07 -21.62 -38.14
N LYS E 43 -13.79 -20.72 -38.81
CA LYS E 43 -15.24 -20.72 -38.73
C LYS E 43 -15.81 -21.91 -39.50
N SER E 44 -17.06 -22.25 -39.17
CA SER E 44 -17.74 -23.38 -39.79
C SER E 44 -19.23 -23.16 -39.71
N VAL E 45 -19.95 -23.82 -40.61
CA VAL E 45 -21.40 -23.76 -40.63
C VAL E 45 -21.99 -24.12 -39.26
N LYS E 53 -18.95 -24.02 -31.65
CA LYS E 53 -18.02 -23.80 -30.55
C LYS E 53 -16.59 -24.18 -30.96
N ASN E 54 -15.63 -23.77 -30.14
CA ASN E 54 -14.22 -24.03 -30.41
C ASN E 54 -13.72 -25.17 -29.52
N GLU E 55 -12.45 -25.52 -29.70
CA GLU E 55 -11.81 -26.62 -28.97
C GLU E 55 -10.49 -26.08 -28.40
N GLU E 56 -10.58 -25.43 -27.24
CA GLU E 56 -9.38 -24.93 -26.57
C GLU E 56 -8.57 -26.08 -25.97
N VAL E 57 -7.58 -26.56 -26.72
CA VAL E 57 -6.71 -27.64 -26.27
C VAL E 57 -5.27 -27.16 -26.38
N MET E 58 -4.38 -27.87 -25.69
CA MET E 58 -2.96 -27.51 -25.74
C MET E 58 -2.48 -27.50 -27.19
N THR E 59 -1.81 -26.40 -27.56
CA THR E 59 -1.40 -26.18 -28.95
C THR E 59 0.04 -25.69 -28.96
N HIS E 60 0.97 -26.58 -29.28
CA HIS E 60 2.36 -26.16 -29.49
C HIS E 60 2.42 -25.25 -30.71
N SER E 61 2.65 -23.96 -30.47
CA SER E 61 2.60 -22.95 -31.52
C SER E 61 3.99 -22.34 -31.70
N GLY E 62 4.46 -22.37 -32.94
CA GLY E 62 5.78 -21.85 -33.30
C GLY E 62 5.70 -20.43 -33.80
N LEU E 63 6.54 -20.12 -34.78
CA LEU E 63 6.54 -18.79 -35.37
C LEU E 63 5.50 -18.65 -36.49
N TRP E 64 5.44 -19.63 -37.39
CA TRP E 64 4.57 -19.54 -38.56
C TRP E 64 3.33 -20.41 -38.45
N ARG E 65 3.40 -21.56 -37.78
CA ARG E 65 2.29 -22.49 -37.74
C ARG E 65 1.94 -22.83 -36.29
N THR E 66 0.77 -23.43 -36.11
CA THR E 66 0.31 -23.84 -34.79
C THR E 66 -0.51 -25.12 -34.93
N CYS E 67 0.06 -26.25 -34.52
CA CYS E 67 -0.65 -27.51 -34.48
C CYS E 67 -1.12 -27.79 -33.06
N CYS E 68 -2.31 -28.37 -32.94
CA CYS E 68 -2.89 -28.73 -31.65
C CYS E 68 -2.25 -30.02 -31.16
N LEU E 69 -1.42 -29.92 -30.10
CA LEU E 69 -0.82 -31.10 -29.50
C LEU E 69 -1.86 -32.20 -29.28
N GLU E 70 -2.85 -31.92 -28.45
CA GLU E 70 -3.91 -32.86 -28.11
C GLU E 70 -5.19 -32.46 -28.86
N GLY E 71 -6.32 -33.02 -28.43
CA GLY E 71 -7.60 -32.64 -28.98
C GLY E 71 -7.97 -33.40 -30.23
N ASN E 72 -9.22 -33.21 -30.66
CA ASN E 72 -9.75 -33.92 -31.82
C ASN E 72 -9.01 -33.56 -33.11
N PHE E 73 -8.28 -32.45 -33.13
CA PHE E 73 -7.57 -32.02 -34.33
C PHE E 73 -6.07 -32.02 -34.09
N LYS E 74 -5.56 -33.11 -33.54
CA LYS E 74 -4.13 -33.23 -33.20
C LYS E 74 -3.31 -33.22 -34.48
N GLY E 75 -2.52 -32.18 -34.68
CA GLY E 75 -1.63 -32.09 -35.82
C GLY E 75 -2.09 -31.17 -36.93
N LEU E 76 -3.14 -30.38 -36.71
CA LEU E 76 -3.61 -29.42 -37.70
C LEU E 76 -2.96 -28.07 -37.42
N CYS E 77 -2.08 -27.64 -38.31
CA CYS E 77 -1.37 -26.37 -38.17
C CYS E 77 -2.08 -25.28 -38.94
N LYS E 78 -2.26 -24.14 -38.31
CA LYS E 78 -2.88 -22.96 -38.91
C LYS E 78 -1.82 -21.91 -39.20
N GLN E 79 -2.25 -20.79 -39.78
CA GLN E 79 -1.38 -19.67 -40.07
C GLN E 79 -1.63 -18.58 -39.02
N ILE E 80 -0.66 -18.43 -38.10
CA ILE E 80 -0.77 -17.39 -37.08
C ILE E 80 -1.15 -16.07 -37.72
N ASP E 81 -2.19 -15.44 -37.21
CA ASP E 81 -2.68 -14.16 -37.71
C ASP E 81 -2.11 -13.05 -36.83
N HIS E 82 -1.00 -12.44 -37.30
CA HIS E 82 -0.33 -11.42 -36.51
C HIS E 82 -1.03 -10.07 -36.55
N PHE E 83 -2.04 -9.92 -37.40
CA PHE E 83 -2.77 -8.66 -37.56
C PHE E 83 -4.26 -8.90 -37.31
N PRO E 84 -4.64 -9.14 -36.05
CA PRO E 84 -6.04 -9.42 -35.69
C PRO E 84 -6.88 -8.16 -35.58
N THR E 93 0.23 3.03 -33.95
CA THR E 93 1.40 3.87 -34.11
C THR E 93 2.68 3.11 -33.76
N ALA E 94 2.89 2.89 -32.46
CA ALA E 94 4.00 2.09 -31.97
C ALA E 94 3.65 0.61 -31.82
N GLU E 95 2.38 0.25 -31.97
CA GLU E 95 1.99 -1.16 -31.91
C GLU E 95 1.95 -1.81 -33.28
N TYR E 96 1.60 -1.06 -34.33
CA TYR E 96 1.66 -1.61 -35.69
C TYR E 96 3.08 -2.04 -36.04
N PHE E 97 4.07 -1.19 -35.72
CA PHE E 97 5.45 -1.52 -36.08
C PHE E 97 5.90 -2.82 -35.41
N LEU E 98 5.54 -3.01 -34.14
CA LEU E 98 5.93 -4.23 -33.45
C LEU E 98 5.34 -5.46 -34.13
N ARG E 99 4.05 -5.40 -34.46
CA ARG E 99 3.40 -6.53 -35.13
C ARG E 99 4.10 -6.86 -36.45
N ALA E 100 4.39 -5.83 -37.24
CA ALA E 100 5.05 -6.06 -38.53
C ALA E 100 6.39 -6.77 -38.34
N VAL E 101 7.20 -6.30 -37.38
CA VAL E 101 8.47 -6.94 -37.11
C VAL E 101 8.25 -8.35 -36.59
N ARG E 102 7.33 -8.50 -35.63
CA ARG E 102 7.02 -9.82 -35.09
C ARG E 102 6.43 -10.75 -36.14
N ALA E 103 5.67 -10.19 -37.09
CA ALA E 103 5.00 -11.04 -38.09
C ALA E 103 5.98 -11.53 -39.14
N SER E 104 6.94 -10.70 -39.53
CA SER E 104 7.90 -11.05 -40.57
C SER E 104 9.13 -11.76 -40.01
N SER E 105 9.22 -11.92 -38.69
CA SER E 105 10.37 -12.50 -38.02
C SER E 105 11.67 -12.11 -38.71
N ILE E 106 11.83 -10.80 -38.93
CA ILE E 106 13.06 -10.31 -39.56
C ILE E 106 14.26 -10.61 -38.70
N PHE E 107 14.15 -10.37 -37.39
CA PHE E 107 15.31 -10.57 -36.51
C PHE E 107 15.67 -12.05 -36.40
N PRO E 108 14.74 -12.95 -36.09
CA PRO E 108 15.10 -14.38 -36.09
C PRO E 108 15.52 -14.89 -37.46
N ILE E 109 15.16 -14.20 -38.53
CA ILE E 109 15.57 -14.62 -39.86
C ILE E 109 16.87 -13.95 -40.27
N LEU E 110 17.18 -12.79 -39.71
CA LEU E 110 18.43 -12.10 -40.04
C LEU E 110 19.61 -12.69 -39.28
N SER E 111 19.37 -13.25 -38.09
CA SER E 111 20.42 -14.00 -37.40
C SER E 111 20.87 -15.21 -38.23
N VAL E 112 19.91 -15.89 -38.87
CA VAL E 112 20.27 -17.03 -39.69
C VAL E 112 21.01 -16.58 -40.94
N ILE E 113 20.69 -15.40 -41.46
CA ILE E 113 21.40 -14.87 -42.61
C ILE E 113 22.80 -14.43 -42.22
N LEU E 114 22.99 -13.94 -40.99
CA LEU E 114 24.29 -13.47 -40.56
C LEU E 114 25.19 -14.64 -40.16
N LEU E 115 24.63 -15.65 -39.50
CA LEU E 115 25.41 -16.83 -39.16
C LEU E 115 25.90 -17.54 -40.41
N PHE E 116 25.07 -17.60 -41.46
CA PHE E 116 25.50 -18.22 -42.70
C PHE E 116 26.62 -17.43 -43.35
N MET E 117 26.53 -16.09 -43.33
CA MET E 117 27.61 -15.28 -43.87
C MET E 117 28.89 -15.42 -43.04
N GLY E 118 28.75 -15.70 -41.74
CA GLY E 118 29.92 -15.94 -40.93
C GLY E 118 30.64 -17.22 -41.34
N GLY E 119 29.88 -18.25 -41.71
CA GLY E 119 30.51 -19.49 -42.17
C GLY E 119 31.24 -19.29 -43.48
N LEU E 120 30.64 -18.55 -44.41
CA LEU E 120 31.34 -18.24 -45.66
C LEU E 120 32.65 -17.51 -45.38
N CYS E 121 32.63 -16.53 -44.47
CA CYS E 121 33.85 -15.80 -44.15
C CYS E 121 34.90 -16.73 -43.54
N ILE E 122 34.48 -17.63 -42.66
CA ILE E 122 35.41 -18.58 -42.05
C ILE E 122 35.97 -19.51 -43.12
N ALA E 123 35.10 -19.97 -44.04
CA ALA E 123 35.55 -20.86 -45.09
C ALA E 123 36.46 -20.12 -46.08
N ALA E 124 36.11 -18.88 -46.42
CA ALA E 124 36.95 -18.09 -47.31
C ALA E 124 38.35 -17.91 -46.73
N SER E 125 38.44 -17.75 -45.40
CA SER E 125 39.73 -17.57 -44.75
C SER E 125 40.55 -18.85 -44.69
N GLU E 126 40.01 -19.97 -45.16
CA GLU E 126 40.76 -21.22 -45.24
C GLU E 126 41.41 -21.42 -46.60
N PHE E 127 41.03 -20.63 -47.61
CA PHE E 127 41.65 -20.70 -48.93
C PHE E 127 42.48 -19.47 -49.26
N TYR E 128 42.31 -18.36 -48.52
CA TYR E 128 43.07 -17.14 -48.73
C TYR E 128 43.66 -16.73 -47.38
N LYS E 129 44.80 -17.32 -47.03
CA LYS E 129 45.41 -17.07 -45.73
C LYS E 129 46.03 -15.69 -45.65
N THR E 130 46.36 -15.07 -46.78
CA THR E 130 47.04 -13.78 -46.75
C THR E 130 46.14 -12.68 -46.17
N ARG E 131 44.86 -12.72 -46.48
CA ARG E 131 43.93 -11.69 -46.02
C ARG E 131 43.52 -11.99 -44.59
N HIS E 132 44.06 -11.23 -43.65
CA HIS E 132 43.71 -11.37 -42.24
C HIS E 132 42.38 -10.70 -41.88
N ASN E 133 41.83 -9.87 -42.77
CA ASN E 133 40.60 -9.16 -42.49
C ASN E 133 39.35 -9.99 -42.79
N ILE E 134 39.50 -11.17 -43.39
CA ILE E 134 38.37 -12.07 -43.59
C ILE E 134 38.01 -12.83 -42.33
N ILE E 135 38.89 -12.84 -41.33
CA ILE E 135 38.60 -13.50 -40.06
C ILE E 135 37.87 -12.57 -39.10
N LEU E 136 38.26 -11.29 -39.07
CA LEU E 136 37.53 -10.32 -38.27
C LEU E 136 36.08 -10.19 -38.73
N SER E 137 35.86 -10.22 -40.05
CA SER E 137 34.49 -10.15 -40.57
C SER E 137 33.64 -11.27 -40.00
N ALA E 138 34.16 -12.50 -40.00
CA ALA E 138 33.42 -13.62 -39.43
C ALA E 138 33.01 -13.33 -37.99
N GLY E 139 33.96 -12.83 -37.18
CA GLY E 139 33.65 -12.55 -35.80
C GLY E 139 32.52 -11.54 -35.66
N ILE E 140 32.58 -10.45 -36.42
CA ILE E 140 31.54 -9.43 -36.34
C ILE E 140 30.20 -10.00 -36.76
N PHE E 141 30.18 -10.78 -37.85
CA PHE E 141 28.94 -11.40 -38.31
C PHE E 141 28.32 -12.25 -37.21
N PHE E 142 29.13 -13.13 -36.61
CA PHE E 142 28.63 -13.98 -35.53
C PHE E 142 28.15 -13.14 -34.36
N VAL E 143 28.94 -12.15 -33.95
CA VAL E 143 28.55 -11.31 -32.82
C VAL E 143 27.28 -10.53 -33.14
N SER E 144 27.21 -9.98 -34.36
CA SER E 144 26.01 -9.26 -34.76
C SER E 144 24.82 -10.19 -34.90
N ALA E 145 25.05 -11.43 -35.35
CA ALA E 145 23.96 -12.41 -35.41
C ALA E 145 23.39 -12.68 -34.02
N GLY E 146 24.27 -12.84 -33.03
CA GLY E 146 23.78 -13.01 -31.66
C GLY E 146 22.94 -11.83 -31.20
N LEU E 147 23.37 -10.62 -31.53
CA LEU E 147 22.62 -9.43 -31.11
C LEU E 147 21.27 -9.36 -31.81
N SER E 148 21.19 -9.82 -33.06
CA SER E 148 19.92 -9.83 -33.77
C SER E 148 18.98 -10.91 -33.24
N ASN E 149 19.52 -11.95 -32.60
CA ASN E 149 18.70 -12.99 -32.00
C ASN E 149 18.18 -12.60 -30.62
N ILE E 150 18.70 -11.53 -30.03
CA ILE E 150 18.13 -11.02 -28.78
C ILE E 150 16.89 -10.18 -29.07
N ILE E 151 16.95 -9.33 -30.08
CA ILE E 151 15.76 -8.55 -30.47
C ILE E 151 14.65 -9.48 -30.90
N GLY E 152 14.99 -10.57 -31.59
CA GLY E 152 13.99 -11.56 -31.94
C GLY E 152 13.30 -12.14 -30.72
N ILE E 153 14.10 -12.55 -29.73
CA ILE E 153 13.53 -13.10 -28.50
C ILE E 153 12.62 -12.09 -27.82
N ILE E 154 13.13 -10.86 -27.63
CA ILE E 154 12.34 -9.83 -26.97
C ILE E 154 11.09 -9.51 -27.78
N VAL E 155 11.25 -9.31 -29.09
CA VAL E 155 10.12 -9.01 -29.95
C VAL E 155 9.08 -10.13 -29.85
N TYR E 156 9.52 -11.37 -30.03
CA TYR E 156 8.64 -12.52 -29.85
C TYR E 156 7.86 -12.42 -28.55
N ILE E 157 8.56 -12.44 -27.42
CA ILE E 157 7.90 -12.43 -26.12
C ILE E 157 7.02 -11.19 -25.98
N SER E 158 7.57 -10.01 -26.30
CA SER E 158 6.81 -8.78 -26.12
C SER E 158 5.52 -8.80 -26.94
N ALA E 159 5.61 -9.14 -28.23
CA ALA E 159 4.43 -9.17 -29.07
C ALA E 159 3.49 -10.29 -28.66
N ASN E 160 4.05 -11.46 -28.32
CA ASN E 160 3.22 -12.59 -27.92
C ASN E 160 2.38 -12.25 -26.69
N ALA E 161 2.89 -11.37 -25.82
CA ALA E 161 2.13 -10.96 -24.64
C ALA E 161 0.81 -10.30 -25.03
N GLY E 162 0.90 -9.15 -25.70
CA GLY E 162 -0.29 -8.38 -26.03
C GLY E 162 -0.89 -8.75 -27.38
N SER E 173 -1.98 -19.71 -19.39
CA SER E 173 -0.71 -20.31 -19.01
C SER E 173 0.02 -20.87 -20.24
N TYR E 174 1.33 -20.65 -20.29
CA TYR E 174 2.15 -21.05 -21.41
C TYR E 174 3.43 -21.71 -20.90
N SER E 175 4.21 -22.25 -21.83
CA SER E 175 5.45 -22.92 -21.49
C SER E 175 6.29 -23.07 -22.75
N TYR E 176 7.44 -22.38 -22.79
CA TYR E 176 8.29 -22.41 -23.96
C TYR E 176 8.81 -23.82 -24.21
N GLY E 177 9.00 -24.15 -25.50
CA GLY E 177 9.42 -25.47 -25.90
C GLY E 177 10.86 -25.49 -26.39
N TRP E 178 11.23 -26.61 -27.02
CA TRP E 178 12.61 -26.79 -27.42
C TRP E 178 13.01 -25.87 -28.56
N SER E 179 12.04 -25.49 -29.41
CA SER E 179 12.36 -24.61 -30.54
C SER E 179 12.84 -23.26 -30.05
N PHE E 180 12.17 -22.70 -29.04
CA PHE E 180 12.58 -21.42 -28.48
C PHE E 180 13.95 -21.51 -27.85
N TYR E 181 14.27 -22.65 -27.22
CA TYR E 181 15.55 -22.80 -26.54
C TYR E 181 16.71 -22.99 -27.52
N PHE E 182 16.44 -23.57 -28.70
CA PHE E 182 17.46 -23.60 -29.73
C PHE E 182 17.84 -22.19 -30.18
N GLY E 183 16.84 -21.33 -30.38
CA GLY E 183 17.13 -19.94 -30.67
C GLY E 183 17.96 -19.29 -29.57
N ALA E 184 17.57 -19.52 -28.31
CA ALA E 184 18.37 -19.02 -27.19
C ALA E 184 19.73 -19.70 -27.16
N LEU E 185 19.77 -21.01 -27.36
CA LEU E 185 21.04 -21.72 -27.35
C LEU E 185 21.93 -21.30 -28.52
N SER E 186 21.33 -21.01 -29.67
CA SER E 186 22.11 -20.54 -30.81
C SER E 186 22.92 -19.30 -30.45
N PHE E 187 22.26 -18.30 -29.86
CA PHE E 187 22.95 -17.11 -29.38
C PHE E 187 24.23 -17.45 -28.63
N ILE E 188 24.10 -18.29 -27.59
CA ILE E 188 25.26 -18.62 -26.77
C ILE E 188 26.37 -19.22 -27.63
N ILE E 189 26.02 -20.22 -28.44
CA ILE E 189 27.02 -20.83 -29.32
C ILE E 189 27.62 -19.80 -30.25
N ALA E 190 26.77 -18.94 -30.84
CA ALA E 190 27.25 -17.92 -31.76
C ALA E 190 28.17 -16.94 -31.05
N GLU E 191 27.74 -16.45 -29.88
CA GLU E 191 28.57 -15.51 -29.13
C GLU E 191 29.92 -16.13 -28.79
N MET E 192 29.95 -17.42 -28.45
CA MET E 192 31.22 -18.07 -28.16
C MET E 192 32.09 -18.15 -29.39
N VAL E 193 31.51 -18.49 -30.54
CA VAL E 193 32.26 -18.44 -31.79
C VAL E 193 32.70 -17.02 -32.10
N GLY E 194 31.89 -16.02 -31.75
CA GLY E 194 32.26 -14.64 -32.00
C GLY E 194 33.54 -14.25 -31.28
N VAL E 195 33.63 -14.53 -29.99
CA VAL E 195 34.84 -14.22 -29.24
C VAL E 195 36.01 -15.04 -29.78
N LEU E 196 35.76 -16.30 -30.12
CA LEU E 196 36.84 -17.15 -30.62
C LEU E 196 37.42 -16.60 -31.93
N ALA E 197 36.56 -16.10 -32.81
CA ALA E 197 37.03 -15.54 -34.07
C ALA E 197 37.84 -14.28 -33.84
N VAL E 198 37.40 -13.42 -32.91
CA VAL E 198 38.17 -12.24 -32.56
C VAL E 198 39.54 -12.64 -32.03
N HIS E 199 39.60 -13.66 -31.18
CA HIS E 199 40.88 -14.13 -30.68
C HIS E 199 41.79 -14.57 -31.81
N MET E 200 41.25 -15.29 -32.79
CA MET E 200 42.06 -15.72 -33.93
C MET E 200 42.57 -14.53 -34.72
N PHE E 201 41.72 -13.54 -34.95
CA PHE E 201 42.16 -12.32 -35.64
C PHE E 201 43.34 -11.69 -34.92
N ILE E 202 43.23 -11.52 -33.60
CA ILE E 202 44.32 -10.91 -32.84
C ILE E 202 45.58 -11.77 -32.92
N ASP E 203 45.41 -13.09 -32.89
CA ASP E 203 46.57 -13.98 -32.90
C ASP E 203 47.34 -13.85 -34.21
N ARG E 204 46.63 -13.79 -35.33
CA ARG E 204 47.28 -13.56 -36.62
C ARG E 204 48.12 -12.30 -36.59
N HIS E 205 47.53 -11.19 -36.13
CA HIS E 205 48.25 -9.92 -36.13
C HIS E 205 49.40 -9.92 -35.13
N LYS E 206 49.30 -10.70 -34.05
CA LYS E 206 50.40 -10.80 -33.11
C LYS E 206 51.61 -11.49 -33.73
N GLN E 207 51.36 -12.52 -34.56
CA GLN E 207 52.46 -13.17 -35.27
C GLN E 207 53.17 -12.18 -36.20
N LEU E 208 52.40 -11.30 -36.84
CA LEU E 208 53.01 -10.34 -37.76
C LEU E 208 53.79 -9.26 -37.01
N ARG E 209 53.38 -8.93 -35.78
CA ARG E 209 54.09 -7.93 -35.00
C ARG E 209 55.31 -8.50 -34.28
N ALA E 210 55.52 -9.80 -34.33
CA ALA E 210 56.72 -10.41 -33.77
C ALA E 210 57.76 -10.77 -34.83
N THR E 211 57.34 -10.97 -36.07
CA THR E 211 58.25 -11.26 -37.19
C THR E 211 58.45 -10.04 -38.08
N ALA E 212 58.52 -8.85 -37.49
CA ALA E 212 58.76 -7.64 -38.25
C ALA E 212 59.20 -6.50 -37.33
N GLY F 7 54.95 -24.44 18.18
CA GLY F 7 54.93 -23.01 18.45
C GLY F 7 53.65 -22.55 19.13
N VAL F 8 53.53 -21.24 19.35
CA VAL F 8 52.32 -20.69 19.95
C VAL F 8 51.12 -20.92 19.04
N GLN F 9 51.31 -20.76 17.74
CA GLN F 9 50.20 -20.90 16.81
C GLN F 9 49.64 -22.31 16.83
N MET F 10 50.52 -23.32 16.88
CA MET F 10 50.05 -24.70 16.88
C MET F 10 49.18 -24.99 18.10
N LEU F 11 49.56 -24.48 19.27
CA LEU F 11 48.80 -24.74 20.48
C LEU F 11 47.37 -24.20 20.36
N LEU F 12 47.23 -22.97 19.86
CA LEU F 12 45.90 -22.40 19.65
C LEU F 12 45.10 -23.23 18.67
N THR F 13 45.71 -23.60 17.54
CA THR F 13 45.01 -24.39 16.54
C THR F 13 44.48 -25.69 17.13
N ILE F 14 45.16 -26.23 18.14
CA ILE F 14 44.72 -27.48 18.76
C ILE F 14 43.63 -27.23 19.77
N VAL F 15 43.86 -26.29 20.70
CA VAL F 15 42.84 -25.93 21.69
C VAL F 15 41.59 -25.44 20.99
N GLY F 16 41.74 -24.54 20.02
CA GLY F 16 40.60 -24.06 19.28
C GLY F 16 39.82 -25.18 18.62
N ALA F 17 40.52 -26.12 17.98
CA ALA F 17 39.86 -27.24 17.32
C ALA F 17 39.03 -28.04 18.32
N PHE F 18 39.61 -28.36 19.48
CA PHE F 18 38.86 -29.09 20.50
C PHE F 18 37.61 -28.32 20.91
N ALA F 19 37.76 -27.02 21.22
CA ALA F 19 36.62 -26.21 21.59
C ALA F 19 35.51 -26.29 20.54
N ALA F 20 35.88 -26.05 19.28
CA ALA F 20 34.91 -26.12 18.19
C ALA F 20 34.21 -27.48 18.17
N PHE F 21 34.98 -28.56 18.02
CA PHE F 21 34.41 -29.90 18.00
C PHE F 21 33.52 -30.14 19.22
N SER F 22 34.05 -29.87 20.42
CA SER F 22 33.29 -30.12 21.65
C SER F 22 31.99 -29.32 21.65
N LEU F 23 32.09 -28.00 21.46
CA LEU F 23 30.90 -27.16 21.42
C LEU F 23 29.85 -27.72 20.47
N MET F 24 30.25 -28.00 19.23
CA MET F 24 29.28 -28.44 18.23
C MET F 24 28.67 -29.79 18.60
N THR F 25 29.48 -30.70 19.13
CA THR F 25 28.95 -31.99 19.56
C THR F 25 27.92 -31.83 20.66
N ILE F 26 28.22 -30.98 21.65
CA ILE F 26 27.24 -30.68 22.70
C ILE F 26 25.96 -30.15 22.09
N ALA F 27 26.07 -29.23 21.14
CA ALA F 27 24.89 -28.63 20.52
C ALA F 27 24.00 -29.70 19.89
N VAL F 28 24.58 -30.51 18.99
CA VAL F 28 23.80 -31.53 18.30
C VAL F 28 23.15 -32.49 19.29
N GLY F 29 23.78 -32.70 20.45
CA GLY F 29 23.31 -33.69 21.40
C GLY F 29 22.37 -33.15 22.45
N THR F 30 22.34 -31.84 22.65
CA THR F 30 21.56 -31.25 23.73
C THR F 30 20.10 -31.12 23.31
N ASP F 31 19.31 -30.39 24.10
CA ASP F 31 17.87 -30.31 23.91
C ASP F 31 17.33 -28.89 24.00
N TYR F 32 18.19 -27.89 24.05
CA TYR F 32 17.78 -26.52 24.33
C TYR F 32 18.07 -25.59 23.16
N TRP F 33 17.67 -26.00 21.96
CA TRP F 33 17.90 -25.17 20.78
C TRP F 33 16.94 -24.00 20.71
N LEU F 34 15.64 -24.26 20.80
CA LEU F 34 14.63 -23.21 20.66
C LEU F 34 13.55 -23.40 21.71
N TYR F 35 13.41 -22.43 22.60
CA TYR F 35 12.35 -22.44 23.61
C TYR F 35 11.05 -22.01 22.95
N SER F 36 10.14 -22.96 22.76
CA SER F 36 8.86 -22.70 22.11
C SER F 36 7.72 -22.93 23.11
N ARG F 37 6.50 -22.93 22.59
CA ARG F 37 5.30 -23.25 23.37
C ARG F 37 4.45 -24.21 22.55
N GLY F 38 4.44 -25.47 22.94
CA GLY F 38 3.75 -26.49 22.20
C GLY F 38 3.37 -27.65 23.08
N VAL F 39 3.22 -28.83 22.47
CA VAL F 39 2.79 -30.03 23.16
C VAL F 39 4.01 -30.91 23.44
N CYS F 40 3.94 -31.64 24.54
CA CYS F 40 5.03 -32.52 24.97
C CYS F 40 4.58 -33.96 25.14
N LYS F 41 3.41 -34.32 24.62
CA LYS F 41 2.90 -35.69 24.71
C LYS F 41 2.04 -36.01 23.49
N GLU F 56 -0.74 -27.49 26.38
CA GLU F 56 0.28 -26.74 25.63
C GLU F 56 0.98 -25.74 26.55
N VAL F 57 2.29 -25.95 26.74
CA VAL F 57 3.12 -25.11 27.59
C VAL F 57 4.49 -24.99 26.95
N MET F 58 5.34 -24.17 27.56
CA MET F 58 6.71 -24.01 27.09
C MET F 58 7.38 -25.37 26.95
N THR F 59 8.20 -25.51 25.90
CA THR F 59 8.87 -26.78 25.62
C THR F 59 10.20 -26.47 24.95
N HIS F 60 11.30 -26.62 25.69
CA HIS F 60 12.62 -26.42 25.13
C HIS F 60 12.97 -27.55 24.15
N SER F 61 12.66 -27.35 22.88
CA SER F 61 12.93 -28.36 21.86
C SER F 61 14.42 -28.39 21.51
N GLY F 62 14.81 -29.43 20.78
CA GLY F 62 16.17 -29.59 20.34
C GLY F 62 16.26 -30.06 18.91
N LEU F 63 17.31 -30.79 18.57
CA LEU F 63 17.47 -31.33 17.22
C LEU F 63 16.89 -32.73 17.07
N TRP F 64 16.66 -33.44 18.18
CA TRP F 64 16.15 -34.81 18.13
C TRP F 64 14.99 -35.08 19.08
N ARG F 65 14.76 -34.24 20.09
CA ARG F 65 13.70 -34.47 21.06
C ARG F 65 13.08 -33.15 21.47
N THR F 66 11.83 -33.21 21.89
CA THR F 66 11.08 -32.05 22.37
C THR F 66 10.63 -32.37 23.80
N CYS F 67 11.40 -31.90 24.78
CA CYS F 67 11.24 -32.29 26.16
C CYS F 67 10.37 -31.27 26.89
N CYS F 68 9.37 -31.76 27.62
CA CYS F 68 8.37 -30.89 28.21
C CYS F 68 9.02 -29.94 29.22
N LEU F 69 8.44 -28.75 29.34
CA LEU F 69 8.93 -27.69 30.21
C LEU F 69 7.81 -27.27 31.15
N GLU F 70 7.98 -27.54 32.45
CA GLU F 70 7.00 -27.14 33.46
C GLU F 70 5.72 -27.96 33.31
N GLY F 71 4.70 -27.58 34.08
CA GLY F 71 3.44 -28.31 34.04
C GLY F 71 3.53 -29.60 34.83
N ASN F 72 2.43 -30.35 34.84
CA ASN F 72 2.40 -31.64 35.51
C ASN F 72 3.65 -32.45 35.18
N PHE F 73 3.92 -32.66 33.89
CA PHE F 73 5.06 -33.44 33.43
C PHE F 73 6.17 -32.46 33.06
N LYS F 74 7.11 -32.26 33.98
CA LYS F 74 8.20 -31.32 33.75
C LYS F 74 9.47 -32.01 33.26
N GLY F 75 9.36 -33.19 32.63
CA GLY F 75 10.51 -33.84 32.07
C GLY F 75 10.19 -34.97 31.11
N LEU F 76 9.18 -34.80 30.27
CA LEU F 76 8.84 -35.79 29.24
C LEU F 76 9.50 -35.38 27.93
N CYS F 77 10.76 -35.78 27.75
CA CYS F 77 11.46 -35.48 26.50
C CYS F 77 10.84 -36.27 25.37
N LYS F 78 9.78 -35.73 24.76
CA LYS F 78 9.16 -36.37 23.61
C LYS F 78 10.07 -36.30 22.40
N GLN F 79 9.68 -37.02 21.34
CA GLN F 79 10.38 -36.99 20.07
C GLN F 79 9.74 -35.96 19.14
N ILE F 80 10.45 -35.62 18.07
CA ILE F 80 9.98 -34.65 17.10
C ILE F 80 9.26 -35.37 15.97
N ASP F 81 8.20 -34.76 15.46
CA ASP F 81 7.47 -35.29 14.31
C ASP F 81 7.90 -34.57 13.02
N HIS F 82 9.18 -34.76 12.68
CA HIS F 82 9.74 -34.08 11.52
C HIS F 82 8.93 -34.32 10.26
N PHE F 83 8.35 -35.51 10.12
CA PHE F 83 7.49 -35.86 9.00
C PHE F 83 6.05 -35.98 9.47
N PRO F 84 5.29 -34.88 9.51
CA PRO F 84 3.89 -34.87 9.98
C PRO F 84 3.04 -35.97 9.38
N THR F 93 9.19 -30.84 -5.41
CA THR F 93 9.47 -31.33 -4.06
C THR F 93 10.36 -30.36 -3.30
N ALA F 94 9.75 -29.30 -2.77
CA ALA F 94 10.49 -28.28 -2.03
C ALA F 94 10.25 -28.34 -0.52
N GLU F 95 9.26 -29.12 -0.06
CA GLU F 95 9.04 -29.31 1.36
C GLU F 95 9.43 -30.70 1.86
N TYR F 96 9.73 -31.64 0.95
CA TYR F 96 10.24 -32.94 1.35
C TYR F 96 11.75 -32.94 1.49
N PHE F 97 12.45 -32.25 0.58
CA PHE F 97 13.90 -32.14 0.70
C PHE F 97 14.29 -31.36 1.94
N LEU F 98 13.66 -30.21 2.15
CA LEU F 98 13.94 -29.41 3.35
C LEU F 98 13.67 -30.21 4.62
N ARG F 99 12.52 -30.87 4.68
CA ARG F 99 12.20 -31.67 5.86
C ARG F 99 13.20 -32.80 6.04
N ALA F 100 13.51 -33.53 4.96
CA ALA F 100 14.52 -34.57 5.02
C ALA F 100 15.79 -34.08 5.68
N VAL F 101 16.35 -32.98 5.16
CA VAL F 101 17.57 -32.42 5.72
C VAL F 101 17.36 -32.09 7.20
N ARG F 102 16.41 -31.20 7.49
CA ARG F 102 16.14 -30.82 8.87
C ARG F 102 16.01 -32.05 9.77
N ALA F 103 15.19 -33.02 9.37
CA ALA F 103 14.98 -34.21 10.18
C ALA F 103 16.28 -34.98 10.36
N SER F 104 16.86 -35.44 9.26
CA SER F 104 18.13 -36.17 9.33
C SER F 104 19.22 -35.33 9.98
N SER F 105 19.11 -34.00 9.91
CA SER F 105 20.11 -33.10 10.48
C SER F 105 21.50 -33.37 9.89
N ILE F 106 21.54 -33.80 8.63
CA ILE F 106 22.81 -34.13 7.98
C ILE F 106 23.82 -33.02 8.18
N PHE F 107 23.43 -31.78 7.87
CA PHE F 107 24.39 -30.68 7.88
C PHE F 107 24.97 -30.43 9.26
N PRO F 108 24.18 -30.27 10.32
CA PRO F 108 24.79 -30.15 11.65
C PRO F 108 25.71 -31.31 12.00
N ILE F 109 25.30 -32.55 11.69
CA ILE F 109 26.15 -33.70 11.95
C ILE F 109 27.39 -33.67 11.07
N LEU F 110 27.23 -33.20 9.83
CA LEU F 110 28.37 -33.17 8.91
C LEU F 110 29.45 -32.22 9.39
N SER F 111 29.07 -31.09 9.97
CA SER F 111 30.05 -30.18 10.53
C SER F 111 30.89 -30.86 11.61
N VAL F 112 30.23 -31.61 12.50
CA VAL F 112 30.96 -32.31 13.56
C VAL F 112 31.98 -33.26 12.96
N ILE F 113 31.56 -34.03 11.95
CA ILE F 113 32.48 -34.95 11.29
C ILE F 113 33.68 -34.21 10.73
N LEU F 114 33.42 -33.09 10.03
CA LEU F 114 34.51 -32.35 9.41
C LEU F 114 35.43 -31.73 10.45
N LEU F 115 34.87 -31.25 11.56
CA LEU F 115 35.70 -30.75 12.65
C LEU F 115 36.57 -31.86 13.23
N PHE F 116 36.01 -33.06 13.38
CA PHE F 116 36.80 -34.19 13.86
C PHE F 116 37.92 -34.53 12.89
N MET F 117 37.61 -34.53 11.58
CA MET F 117 38.65 -34.84 10.59
C MET F 117 39.73 -33.78 10.56
N GLY F 118 39.38 -32.51 10.80
CA GLY F 118 40.39 -31.48 10.90
C GLY F 118 41.32 -31.68 12.07
N GLY F 119 40.79 -32.17 13.19
CA GLY F 119 41.62 -32.42 14.35
C GLY F 119 42.63 -33.52 14.12
N LEU F 120 42.19 -34.63 13.50
CA LEU F 120 43.12 -35.69 13.13
C LEU F 120 44.28 -35.14 12.31
N CYS F 121 43.99 -34.29 11.32
CA CYS F 121 45.03 -33.76 10.46
C CYS F 121 46.09 -33.01 11.28
N ILE F 122 45.64 -32.10 12.15
CA ILE F 122 46.58 -31.41 13.03
C ILE F 122 47.42 -32.41 13.79
N ALA F 123 46.78 -33.43 14.37
CA ALA F 123 47.52 -34.44 15.11
C ALA F 123 48.44 -35.23 14.18
N ALA F 124 47.97 -35.54 12.98
CA ALA F 124 48.84 -36.19 11.99
C ALA F 124 49.94 -35.26 11.50
N SER F 125 49.69 -33.94 11.56
CA SER F 125 50.71 -32.99 11.12
C SER F 125 51.95 -33.01 11.99
N GLU F 126 51.82 -33.48 13.24
CA GLU F 126 52.99 -33.57 14.13
C GLU F 126 53.88 -34.76 13.75
N PHE F 127 53.31 -35.96 13.79
CA PHE F 127 54.05 -37.16 13.39
C PHE F 127 54.75 -36.97 12.04
N TYR F 128 53.97 -36.72 10.99
CA TYR F 128 54.50 -36.61 9.64
C TYR F 128 54.81 -35.15 9.32
N LYS F 129 55.84 -34.64 10.00
CA LYS F 129 56.23 -33.25 9.83
C LYS F 129 56.56 -32.94 8.36
N THR F 130 57.51 -33.69 7.79
CA THR F 130 57.94 -33.48 6.42
C THR F 130 56.78 -33.12 5.48
N ARG F 131 55.76 -33.95 5.45
CA ARG F 131 54.59 -33.74 4.58
C ARG F 131 53.80 -32.53 5.05
N HIS F 132 54.00 -31.40 4.38
CA HIS F 132 53.34 -30.15 4.76
C HIS F 132 51.90 -30.07 4.25
N ASN F 133 51.55 -30.90 3.25
CA ASN F 133 50.23 -30.80 2.65
C ASN F 133 49.12 -31.01 3.69
N ILE F 134 49.33 -31.95 4.61
CA ILE F 134 48.31 -32.28 5.61
C ILE F 134 47.75 -31.00 6.23
N ILE F 135 48.64 -30.11 6.69
CA ILE F 135 48.18 -28.91 7.41
C ILE F 135 47.11 -28.20 6.61
N LEU F 136 47.29 -28.07 5.30
CA LEU F 136 46.29 -27.40 4.48
C LEU F 136 44.96 -28.13 4.53
N SER F 137 44.99 -29.47 4.50
CA SER F 137 43.77 -30.25 4.61
C SER F 137 42.97 -29.88 5.85
N ALA F 138 43.65 -29.72 6.99
CA ALA F 138 42.96 -29.30 8.21
C ALA F 138 42.29 -27.95 8.00
N GLY F 139 42.97 -27.01 7.33
CA GLY F 139 42.38 -25.71 7.10
C GLY F 139 41.10 -25.80 6.29
N ILE F 140 41.14 -26.56 5.20
CA ILE F 140 39.95 -26.73 4.36
C ILE F 140 38.84 -27.41 5.15
N PHE F 141 39.19 -28.45 5.92
CA PHE F 141 38.19 -29.14 6.74
C PHE F 141 37.51 -28.16 7.69
N PHE F 142 38.31 -27.39 8.43
CA PHE F 142 37.74 -26.44 9.38
C PHE F 142 36.90 -25.40 8.67
N VAL F 143 37.41 -24.85 7.56
CA VAL F 143 36.66 -23.84 6.81
C VAL F 143 35.36 -24.44 6.27
N SER F 144 35.45 -25.65 5.70
CA SER F 144 34.25 -26.30 5.18
C SER F 144 33.30 -26.69 6.30
N ALA F 145 33.83 -27.03 7.48
CA ALA F 145 32.97 -27.31 8.63
C ALA F 145 32.12 -26.10 8.98
N GLY F 146 32.71 -24.90 8.97
CA GLY F 146 31.93 -23.71 9.22
C GLY F 146 30.81 -23.51 8.22
N LEU F 147 31.08 -23.79 6.94
CA LEU F 147 30.05 -23.60 5.92
C LEU F 147 28.91 -24.58 6.09
N SER F 148 29.22 -25.83 6.49
CA SER F 148 28.16 -26.78 6.79
C SER F 148 27.31 -26.31 7.96
N ASN F 149 27.95 -25.76 9.00
CA ASN F 149 27.21 -25.25 10.15
C ASN F 149 26.29 -24.10 9.76
N ILE F 150 26.71 -23.26 8.81
CA ILE F 150 25.87 -22.17 8.35
C ILE F 150 24.58 -22.72 7.75
N ILE F 151 24.70 -23.73 6.87
CA ILE F 151 23.52 -24.33 6.28
C ILE F 151 22.65 -24.95 7.37
N GLY F 152 23.27 -25.54 8.38
CA GLY F 152 22.54 -26.08 9.52
C GLY F 152 21.62 -25.06 10.16
N ILE F 153 22.20 -23.92 10.55
CA ILE F 153 21.40 -22.87 11.19
C ILE F 153 20.25 -22.45 10.30
N ILE F 154 20.54 -22.17 9.03
CA ILE F 154 19.51 -21.72 8.09
C ILE F 154 18.45 -22.80 7.93
N VAL F 155 18.87 -24.03 7.66
CA VAL F 155 17.92 -25.13 7.52
C VAL F 155 17.06 -25.25 8.78
N TYR F 156 17.71 -25.24 9.95
CA TYR F 156 16.97 -25.32 11.21
C TYR F 156 15.95 -24.20 11.31
N ILE F 157 16.41 -22.95 11.17
CA ILE F 157 15.52 -21.81 11.32
C ILE F 157 14.42 -21.84 10.27
N SER F 158 14.79 -22.12 9.02
CA SER F 158 13.82 -22.11 7.94
C SER F 158 12.70 -23.12 8.17
N ALA F 159 13.08 -24.27 8.71
CA ALA F 159 12.10 -25.32 9.01
C ALA F 159 11.29 -24.94 10.25
N ASN F 160 11.94 -24.28 11.20
CA ASN F 160 11.23 -23.82 12.43
C ASN F 160 10.14 -22.83 12.02
N ALA F 161 10.16 -22.40 10.76
CA ALA F 161 9.12 -21.46 10.26
C ALA F 161 7.92 -22.26 9.77
N GLY F 162 8.05 -23.57 9.69
CA GLY F 162 6.93 -24.43 9.25
C GLY F 162 5.73 -24.27 10.18
N ASN F 172 2.97 -17.40 19.28
CA ASN F 172 4.13 -18.20 19.64
C ASN F 172 5.39 -17.33 19.75
N SER F 173 5.86 -17.13 20.97
CA SER F 173 7.10 -16.41 21.23
C SER F 173 8.20 -17.41 21.53
N TYR F 174 9.16 -17.54 20.61
CA TYR F 174 10.21 -18.53 20.70
C TYR F 174 11.56 -17.83 20.89
N SER F 175 12.44 -18.45 21.68
CA SER F 175 13.75 -17.89 21.97
C SER F 175 14.79 -19.00 21.91
N TYR F 176 15.98 -18.66 21.41
CA TYR F 176 17.02 -19.65 21.19
C TYR F 176 17.82 -19.86 22.47
N GLY F 177 18.03 -21.13 22.83
CA GLY F 177 18.70 -21.48 24.07
C GLY F 177 20.22 -21.56 23.90
N TRP F 178 20.88 -21.97 24.99
CA TRP F 178 22.33 -22.06 24.97
C TRP F 178 22.82 -23.02 23.89
N SER F 179 22.11 -24.12 23.68
CA SER F 179 22.56 -25.11 22.70
C SER F 179 22.69 -24.49 21.31
N PHE F 180 21.71 -23.69 20.90
CA PHE F 180 21.77 -23.06 19.59
C PHE F 180 22.98 -22.15 19.45
N TYR F 181 23.28 -21.38 20.51
CA TYR F 181 24.41 -20.46 20.46
C TYR F 181 25.74 -21.20 20.50
N PHE F 182 25.80 -22.37 21.13
CA PHE F 182 27.00 -23.19 21.04
C PHE F 182 27.28 -23.60 19.60
N GLY F 183 26.25 -24.05 18.89
CA GLY F 183 26.41 -24.34 17.47
C GLY F 183 26.94 -23.14 16.71
N ALA F 184 26.34 -21.97 16.94
CA ALA F 184 26.78 -20.76 16.25
C ALA F 184 28.18 -20.36 16.69
N LEU F 185 28.48 -20.49 17.99
CA LEU F 185 29.81 -20.16 18.47
C LEU F 185 30.86 -21.13 17.93
N SER F 186 30.49 -22.41 17.78
CA SER F 186 31.41 -23.37 17.20
C SER F 186 31.83 -22.95 15.80
N PHE F 187 30.85 -22.53 14.97
CA PHE F 187 31.17 -22.01 13.65
C PHE F 187 32.25 -20.94 13.71
N ILE F 188 32.05 -19.94 14.59
CA ILE F 188 33.03 -18.87 14.69
C ILE F 188 34.40 -19.42 15.08
N ILE F 189 34.42 -20.27 16.11
CA ILE F 189 35.69 -20.85 16.55
C ILE F 189 36.34 -21.65 15.43
N ALA F 190 35.53 -22.36 14.65
CA ALA F 190 36.07 -23.17 13.56
C ALA F 190 36.63 -22.29 12.45
N GLU F 191 35.91 -21.24 12.07
CA GLU F 191 36.43 -20.31 11.08
C GLU F 191 37.74 -19.70 11.55
N MET F 192 37.84 -19.39 12.84
CA MET F 192 39.09 -18.83 13.37
C MET F 192 40.21 -19.86 13.31
N VAL F 193 39.89 -21.13 13.58
CA VAL F 193 40.90 -22.19 13.47
C VAL F 193 41.18 -22.55 12.02
N GLY F 194 40.32 -22.14 11.08
CA GLY F 194 40.58 -22.40 9.68
C GLY F 194 41.50 -21.38 9.04
N VAL F 195 41.51 -20.15 9.55
CA VAL F 195 42.47 -19.16 9.08
C VAL F 195 43.84 -19.43 9.67
N LEU F 196 43.90 -19.78 10.96
CA LEU F 196 45.19 -20.06 11.60
C LEU F 196 45.90 -21.21 10.90
N ALA F 197 45.15 -22.26 10.53
CA ALA F 197 45.76 -23.38 9.82
C ALA F 197 46.37 -22.92 8.49
N VAL F 198 45.65 -22.09 7.76
CA VAL F 198 46.15 -21.61 6.47
C VAL F 198 47.42 -20.81 6.66
N HIS F 199 47.48 -19.98 7.70
CA HIS F 199 48.71 -19.25 7.99
C HIS F 199 49.85 -20.22 8.29
N MET F 200 49.59 -21.27 9.07
CA MET F 200 50.63 -22.24 9.37
C MET F 200 51.13 -22.92 8.10
N PHE F 201 50.21 -23.29 7.21
CA PHE F 201 50.62 -23.84 5.92
C PHE F 201 51.45 -22.84 5.13
N ILE F 202 51.00 -21.58 5.09
CA ILE F 202 51.74 -20.55 4.38
C ILE F 202 53.15 -20.41 4.96
N ASP F 203 53.25 -20.37 6.29
CA ASP F 203 54.55 -20.21 6.93
C ASP F 203 55.48 -21.37 6.57
N ARG F 204 54.95 -22.59 6.55
CA ARG F 204 55.76 -23.73 6.14
C ARG F 204 56.41 -23.48 4.78
N HIS F 205 55.62 -23.06 3.79
CA HIS F 205 56.14 -22.85 2.46
C HIS F 205 57.10 -21.67 2.40
N LYS F 206 56.87 -20.65 3.23
CA LYS F 206 57.80 -19.52 3.29
C LYS F 206 59.19 -19.99 3.71
N GLN F 207 59.26 -20.86 4.72
CA GLN F 207 60.56 -21.38 5.14
C GLN F 207 61.20 -22.22 4.04
N LEU F 208 60.38 -22.97 3.30
CA LEU F 208 60.91 -23.75 2.18
C LEU F 208 61.48 -22.84 1.10
N ARG F 209 60.80 -21.73 0.81
CA ARG F 209 61.25 -20.82 -0.24
C ARG F 209 62.39 -19.93 0.21
N ALA F 210 62.57 -19.74 1.52
CA ALA F 210 63.69 -18.97 2.02
C ALA F 210 64.98 -19.78 1.98
N THR F 211 65.02 -20.89 2.74
CA THR F 211 66.22 -21.71 2.80
C THR F 211 66.68 -22.15 1.41
N ALA F 212 65.75 -22.29 0.48
CA ALA F 212 66.08 -22.76 -0.87
C ALA F 212 65.45 -21.86 -1.92
N GLY G 7 52.79 30.35 16.20
CA GLY G 7 52.65 31.79 16.08
C GLY G 7 51.20 32.26 16.06
N VAL G 8 50.73 32.65 14.87
CA VAL G 8 49.33 33.05 14.73
C VAL G 8 48.40 31.85 14.76
N GLN G 9 48.89 30.66 14.40
CA GLN G 9 48.05 29.47 14.49
C GLN G 9 47.63 29.20 15.93
N MET G 10 48.56 29.33 16.87
CA MET G 10 48.21 29.15 18.28
C MET G 10 47.20 30.19 18.74
N LEU G 11 47.31 31.41 18.21
CA LEU G 11 46.36 32.47 18.59
C LEU G 11 44.93 32.07 18.26
N LEU G 12 44.69 31.59 17.04
CA LEU G 12 43.36 31.14 16.67
C LEU G 12 42.83 30.09 17.64
N THR G 13 43.64 29.05 17.90
CA THR G 13 43.23 27.99 18.81
C THR G 13 42.75 28.56 20.13
N ILE G 14 43.57 29.40 20.77
CA ILE G 14 43.20 29.97 22.06
C ILE G 14 41.87 30.70 21.96
N VAL G 15 41.78 31.65 21.03
CA VAL G 15 40.54 32.41 20.85
C VAL G 15 39.38 31.47 20.54
N GLY G 16 39.61 30.54 19.61
CA GLY G 16 38.54 29.61 19.25
C GLY G 16 38.14 28.71 20.39
N ALA G 17 39.11 28.25 21.17
CA ALA G 17 38.80 27.42 22.34
C ALA G 17 37.97 28.19 23.36
N PHE G 18 38.34 29.45 23.62
CA PHE G 18 37.56 30.26 24.54
C PHE G 18 36.14 30.46 24.03
N ALA G 19 35.99 30.73 22.74
CA ALA G 19 34.66 30.96 22.18
C ALA G 19 33.78 29.71 22.35
N ALA G 20 34.31 28.54 21.98
CA ALA G 20 33.57 27.30 22.16
C ALA G 20 33.12 27.12 23.60
N PHE G 21 34.06 27.22 24.54
CA PHE G 21 33.71 27.09 25.95
C PHE G 21 32.62 28.08 26.35
N SER G 22 32.82 29.36 26.01
CA SER G 22 31.85 30.39 26.40
C SER G 22 30.47 30.09 25.82
N LEU G 23 30.41 29.76 24.53
CA LEU G 23 29.14 29.46 23.88
C LEU G 23 28.41 28.34 24.62
N MET G 24 29.08 27.22 24.85
CA MET G 24 28.42 26.06 25.45
C MET G 24 27.90 26.39 26.85
N THR G 25 28.68 27.13 27.64
CA THR G 25 28.27 27.44 29.00
C THR G 25 26.98 28.25 29.02
N ILE G 26 26.92 29.30 28.19
CA ILE G 26 25.69 30.07 28.05
C ILE G 26 24.52 29.14 27.74
N ALA G 27 24.67 28.29 26.73
CA ALA G 27 23.62 27.35 26.34
C ALA G 27 23.06 26.62 27.56
N VAL G 28 23.90 25.85 28.25
CA VAL G 28 23.45 25.06 29.38
C VAL G 28 22.75 25.95 30.41
N GLY G 29 23.37 27.07 30.75
CA GLY G 29 22.84 27.90 31.83
C GLY G 29 21.57 28.63 31.47
N THR G 30 21.36 28.92 30.19
CA THR G 30 20.21 29.71 29.76
C THR G 30 18.94 28.85 29.80
N ASP G 31 17.85 29.39 29.25
CA ASP G 31 16.55 28.73 29.29
C ASP G 31 15.78 28.89 27.98
N TYR G 32 16.48 29.12 26.87
CA TYR G 32 15.82 29.42 25.60
C TYR G 32 16.14 28.36 24.56
N TRP G 33 15.91 27.09 24.91
CA TRP G 33 16.26 25.98 24.04
C TRP G 33 15.10 25.56 23.14
N LEU G 34 13.89 25.51 23.66
CA LEU G 34 12.74 24.97 22.93
C LEU G 34 11.55 25.89 23.16
N TYR G 35 11.18 26.66 22.13
CA TYR G 35 10.03 27.55 22.20
C TYR G 35 8.77 26.70 21.99
N SER G 36 8.24 26.19 23.08
CA SER G 36 7.05 25.35 23.08
C SER G 36 5.85 26.15 23.57
N ARG G 37 4.78 25.42 23.91
CA ARG G 37 3.55 26.06 24.44
C ARG G 37 3.04 25.23 25.62
N GLY G 38 3.52 25.50 26.83
CA GLY G 38 3.13 24.74 28.00
C GLY G 38 2.91 25.60 29.23
N VAL G 39 2.76 24.97 30.38
CA VAL G 39 2.49 25.69 31.62
C VAL G 39 3.80 25.95 32.34
N CYS G 40 3.77 26.92 33.27
CA CYS G 40 4.92 27.22 34.11
C CYS G 40 4.54 27.33 35.58
N LYS G 41 3.37 26.83 35.96
CA LYS G 41 2.90 26.87 37.33
C LYS G 41 2.41 25.48 37.73
N THR G 42 3.05 24.88 38.72
CA THR G 42 2.69 23.56 39.23
C THR G 42 1.18 23.30 39.20
N SER G 51 -9.62 23.38 42.18
CA SER G 51 -9.31 24.28 41.06
C SER G 51 -9.66 23.63 39.73
N LYS G 52 -8.93 22.58 39.38
CA LYS G 52 -9.16 21.83 38.15
C LYS G 52 -9.29 22.76 36.95
N LYS G 53 -8.21 23.48 36.68
CA LYS G 53 -8.15 24.37 35.53
C LYS G 53 -6.72 24.41 35.01
N ASN G 54 -6.57 24.89 33.78
CA ASN G 54 -5.26 24.97 33.14
C ASN G 54 -5.35 25.91 31.95
N GLU G 55 -4.18 26.24 31.42
CA GLU G 55 -4.09 27.15 30.27
C GLU G 55 -2.68 27.14 29.70
N GLU G 56 -2.51 26.58 28.51
CA GLU G 56 -1.20 26.46 27.88
C GLU G 56 -0.91 27.74 27.11
N VAL G 57 0.21 28.38 27.44
CA VAL G 57 0.66 29.59 26.78
C VAL G 57 2.07 29.37 26.26
N MET G 58 2.45 30.16 25.25
CA MET G 58 3.77 30.03 24.66
C MET G 58 4.85 30.11 25.72
N THR G 59 5.78 29.15 25.70
CA THR G 59 6.87 29.10 26.67
C THR G 59 8.18 28.86 25.95
N HIS G 60 9.27 29.30 26.58
CA HIS G 60 10.62 29.07 26.08
C HIS G 60 11.30 28.13 27.07
N SER G 61 11.33 26.85 26.75
CA SER G 61 11.89 25.85 27.65
C SER G 61 13.41 25.89 27.63
N GLY G 62 14.01 25.20 28.59
CA GLY G 62 15.45 25.08 28.67
C GLY G 62 15.89 23.68 29.02
N LEU G 63 17.09 23.54 29.59
CA LEU G 63 17.53 22.23 30.08
C LEU G 63 17.03 21.94 31.49
N TRP G 64 16.73 22.98 32.27
CA TRP G 64 16.33 22.82 33.66
C TRP G 64 14.95 23.39 33.97
N ARG G 65 14.67 24.60 33.51
CA ARG G 65 13.44 25.30 33.87
C ARG G 65 12.67 25.72 32.63
N THR G 66 11.35 25.69 32.74
CA THR G 66 10.43 26.10 31.68
C THR G 66 9.89 27.49 32.04
N CYS G 67 10.49 28.53 31.49
CA CYS G 67 10.15 29.91 31.81
C CYS G 67 9.14 30.43 30.79
N CYS G 68 8.00 30.91 31.28
CA CYS G 68 6.99 31.49 30.41
C CYS G 68 7.46 32.84 29.87
N LEU G 69 7.01 33.16 28.65
CA LEU G 69 7.30 34.43 28.02
C LEU G 69 6.04 35.17 27.58
N GLU G 70 4.86 34.66 27.88
CA GLU G 70 3.62 35.33 27.55
C GLU G 70 2.57 35.00 28.60
N GLY G 71 1.62 35.93 28.76
CA GLY G 71 0.52 35.74 29.68
C GLY G 71 0.78 36.40 31.03
N ASN G 72 -0.16 36.15 31.95
CA ASN G 72 -0.07 36.74 33.27
C ASN G 72 1.06 36.16 34.10
N PHE G 73 1.58 35.00 33.70
CA PHE G 73 2.74 34.37 34.35
C PHE G 73 4.04 34.69 33.62
N LYS G 74 4.11 35.84 32.94
CA LYS G 74 5.28 36.18 32.16
C LYS G 74 6.49 36.38 33.06
N GLY G 75 7.45 35.45 32.97
CA GLY G 75 8.67 35.51 33.75
C GLY G 75 8.76 34.46 34.84
N LEU G 76 7.66 33.78 35.16
CA LEU G 76 7.69 32.78 36.21
C LEU G 76 8.39 31.53 35.70
N CYS G 77 9.53 31.20 36.32
CA CYS G 77 10.36 30.08 35.89
C CYS G 77 10.07 28.86 36.75
N LYS G 78 9.30 27.93 36.19
CA LYS G 78 9.02 26.67 36.87
C LYS G 78 10.17 25.68 36.65
N GLN G 79 10.19 24.64 37.47
CA GLN G 79 11.11 23.54 37.28
C GLN G 79 10.52 22.53 36.29
N ILE G 80 11.33 21.57 35.89
CA ILE G 80 10.93 20.53 34.94
C ILE G 80 11.10 19.17 35.60
N ASP G 81 10.00 18.43 35.73
CA ASP G 81 10.02 17.09 36.30
C ASP G 81 10.30 16.09 35.18
N HIS G 82 11.59 15.93 34.86
CA HIS G 82 11.97 15.03 33.78
C HIS G 82 11.45 13.62 34.04
N PHE G 83 11.26 13.24 35.30
CA PHE G 83 10.66 11.96 35.63
C PHE G 83 9.23 12.16 36.11
N PRO G 84 8.26 12.33 35.19
CA PRO G 84 6.86 12.61 35.53
C PRO G 84 6.29 11.63 36.55
N THR G 93 14.24 -1.32 29.81
CA THR G 93 14.56 -0.11 30.57
C THR G 93 15.10 0.97 29.65
N ALA G 94 14.87 0.81 28.34
CA ALA G 94 15.36 1.78 27.37
C ALA G 94 14.83 3.18 27.69
N GLU G 95 13.51 3.29 27.89
CA GLU G 95 12.91 4.61 28.09
C GLU G 95 13.42 5.25 29.38
N TYR G 96 13.55 4.46 30.44
CA TYR G 96 14.08 4.99 31.70
C TYR G 96 15.47 5.59 31.50
N PHE G 97 16.35 4.86 30.85
CA PHE G 97 17.72 5.35 30.65
C PHE G 97 17.73 6.69 29.93
N LEU G 98 16.92 6.82 28.87
CA LEU G 98 16.85 8.09 28.14
C LEU G 98 16.46 9.24 29.07
N ARG G 99 15.36 9.07 29.80
CA ARG G 99 14.91 10.13 30.70
C ARG G 99 15.95 10.41 31.78
N ALA G 100 16.58 9.37 32.31
CA ALA G 100 17.59 9.57 33.34
C ALA G 100 18.75 10.40 32.81
N VAL G 101 19.22 10.10 31.61
CA VAL G 101 20.33 10.86 31.02
C VAL G 101 19.88 12.27 30.69
N ARG G 102 18.67 12.42 30.15
CA ARG G 102 18.20 13.73 29.74
C ARG G 102 18.00 14.67 30.93
N ALA G 103 17.70 14.11 32.11
CA ALA G 103 17.43 14.96 33.27
C ALA G 103 18.71 15.57 33.81
N SER G 104 19.75 14.76 33.97
CA SER G 104 21.02 15.22 34.54
C SER G 104 21.86 16.00 33.54
N SER G 105 21.54 15.95 32.24
CA SER G 105 22.31 16.64 31.21
C SER G 105 23.78 16.21 31.25
N ILE G 106 24.03 14.94 31.59
CA ILE G 106 25.39 14.43 31.68
C ILE G 106 26.20 14.85 30.46
N PHE G 107 25.71 14.54 29.26
CA PHE G 107 26.49 14.78 28.06
C PHE G 107 26.67 16.27 27.80
N PRO G 108 25.62 17.10 27.77
CA PRO G 108 25.83 18.54 27.58
C PRO G 108 26.78 19.14 28.61
N ILE G 109 26.64 18.77 29.88
CA ILE G 109 27.56 19.25 30.90
C ILE G 109 28.95 18.64 30.70
N LEU G 110 29.01 17.39 30.25
CA LEU G 110 30.30 16.75 30.01
C LEU G 110 31.11 17.51 28.96
N SER G 111 30.44 18.01 27.91
CA SER G 111 31.14 18.81 26.90
C SER G 111 31.74 20.07 27.52
N VAL G 112 31.00 20.72 28.41
CA VAL G 112 31.54 21.89 29.11
C VAL G 112 32.81 21.50 29.85
N ILE G 113 32.79 20.38 30.58
CA ILE G 113 33.96 19.95 31.33
C ILE G 113 35.12 19.65 30.39
N LEU G 114 34.83 19.04 29.24
CA LEU G 114 35.90 18.66 28.32
C LEU G 114 36.53 19.88 27.66
N LEU G 115 35.69 20.85 27.24
CA LEU G 115 36.23 22.05 26.62
C LEU G 115 37.08 22.85 27.60
N PHE G 116 36.62 22.95 28.85
CA PHE G 116 37.42 23.62 29.88
C PHE G 116 38.76 22.93 30.06
N MET G 117 38.75 21.59 30.15
CA MET G 117 40.00 20.86 30.30
C MET G 117 40.88 21.01 29.07
N GLY G 118 40.29 21.00 27.88
CA GLY G 118 41.08 21.15 26.67
C GLY G 118 41.80 22.49 26.60
N GLY G 119 41.24 23.52 27.24
CA GLY G 119 41.87 24.82 27.24
C GLY G 119 43.03 24.90 28.21
N LEU G 120 42.88 24.23 29.36
CA LEU G 120 43.98 24.14 30.31
C LEU G 120 45.23 23.57 29.65
N CYS G 121 45.06 22.51 28.85
CA CYS G 121 46.21 21.89 28.20
C CYS G 121 46.95 22.90 27.32
N ILE G 122 46.19 23.65 26.50
CA ILE G 122 46.81 24.67 25.65
C ILE G 122 47.54 25.70 26.51
N ALA G 123 46.92 26.11 27.62
CA ALA G 123 47.59 27.03 28.53
C ALA G 123 48.85 26.39 29.12
N ALA G 124 48.76 25.11 29.51
CA ALA G 124 49.92 24.42 30.05
C ALA G 124 51.06 24.32 29.05
N SER G 125 50.76 24.47 27.75
CA SER G 125 51.80 24.33 26.73
C SER G 125 52.89 25.38 26.92
N GLU G 126 52.51 26.66 26.85
CA GLU G 126 53.44 27.77 27.02
C GLU G 126 54.39 27.53 28.17
N PHE G 127 53.89 26.97 29.27
CA PHE G 127 54.74 26.73 30.44
C PHE G 127 55.69 25.56 30.21
N TYR G 128 55.17 24.45 29.70
CA TYR G 128 55.96 23.27 29.38
C TYR G 128 56.04 23.14 27.86
N LYS G 129 57.11 23.69 27.27
CA LYS G 129 57.29 23.71 25.83
C LYS G 129 58.21 22.60 25.34
N THR G 130 58.45 21.59 26.17
CA THR G 130 59.32 20.47 25.81
C THR G 130 58.60 19.13 25.78
N ARG G 131 57.27 19.14 25.88
CA ARG G 131 56.47 17.92 25.93
C ARG G 131 55.33 18.07 24.91
N HIS G 132 55.56 17.55 23.70
CA HIS G 132 54.61 17.77 22.61
C HIS G 132 53.23 17.19 22.92
N ASN G 133 53.16 16.21 23.82
CA ASN G 133 51.87 15.57 24.11
C ASN G 133 50.90 16.48 24.85
N ILE G 134 51.35 17.67 25.26
CA ILE G 134 50.42 18.63 25.84
C ILE G 134 49.47 19.17 24.78
N ILE G 135 49.96 19.34 23.56
CA ILE G 135 49.13 19.91 22.50
C ILE G 135 48.18 18.86 21.94
N LEU G 136 48.65 17.62 21.78
CA LEU G 136 47.79 16.57 21.26
C LEU G 136 46.68 16.21 22.25
N SER G 137 46.94 16.40 23.55
CA SER G 137 45.87 16.20 24.53
C SER G 137 44.71 17.16 24.29
N ALA G 138 45.02 18.44 24.08
CA ALA G 138 43.99 19.41 23.75
C ALA G 138 43.19 18.97 22.54
N GLY G 139 43.87 18.44 21.52
CA GLY G 139 43.17 18.00 20.33
C GLY G 139 42.14 16.91 20.62
N ILE G 140 42.51 15.95 21.45
CA ILE G 140 41.59 14.84 21.75
C ILE G 140 40.42 15.32 22.60
N PHE G 141 40.70 16.19 23.58
CA PHE G 141 39.61 16.75 24.39
C PHE G 141 38.64 17.53 23.52
N PHE G 142 39.15 18.38 22.62
CA PHE G 142 38.29 19.19 21.79
C PHE G 142 37.48 18.34 20.82
N VAL G 143 38.13 17.34 20.21
CA VAL G 143 37.41 16.42 19.34
C VAL G 143 36.40 15.61 20.13
N SER G 144 36.80 15.14 21.32
CA SER G 144 35.89 14.36 22.15
C SER G 144 34.80 15.24 22.76
N ALA G 145 35.10 16.52 22.99
CA ALA G 145 34.08 17.44 23.46
C ALA G 145 32.98 17.62 22.41
N GLY G 146 33.37 17.71 21.14
CA GLY G 146 32.38 17.77 20.08
C GLY G 146 31.48 16.55 20.05
N LEU G 147 32.05 15.37 20.27
CA LEU G 147 31.26 14.14 20.21
C LEU G 147 30.23 14.09 21.34
N SER G 148 30.62 14.55 22.54
CA SER G 148 29.64 14.66 23.62
C SER G 148 28.52 15.61 23.28
N ASN G 149 28.86 16.72 22.61
CA ASN G 149 27.83 17.69 22.21
C ASN G 149 26.82 17.05 21.26
N ILE G 150 27.31 16.27 20.30
CA ILE G 150 26.40 15.57 19.39
C ILE G 150 25.43 14.70 20.17
N ILE G 151 25.93 13.91 21.10
CA ILE G 151 25.07 13.04 21.88
C ILE G 151 24.05 13.85 22.67
N GLY G 152 24.48 14.98 23.24
CA GLY G 152 23.56 15.82 23.99
C GLY G 152 22.41 16.33 23.14
N ILE G 153 22.73 16.82 21.94
CA ILE G 153 21.70 17.26 21.02
C ILE G 153 20.73 16.11 20.71
N ILE G 154 21.29 14.94 20.37
CA ILE G 154 20.45 13.81 20.02
C ILE G 154 19.58 13.39 21.20
N VAL G 155 20.15 13.36 22.40
CA VAL G 155 19.42 12.91 23.56
C VAL G 155 18.41 13.95 24.03
N TYR G 156 18.59 15.21 23.63
CA TYR G 156 17.60 16.24 23.94
C TYR G 156 16.46 16.26 22.94
N ILE G 157 16.75 15.94 21.67
CA ILE G 157 15.70 15.95 20.66
C ILE G 157 14.87 14.67 20.72
N SER G 158 15.45 13.57 21.19
CA SER G 158 14.72 12.31 21.25
C SER G 158 13.84 12.24 22.50
N ALA G 159 14.37 12.69 23.64
CA ALA G 159 13.56 12.70 24.86
C ALA G 159 12.42 13.69 24.76
N ASN G 160 12.65 14.83 24.12
CA ASN G 160 11.63 15.86 24.00
C ASN G 160 10.43 15.42 23.16
N ALA G 161 10.56 14.33 22.41
CA ALA G 161 9.47 13.86 21.57
C ALA G 161 8.97 12.50 22.04
N ASN G 172 0.28 22.64 18.39
CA ASN G 172 1.42 21.89 18.89
C ASN G 172 2.63 22.04 17.98
N SER G 173 3.35 23.15 18.12
CA SER G 173 4.52 23.45 17.31
C SER G 173 5.68 23.83 18.21
N TYR G 174 6.89 23.76 17.65
CA TYR G 174 8.10 24.09 18.39
C TYR G 174 9.10 24.73 17.43
N SER G 175 10.01 25.51 18.00
CA SER G 175 11.07 26.14 17.21
C SER G 175 12.25 26.42 18.14
N TYR G 176 13.35 25.71 17.93
CA TYR G 176 14.50 25.81 18.81
C TYR G 176 14.96 27.27 18.93
N GLY G 177 15.57 27.60 20.07
CA GLY G 177 15.94 28.95 20.38
C GLY G 177 17.45 29.17 20.34
N TRP G 178 17.83 30.45 20.43
CA TRP G 178 19.23 30.83 20.33
C TRP G 178 20.12 30.02 21.27
N SER G 179 19.59 29.60 22.43
CA SER G 179 20.38 28.79 23.34
C SER G 179 20.74 27.44 22.72
N PHE G 180 19.76 26.81 22.05
CA PHE G 180 20.04 25.54 21.39
C PHE G 180 21.05 25.71 20.26
N TYR G 181 21.05 26.86 19.59
CA TYR G 181 21.99 27.10 18.51
C TYR G 181 23.39 27.42 19.01
N PHE G 182 23.51 27.96 20.23
CA PHE G 182 24.85 28.13 20.81
C PHE G 182 25.49 26.78 21.11
N GLY G 183 24.69 25.76 21.42
CA GLY G 183 25.22 24.42 21.59
C GLY G 183 25.72 23.88 20.27
N ALA G 184 24.83 23.82 19.27
CA ALA G 184 25.22 23.37 17.94
C ALA G 184 26.43 24.15 17.44
N LEU G 185 26.42 25.47 17.59
CA LEU G 185 27.55 26.28 17.14
C LEU G 185 28.80 25.97 17.92
N SER G 186 28.67 25.69 19.22
CA SER G 186 29.83 25.32 20.02
C SER G 186 30.50 24.07 19.46
N PHE G 187 29.71 23.06 19.10
CA PHE G 187 30.26 21.85 18.50
C PHE G 187 31.17 22.19 17.32
N ILE G 188 30.67 23.01 16.39
CA ILE G 188 31.48 23.37 15.23
C ILE G 188 32.74 24.10 15.66
N ILE G 189 32.61 25.07 16.55
CA ILE G 189 33.76 25.83 17.01
C ILE G 189 34.72 24.97 17.80
N ALA G 190 34.27 23.82 18.30
CA ALA G 190 35.12 22.91 19.04
C ALA G 190 35.76 21.85 18.16
N GLU G 191 35.11 21.48 17.06
CA GLU G 191 35.73 20.58 16.09
C GLU G 191 36.81 21.29 15.28
N MET G 192 36.60 22.56 14.97
CA MET G 192 37.62 23.32 14.25
C MET G 192 38.86 23.53 15.11
N VAL G 193 38.66 23.88 16.38
CA VAL G 193 39.79 23.95 17.30
C VAL G 193 40.47 22.60 17.41
N GLY G 194 39.69 21.52 17.38
CA GLY G 194 40.28 20.19 17.48
C GLY G 194 41.24 19.88 16.36
N VAL G 195 40.81 20.11 15.11
CA VAL G 195 41.70 19.89 13.98
C VAL G 195 42.90 20.82 14.05
N LEU G 196 42.68 22.07 14.46
CA LEU G 196 43.78 23.03 14.56
C LEU G 196 44.83 22.55 15.56
N ALA G 197 44.39 22.04 16.71
CA ALA G 197 45.33 21.52 17.70
C ALA G 197 46.12 20.34 17.15
N VAL G 198 45.45 19.46 16.39
CA VAL G 198 46.13 18.28 15.87
C VAL G 198 47.19 18.69 14.85
N HIS G 199 46.92 19.73 14.07
CA HIS G 199 47.94 20.24 13.16
C HIS G 199 49.15 20.75 13.92
N MET G 200 48.92 21.44 15.04
CA MET G 200 50.04 21.92 15.86
C MET G 200 50.92 20.76 16.31
N PHE G 201 50.29 19.68 16.79
CA PHE G 201 51.05 18.49 17.18
C PHE G 201 51.83 17.93 16.00
N ILE G 202 51.12 17.61 14.91
CA ILE G 202 51.79 17.15 13.69
C ILE G 202 52.94 18.08 13.33
N ASP G 203 52.66 19.38 13.26
CA ASP G 203 53.67 20.33 12.80
C ASP G 203 54.90 20.32 13.70
N ARG G 204 54.68 20.27 15.02
CA ARG G 204 55.80 20.27 15.95
C ARG G 204 56.70 19.06 15.72
N HIS G 205 56.10 17.86 15.63
CA HIS G 205 56.88 16.66 15.41
C HIS G 205 57.59 16.70 14.07
N LYS G 206 57.03 17.40 13.07
CA LYS G 206 57.70 17.55 11.80
C LYS G 206 58.99 18.34 11.95
N GLN G 207 58.97 19.39 12.77
CA GLN G 207 60.18 20.17 13.00
C GLN G 207 61.26 19.35 13.70
N LEU G 208 60.86 18.43 14.58
CA LEU G 208 61.83 17.55 15.23
C LEU G 208 62.51 16.65 14.22
N ARG G 209 61.75 16.11 13.28
CA ARG G 209 62.35 15.27 12.23
C ARG G 209 63.42 16.02 11.46
N ALA G 210 63.16 17.29 11.14
CA ALA G 210 64.15 18.08 10.42
C ALA G 210 65.43 18.23 11.23
N THR G 211 65.30 18.55 12.51
CA THR G 211 66.49 18.72 13.36
C THR G 211 67.27 17.42 13.46
N ALA G 212 66.61 16.27 13.32
CA ALA G 212 67.30 14.98 13.34
C ALA G 212 68.01 14.72 12.02
N GLY H 7 41.93 31.80 -38.34
CA GLY H 7 41.91 30.41 -37.94
C GLY H 7 40.55 29.75 -38.10
N VAL H 8 40.54 28.46 -38.45
CA VAL H 8 39.28 27.74 -38.58
C VAL H 8 38.55 27.68 -37.24
N GLN H 9 39.31 27.49 -36.15
CA GLN H 9 38.69 27.44 -34.83
C GLN H 9 38.02 28.76 -34.48
N MET H 10 38.67 29.88 -34.83
CA MET H 10 38.06 31.17 -34.57
C MET H 10 36.74 31.33 -35.31
N LEU H 11 36.67 30.85 -36.55
CA LEU H 11 35.45 30.99 -37.33
C LEU H 11 34.30 30.23 -36.69
N LEU H 12 34.56 29.02 -36.20
CA LEU H 12 33.52 28.25 -35.52
C LEU H 12 32.93 29.02 -34.35
N THR H 13 33.80 29.52 -33.46
CA THR H 13 33.32 30.29 -32.31
C THR H 13 32.44 31.45 -32.76
N ILE H 14 32.89 32.21 -33.75
CA ILE H 14 32.14 33.38 -34.20
C ILE H 14 30.77 32.96 -34.72
N VAL H 15 30.75 31.99 -35.63
CA VAL H 15 29.48 31.50 -36.17
C VAL H 15 28.60 30.95 -35.06
N GLY H 16 29.20 30.19 -34.14
CA GLY H 16 28.42 29.61 -33.06
C GLY H 16 27.88 30.66 -32.11
N ALA H 17 28.68 31.68 -31.81
CA ALA H 17 28.21 32.78 -30.96
C ALA H 17 27.00 33.45 -31.56
N PHE H 18 27.09 33.84 -32.84
CA PHE H 18 25.96 34.51 -33.49
C PHE H 18 24.72 33.63 -33.47
N ALA H 19 24.88 32.35 -33.81
CA ALA H 19 23.74 31.43 -33.81
C ALA H 19 23.04 31.41 -32.45
N ALA H 20 23.82 31.20 -31.38
CA ALA H 20 23.24 31.19 -30.04
C ALA H 20 22.46 32.47 -29.76
N PHE H 21 23.11 33.62 -29.96
CA PHE H 21 22.46 34.90 -29.71
C PHE H 21 21.16 35.01 -30.51
N SER H 22 21.21 34.73 -31.81
CA SER H 22 20.02 34.81 -32.65
C SER H 22 18.88 33.97 -32.07
N LEU H 23 19.15 32.67 -31.86
CA LEU H 23 18.10 31.78 -31.39
C LEU H 23 17.46 32.28 -30.10
N MET H 24 18.29 32.63 -29.12
CA MET H 24 17.77 33.04 -27.82
C MET H 24 16.91 34.28 -27.93
N THR H 25 17.36 35.28 -28.70
CA THR H 25 16.59 36.50 -28.84
C THR H 25 15.28 36.25 -29.58
N ILE H 26 15.31 35.42 -30.63
CA ILE H 26 14.09 35.07 -31.35
C ILE H 26 13.08 34.40 -30.41
N ALA H 27 13.57 33.64 -29.44
CA ALA H 27 12.66 32.98 -28.50
C ALA H 27 11.98 33.99 -27.58
N VAL H 28 12.78 34.76 -26.84
CA VAL H 28 12.23 35.72 -25.90
C VAL H 28 11.21 36.64 -26.57
N GLY H 29 11.42 36.95 -27.85
CA GLY H 29 10.55 37.88 -28.54
C GLY H 29 9.33 37.24 -29.18
N THR H 30 9.43 35.95 -29.53
CA THR H 30 8.31 35.27 -30.14
C THR H 30 7.35 34.75 -29.08
N ASP H 31 6.18 34.29 -29.54
CA ASP H 31 5.07 33.87 -28.69
C ASP H 31 4.63 32.47 -29.06
N TYR H 32 5.58 31.54 -29.12
CA TYR H 32 5.30 30.14 -29.42
C TYR H 32 6.03 29.21 -28.46
N TRP H 33 5.95 29.53 -27.16
CA TRP H 33 6.63 28.73 -26.15
C TRP H 33 5.78 27.57 -25.65
N LEU H 34 4.46 27.79 -25.49
CA LEU H 34 3.59 26.80 -24.87
C LEU H 34 2.25 26.82 -25.59
N TYR H 35 1.95 25.78 -26.36
CA TYR H 35 0.65 25.64 -27.00
C TYR H 35 -0.36 25.12 -25.97
N SER H 36 -1.28 25.98 -25.56
CA SER H 36 -2.28 25.62 -24.56
C SER H 36 -3.69 25.84 -25.10
N ARG H 37 -4.69 25.86 -24.21
CA ARG H 37 -6.09 26.04 -24.61
C ARG H 37 -6.76 26.89 -23.53
N GLY H 38 -6.74 28.22 -23.74
CA GLY H 38 -7.33 29.14 -22.80
C GLY H 38 -7.80 30.39 -23.51
N VAL H 39 -8.45 31.27 -22.75
CA VAL H 39 -8.99 32.49 -23.32
C VAL H 39 -7.84 33.43 -23.73
N CYS H 40 -8.13 34.30 -24.69
CA CYS H 40 -7.17 35.31 -25.13
C CYS H 40 -7.65 36.74 -24.96
N LYS H 41 -8.95 36.98 -24.82
CA LYS H 41 -9.47 38.32 -24.57
C LYS H 41 -10.00 38.40 -23.14
N THR H 42 -9.80 39.55 -22.51
CA THR H 42 -10.25 39.76 -21.14
C THR H 42 -11.37 40.81 -21.09
N LYS H 53 -19.88 31.67 -21.25
CA LYS H 53 -19.40 31.04 -22.49
C LYS H 53 -17.90 31.25 -22.66
N ASN H 54 -17.12 30.55 -21.85
CA ASN H 54 -15.67 30.71 -21.90
C ASN H 54 -15.14 30.41 -23.29
N GLU H 55 -14.32 31.33 -23.82
CA GLU H 55 -13.72 31.17 -25.14
C GLU H 55 -12.33 30.54 -25.02
N GLU H 56 -12.30 29.37 -24.37
CA GLU H 56 -11.05 28.64 -24.16
C GLU H 56 -10.67 27.89 -25.44
N VAL H 57 -10.22 28.65 -26.42
CA VAL H 57 -9.78 28.09 -27.69
C VAL H 57 -8.27 27.86 -27.64
N MET H 58 -7.78 27.03 -28.55
CA MET H 58 -6.34 26.81 -28.65
C MET H 58 -5.61 28.13 -28.69
N THR H 59 -4.48 28.19 -27.99
CA THR H 59 -3.62 29.37 -27.98
C THR H 59 -2.17 28.95 -28.02
N HIS H 60 -1.30 29.90 -28.38
CA HIS H 60 0.14 29.70 -28.42
C HIS H 60 0.78 30.76 -27.53
N SER H 61 0.84 30.47 -26.24
CA SER H 61 1.38 31.41 -25.27
C SER H 61 2.89 31.58 -25.47
N GLY H 62 3.46 32.53 -24.72
CA GLY H 62 4.87 32.81 -24.77
C GLY H 62 5.41 33.30 -23.45
N LEU H 63 6.20 34.38 -23.48
CA LEU H 63 6.78 34.97 -22.28
C LEU H 63 6.08 36.25 -21.87
N TRP H 64 5.83 37.15 -22.82
CA TRP H 64 5.19 38.42 -22.55
C TRP H 64 3.74 38.48 -23.04
N ARG H 65 3.31 37.53 -23.84
CA ARG H 65 1.98 37.58 -24.45
C ARG H 65 1.46 36.17 -24.66
N THR H 66 0.13 36.05 -24.67
CA THR H 66 -0.56 34.80 -24.97
C THR H 66 -1.65 35.10 -25.99
N CYS H 67 -1.46 34.63 -27.22
CA CYS H 67 -2.34 34.96 -28.34
C CYS H 67 -2.98 33.66 -28.82
N CYS H 68 -4.29 33.53 -28.63
CA CYS H 68 -5.00 32.35 -29.11
C CYS H 68 -4.75 32.16 -30.60
N LEU H 69 -4.69 30.88 -31.00
CA LEU H 69 -4.34 30.55 -32.38
C LEU H 69 -5.59 30.23 -33.21
N GLU H 70 -6.16 29.05 -32.99
CA GLU H 70 -7.38 28.63 -33.69
C GLU H 70 -8.59 29.09 -32.88
N GLY H 71 -9.04 30.32 -33.16
CA GLY H 71 -10.17 30.88 -32.46
C GLY H 71 -10.87 31.92 -33.29
N ASN H 72 -12.03 32.36 -32.81
CA ASN H 72 -12.76 33.42 -33.48
C ASN H 72 -11.88 34.66 -33.67
N PHE H 73 -11.09 34.99 -32.65
CA PHE H 73 -10.17 36.12 -32.70
C PHE H 73 -8.75 35.62 -33.01
N LYS H 74 -8.60 35.04 -34.20
CA LYS H 74 -7.33 34.46 -34.62
C LYS H 74 -6.33 35.59 -34.89
N GLY H 75 -5.71 36.05 -33.80
CA GLY H 75 -4.74 37.11 -33.87
C GLY H 75 -4.83 38.08 -32.71
N LEU H 76 -5.88 37.96 -31.90
CA LEU H 76 -6.02 38.78 -30.70
C LEU H 76 -5.01 38.31 -29.66
N CYS H 77 -3.97 39.13 -29.42
CA CYS H 77 -2.89 38.78 -28.51
C CYS H 77 -2.97 39.69 -27.29
N LYS H 78 -3.25 39.09 -26.13
CA LYS H 78 -3.45 39.81 -24.88
C LYS H 78 -2.20 39.71 -24.02
N GLN H 79 -1.65 40.86 -23.63
CA GLN H 79 -0.52 40.90 -22.72
C GLN H 79 -0.74 39.98 -21.54
N ILE H 80 0.06 38.92 -21.44
CA ILE H 80 -0.01 37.96 -20.33
C ILE H 80 -0.19 38.69 -19.02
N ASP H 81 -1.02 38.16 -18.14
CA ASP H 81 -1.34 38.77 -16.85
C ASP H 81 -0.74 37.91 -15.74
N HIS H 82 0.28 38.44 -15.07
CA HIS H 82 0.89 37.76 -13.94
C HIS H 82 0.24 38.23 -12.65
N PHE H 83 0.77 37.77 -11.51
CA PHE H 83 0.27 38.14 -10.19
C PHE H 83 -1.26 38.11 -10.15
N PRO H 84 -1.89 36.94 -10.32
CA PRO H 84 -3.34 36.81 -10.34
C PRO H 84 -3.94 36.66 -8.94
N THR H 93 6.06 35.43 1.00
CA THR H 93 7.11 36.20 0.33
C THR H 93 7.91 35.31 -0.62
N ALA H 94 8.04 34.03 -0.27
CA ALA H 94 8.76 33.11 -1.14
C ALA H 94 8.03 32.92 -2.47
N GLU H 95 6.70 32.81 -2.42
CA GLU H 95 5.92 32.72 -3.66
C GLU H 95 5.98 34.04 -4.42
N TYR H 96 6.00 35.17 -3.71
CA TYR H 96 6.11 36.46 -4.37
C TYR H 96 7.41 36.55 -5.18
N PHE H 97 8.51 36.06 -4.63
CA PHE H 97 9.79 36.14 -5.33
C PHE H 97 9.73 35.40 -6.66
N LEU H 98 9.15 34.20 -6.67
CA LEU H 98 9.09 33.42 -7.90
C LEU H 98 8.21 34.09 -8.94
N ARG H 99 7.08 34.67 -8.51
CA ARG H 99 6.21 35.39 -9.45
C ARG H 99 6.97 36.50 -10.16
N ALA H 100 7.71 37.32 -9.40
CA ALA H 100 8.45 38.41 -10.01
C ALA H 100 9.53 37.90 -10.95
N VAL H 101 10.23 36.82 -10.56
CA VAL H 101 11.30 36.30 -11.38
C VAL H 101 10.76 35.80 -12.72
N ARG H 102 9.62 35.11 -12.67
CA ARG H 102 9.02 34.57 -13.92
C ARG H 102 8.43 35.72 -14.76
N ALA H 103 7.82 36.72 -14.09
CA ALA H 103 7.15 37.78 -14.83
C ALA H 103 8.15 38.63 -15.60
N SER H 104 9.25 39.02 -14.94
CA SER H 104 10.24 39.88 -15.58
C SER H 104 11.15 39.15 -16.54
N SER H 105 11.06 37.82 -16.62
CA SER H 105 11.95 37.02 -17.44
C SER H 105 13.39 37.47 -17.29
N ILE H 106 13.78 37.84 -16.07
CA ILE H 106 15.14 38.31 -15.82
C ILE H 106 16.17 37.33 -16.37
N PHE H 107 15.94 36.02 -16.16
CA PHE H 107 16.92 35.04 -16.59
C PHE H 107 16.96 34.91 -18.10
N PRO H 108 15.85 34.59 -18.79
CA PRO H 108 15.89 34.59 -20.27
C PRO H 108 16.52 35.83 -20.86
N ILE H 109 16.12 37.01 -20.38
CA ILE H 109 16.71 38.25 -20.86
C ILE H 109 18.19 38.31 -20.51
N LEU H 110 18.54 37.90 -19.29
CA LEU H 110 19.94 37.93 -18.86
C LEU H 110 20.81 37.06 -19.75
N SER H 111 20.29 35.90 -20.17
CA SER H 111 21.06 35.02 -21.05
C SER H 111 21.40 35.73 -22.36
N VAL H 112 20.42 36.39 -22.97
CA VAL H 112 20.67 37.16 -24.19
C VAL H 112 21.79 38.15 -23.95
N ILE H 113 21.72 38.90 -22.84
CA ILE H 113 22.71 39.92 -22.55
C ILE H 113 24.09 39.29 -22.41
N LEU H 114 24.18 38.18 -21.67
CA LEU H 114 25.46 37.52 -21.47
C LEU H 114 25.98 36.94 -22.78
N LEU H 115 25.09 36.39 -23.61
CA LEU H 115 25.51 35.89 -24.92
C LEU H 115 26.01 37.03 -25.80
N PHE H 116 25.36 38.19 -25.73
CA PHE H 116 25.82 39.33 -26.50
C PHE H 116 27.24 39.73 -26.08
N MET H 117 27.47 39.86 -24.78
CA MET H 117 28.80 40.24 -24.30
C MET H 117 29.83 39.20 -24.70
N GLY H 118 29.44 37.91 -24.75
CA GLY H 118 30.36 36.90 -25.25
C GLY H 118 30.81 37.17 -26.67
N GLY H 119 29.88 37.62 -27.52
CA GLY H 119 30.25 37.97 -28.89
C GLY H 119 31.18 39.16 -28.93
N LEU H 120 30.95 40.16 -28.08
CA LEU H 120 31.86 41.30 -28.01
C LEU H 120 33.26 40.86 -27.63
N CYS H 121 33.38 39.91 -26.70
CA CYS H 121 34.69 39.41 -26.31
C CYS H 121 35.36 38.68 -27.46
N ILE H 122 34.60 37.89 -28.21
CA ILE H 122 35.15 37.24 -29.40
C ILE H 122 35.66 38.27 -30.38
N ALA H 123 34.90 39.36 -30.58
CA ALA H 123 35.27 40.42 -31.49
C ALA H 123 36.22 41.44 -30.87
N ALA H 124 36.91 41.04 -29.80
CA ALA H 124 37.92 41.87 -29.17
C ALA H 124 39.28 41.21 -29.07
N SER H 125 39.35 39.89 -29.18
CA SER H 125 40.63 39.17 -29.24
C SER H 125 41.22 39.14 -30.65
N GLU H 126 40.57 39.76 -31.62
CA GLU H 126 41.12 39.90 -32.96
C GLU H 126 41.81 41.23 -33.17
N PHE H 127 41.79 42.11 -32.16
CA PHE H 127 42.49 43.39 -32.22
C PHE H 127 43.52 43.50 -31.11
N TYR H 128 43.13 43.32 -29.85
CA TYR H 128 44.06 43.28 -28.72
C TYR H 128 44.44 41.82 -28.45
N LYS H 129 45.22 41.27 -29.38
CA LYS H 129 45.56 39.86 -29.37
C LYS H 129 46.79 39.55 -28.53
N THR H 130 47.19 40.46 -27.65
CA THR H 130 48.27 40.21 -26.71
C THR H 130 47.78 39.88 -25.31
N ARG H 131 46.55 40.30 -24.97
CA ARG H 131 46.02 40.05 -23.63
C ARG H 131 45.77 38.56 -23.41
N HIS H 132 44.86 37.99 -24.18
CA HIS H 132 44.43 36.59 -24.16
C HIS H 132 43.50 36.30 -22.99
N ASN H 133 43.34 37.21 -22.04
CA ASN H 133 42.30 37.06 -21.02
C ASN H 133 40.92 37.40 -21.56
N ILE H 134 40.85 38.12 -22.68
CA ILE H 134 39.56 38.41 -23.30
C ILE H 134 38.88 37.12 -23.73
N ILE H 135 39.64 36.18 -24.31
CA ILE H 135 39.05 34.94 -24.77
C ILE H 135 38.52 34.14 -23.59
N LEU H 136 39.23 34.15 -22.46
CA LEU H 136 38.73 33.47 -21.27
C LEU H 136 37.43 34.11 -20.78
N SER H 137 37.34 35.43 -20.84
CA SER H 137 36.09 36.11 -20.52
C SER H 137 34.96 35.63 -21.43
N ALA H 138 35.21 35.60 -22.74
CA ALA H 138 34.24 35.06 -23.68
C ALA H 138 33.75 33.69 -23.23
N GLY H 139 34.68 32.79 -22.93
CA GLY H 139 34.29 31.46 -22.49
C GLY H 139 33.38 31.49 -21.28
N ILE H 140 33.79 32.21 -20.24
CA ILE H 140 32.98 32.28 -19.02
C ILE H 140 31.61 32.90 -19.33
N PHE H 141 31.59 33.95 -20.16
CA PHE H 141 30.32 34.56 -20.53
C PHE H 141 29.41 33.54 -21.20
N PHE H 142 29.91 32.85 -22.22
CA PHE H 142 29.10 31.85 -22.90
C PHE H 142 28.72 30.72 -21.95
N VAL H 143 29.66 30.26 -21.14
CA VAL H 143 29.37 29.19 -20.19
C VAL H 143 28.39 29.68 -19.12
N SER H 144 28.54 30.93 -18.68
CA SER H 144 27.62 31.48 -17.69
C SER H 144 26.28 31.85 -18.30
N ALA H 145 26.24 32.20 -19.59
CA ALA H 145 24.97 32.42 -20.27
C ALA H 145 24.20 31.12 -20.43
N GLY H 146 24.90 29.99 -20.54
CA GLY H 146 24.21 28.71 -20.58
C GLY H 146 23.53 28.37 -19.28
N LEU H 147 24.19 28.65 -18.15
CA LEU H 147 23.60 28.32 -16.86
C LEU H 147 22.39 29.19 -16.57
N SER H 148 22.45 30.46 -16.97
CA SER H 148 21.27 31.32 -16.84
C SER H 148 20.10 30.77 -17.65
N ASN H 149 20.38 30.22 -18.83
CA ASN H 149 19.31 29.69 -19.66
C ASN H 149 18.61 28.52 -18.98
N ILE H 150 19.37 27.65 -18.32
CA ILE H 150 18.78 26.53 -17.60
C ILE H 150 17.76 27.04 -16.57
N ILE H 151 18.17 28.01 -15.76
CA ILE H 151 17.29 28.52 -14.72
C ILE H 151 16.06 29.16 -15.34
N GLY H 152 16.22 29.84 -16.48
CA GLY H 152 15.08 30.42 -17.16
C GLY H 152 14.08 29.37 -17.59
N ILE H 153 14.57 28.27 -18.17
CA ILE H 153 13.69 27.17 -18.54
C ILE H 153 12.99 26.60 -17.31
N ILE H 154 13.74 26.41 -16.22
CA ILE H 154 13.17 25.82 -15.02
C ILE H 154 12.10 26.73 -14.43
N VAL H 155 12.38 28.04 -14.38
CA VAL H 155 11.40 28.99 -13.87
C VAL H 155 10.15 28.98 -14.74
N TYR H 156 10.33 28.93 -16.06
CA TYR H 156 9.18 28.91 -16.97
C TYR H 156 8.34 27.66 -16.77
N ILE H 157 8.99 26.50 -16.64
CA ILE H 157 8.26 25.25 -16.50
C ILE H 157 7.60 25.15 -15.13
N SER H 158 8.10 25.86 -14.14
CA SER H 158 7.56 25.78 -12.78
C SER H 158 6.41 26.73 -12.55
N ALA H 159 6.45 27.91 -13.17
CA ALA H 159 5.32 28.84 -13.07
C ALA H 159 4.10 28.36 -13.82
N ASN H 160 4.27 27.47 -14.81
CA ASN H 160 3.15 26.88 -15.52
C ASN H 160 2.58 25.70 -14.75
N ALA H 161 2.30 25.89 -13.45
CA ALA H 161 1.76 24.85 -12.60
C ALA H 161 0.31 25.11 -12.21
N GLY H 162 -0.01 26.33 -11.78
CA GLY H 162 -1.36 26.67 -11.39
C GLY H 162 -2.17 27.29 -12.51
N ASN H 172 -2.68 18.90 -19.28
CA ASN H 172 -3.83 18.38 -20.01
C ASN H 172 -3.61 18.50 -21.52
N SER H 173 -3.27 19.71 -21.97
CA SER H 173 -2.97 19.94 -23.38
C SER H 173 -1.81 20.93 -23.54
N TYR H 174 -0.93 21.00 -22.54
CA TYR H 174 0.19 21.95 -22.55
C TYR H 174 1.34 21.32 -23.33
N SER H 175 1.52 21.76 -24.57
CA SER H 175 2.62 21.33 -25.41
C SER H 175 3.53 22.51 -25.72
N TYR H 176 4.79 22.23 -25.98
CA TYR H 176 5.80 23.25 -26.21
C TYR H 176 6.02 23.46 -27.70
N GLY H 177 6.31 24.70 -28.08
CA GLY H 177 6.45 25.09 -29.46
C GLY H 177 7.88 25.24 -29.88
N TRP H 178 8.08 25.99 -30.97
CA TRP H 178 9.43 26.15 -31.52
C TRP H 178 10.23 27.22 -30.79
N SER H 179 9.55 28.24 -30.26
CA SER H 179 10.26 29.27 -29.52
C SER H 179 10.89 28.70 -28.25
N PHE H 180 10.20 27.76 -27.60
CA PHE H 180 10.77 27.14 -26.40
C PHE H 180 11.97 26.29 -26.75
N TYR H 181 11.92 25.57 -27.88
CA TYR H 181 13.04 24.73 -28.30
C TYR H 181 14.17 25.55 -28.89
N PHE H 182 13.90 26.76 -29.37
CA PHE H 182 14.99 27.65 -29.78
C PHE H 182 15.80 28.10 -28.56
N GLY H 183 15.13 28.45 -27.47
CA GLY H 183 15.85 28.72 -26.24
C GLY H 183 16.67 27.53 -25.79
N ALA H 184 16.07 26.34 -25.81
CA ALA H 184 16.79 25.14 -25.41
C ALA H 184 17.93 24.84 -26.36
N LEU H 185 17.71 25.04 -27.67
CA LEU H 185 18.76 24.80 -28.65
C LEU H 185 19.89 25.81 -28.48
N SER H 186 19.57 27.06 -28.15
CA SER H 186 20.60 28.05 -27.89
C SER H 186 21.52 27.60 -26.77
N PHE H 187 20.97 27.03 -25.70
CA PHE H 187 21.78 26.58 -24.58
C PHE H 187 22.88 25.64 -25.04
N ILE H 188 22.52 24.62 -25.82
CA ILE H 188 23.52 23.68 -26.32
C ILE H 188 24.56 24.41 -27.17
N ILE H 189 24.09 25.26 -28.08
CA ILE H 189 25.01 26.00 -28.94
C ILE H 189 25.91 26.89 -28.09
N ALA H 190 25.34 27.55 -27.08
CA ALA H 190 26.14 28.40 -26.20
C ALA H 190 27.21 27.58 -25.48
N GLU H 191 26.80 26.46 -24.86
CA GLU H 191 27.75 25.64 -24.11
C GLU H 191 28.86 25.13 -25.02
N MET H 192 28.53 24.78 -26.28
CA MET H 192 29.55 24.31 -27.21
C MET H 192 30.55 25.42 -27.52
N VAL H 193 30.07 26.65 -27.72
CA VAL H 193 30.98 27.78 -27.90
C VAL H 193 31.85 27.95 -26.66
N GLY H 194 31.28 27.69 -25.48
CA GLY H 194 32.04 27.87 -24.25
C GLY H 194 33.25 26.94 -24.18
N VAL H 195 33.04 25.65 -24.46
CA VAL H 195 34.16 24.72 -24.49
C VAL H 195 35.13 25.09 -25.59
N LEU H 196 34.60 25.45 -26.77
CA LEU H 196 35.47 25.86 -27.86
C LEU H 196 36.33 27.05 -27.47
N ALA H 197 35.74 28.01 -26.75
CA ALA H 197 36.48 29.20 -26.35
C ALA H 197 37.55 28.85 -25.32
N VAL H 198 37.22 27.99 -24.36
CA VAL H 198 38.21 27.55 -23.38
C VAL H 198 39.39 26.89 -24.06
N HIS H 199 39.13 26.07 -25.08
CA HIS H 199 40.23 25.47 -25.84
C HIS H 199 41.03 26.53 -26.57
N MET H 200 40.36 27.49 -27.18
CA MET H 200 41.04 28.59 -27.85
C MET H 200 41.95 29.34 -26.87
N PHE H 201 41.44 29.63 -25.68
CA PHE H 201 42.26 30.26 -24.65
C PHE H 201 43.43 29.36 -24.26
N ILE H 202 43.16 28.07 -24.05
CA ILE H 202 44.21 27.15 -23.64
C ILE H 202 45.29 27.07 -24.71
N ASP H 203 44.89 27.04 -25.99
CA ASP H 203 45.87 26.95 -27.07
C ASP H 203 46.79 28.15 -27.07
N ARG H 204 46.24 29.36 -26.86
CA ARG H 204 47.07 30.55 -26.79
C ARG H 204 48.17 30.40 -25.74
N HIS H 205 47.80 29.95 -24.54
CA HIS H 205 48.79 29.82 -23.47
C HIS H 205 49.78 28.69 -23.76
N LYS H 206 49.34 27.61 -24.41
CA LYS H 206 50.26 26.54 -24.76
C LYS H 206 51.31 27.03 -25.75
N GLN H 207 50.91 27.89 -26.69
CA GLN H 207 51.89 28.46 -27.63
C GLN H 207 52.86 29.37 -26.89
N LEU H 208 52.37 30.16 -25.93
CA LEU H 208 53.25 31.03 -25.16
C LEU H 208 54.23 30.23 -24.31
N ARG H 209 53.81 29.04 -23.86
CA ARG H 209 54.69 28.21 -23.05
C ARG H 209 55.84 27.64 -23.88
N ALA H 210 55.57 27.31 -25.16
CA ALA H 210 56.61 26.73 -26.00
C ALA H 210 57.66 27.77 -26.36
N THR H 211 57.24 29.02 -26.59
CA THR H 211 58.20 30.08 -26.90
C THR H 211 59.11 30.40 -25.73
N ALA H 212 58.68 30.14 -24.51
CA ALA H 212 59.51 30.39 -23.34
C ALA H 212 60.44 29.22 -23.06
#